data_1RMV
# 
_entry.id   1RMV 
# 
_audit_conform.dict_name       mmcif_pdbx.dic 
_audit_conform.dict_version    5.397 
_audit_conform.dict_location   http://mmcif.pdb.org/dictionaries/ascii/mmcif_pdbx.dic 
# 
loop_
_database_2.database_id 
_database_2.database_code 
_database_2.pdbx_database_accession 
_database_2.pdbx_DOI 
PDB   1RMV         pdb_00001rmv 10.2210/pdb1rmv/pdb 
WWPDB D_1000176127 ?            ?                   
# 
loop_
_pdbx_audit_revision_history.ordinal 
_pdbx_audit_revision_history.data_content_type 
_pdbx_audit_revision_history.major_revision 
_pdbx_audit_revision_history.minor_revision 
_pdbx_audit_revision_history.revision_date 
1 'Structure model' 1 0 1997-05-15 
2 'Structure model' 1 1 2008-03-24 
3 'Structure model' 1 2 2011-07-13 
4 'Structure model' 1 3 2017-11-29 
5 'Structure model' 1 4 2023-08-09 
6 'Structure model' 1 5 2024-10-16 
# 
_pdbx_audit_revision_details.ordinal             1 
_pdbx_audit_revision_details.revision_ordinal    1 
_pdbx_audit_revision_details.data_content_type   'Structure model' 
_pdbx_audit_revision_details.provider            repository 
_pdbx_audit_revision_details.type                'Initial release' 
_pdbx_audit_revision_details.description         ? 
_pdbx_audit_revision_details.details             ? 
# 
loop_
_pdbx_audit_revision_group.ordinal 
_pdbx_audit_revision_group.revision_ordinal 
_pdbx_audit_revision_group.data_content_type 
_pdbx_audit_revision_group.group 
1 2 'Structure model' 'Version format compliance' 
2 3 'Structure model' 'Version format compliance' 
3 4 'Structure model' 'Derived calculations'      
4 4 'Structure model' Other                       
5 5 'Structure model' 'Database references'       
6 5 'Structure model' 'Derived calculations'      
7 5 'Structure model' 'Refinement description'    
8 6 'Structure model' 'Data collection'           
9 6 'Structure model' 'Structure summary'         
# 
loop_
_pdbx_audit_revision_category.ordinal 
_pdbx_audit_revision_category.revision_ordinal 
_pdbx_audit_revision_category.data_content_type 
_pdbx_audit_revision_category.category 
1  4 'Structure model' pdbx_database_status          
2  4 'Structure model' struct_conf                   
3  4 'Structure model' struct_conf_type              
4  5 'Structure model' database_2                    
5  5 'Structure model' pdbx_initial_refinement_model 
6  5 'Structure model' pdbx_struct_oper_list         
7  5 'Structure model' struct_conn                   
8  6 'Structure model' chem_comp_atom                
9  6 'Structure model' chem_comp_bond                
10 6 'Structure model' pdbx_entry_details            
11 6 'Structure model' pdbx_modification_feature     
# 
loop_
_pdbx_audit_revision_item.ordinal 
_pdbx_audit_revision_item.revision_ordinal 
_pdbx_audit_revision_item.data_content_type 
_pdbx_audit_revision_item.item 
1 4 'Structure model' '_pdbx_database_status.process_site'        
2 5 'Structure model' '_database_2.pdbx_DOI'                      
3 5 'Structure model' '_database_2.pdbx_database_accession'       
4 5 'Structure model' '_pdbx_struct_oper_list.name'               
5 5 'Structure model' '_pdbx_struct_oper_list.symmetry_operation' 
6 5 'Structure model' '_pdbx_struct_oper_list.type'               
7 5 'Structure model' '_struct_conn.pdbx_leaving_atom_flag'       
# 
_pdbx_database_status.status_code                     REL 
_pdbx_database_status.entry_id                        1RMV 
_pdbx_database_status.recvd_initial_deposition_date   1997-02-11 
_pdbx_database_status.deposit_site                    ? 
_pdbx_database_status.process_site                    BNL 
_pdbx_database_status.SG_entry                        . 
_pdbx_database_status.pdb_format_compatible           Y 
_pdbx_database_status.status_code_mr                  ? 
_pdbx_database_status.status_code_sf                  ? 
_pdbx_database_status.status_code_cs                  ? 
_pdbx_database_status.methods_development_category    ? 
_pdbx_database_status.status_code_nmr_data            ? 
# 
loop_
_audit_author.name 
_audit_author.pdbx_ordinal 
'Wang, H.'   1 
'Stubbs, G.' 2 
# 
loop_
_citation.id 
_citation.title 
_citation.journal_abbrev 
_citation.journal_volume 
_citation.page_first 
_citation.page_last 
_citation.year 
_citation.journal_id_ASTM 
_citation.country 
_citation.journal_id_ISSN 
_citation.journal_id_CSD 
_citation.book_publisher 
_citation.pdbx_database_id_PubMed 
_citation.pdbx_database_id_DOI 
primary 'Molecular dynamics in refinement against fiber diffraction data.'                                                
'Acta Crystallogr.,Sect.A' 49  504 513 1993 ACACEQ DK 0108-7673 0621 ? 8129880 10.1107/S0108767392011255 
1       'Preliminary X-Ray Diffraction Studies of Ribgrass Mosaic Virus'                                                  
J.Mol.Biol.                234 902 ?   1993 JMOBAK UK 0022-2836 0070 ? ?       ?                         
2       'Solving the Phase Problem in Fiber Diffraction. Application to Tobacco Mosaic Virus at 3.6 Angstroms Resolution' 
'Acta Crystallogr.,Sect.A' 41  252 ?   1985 ACACEQ DK 0108-7673 0621 ? ?       ?                         
# 
loop_
_citation_author.citation_id 
_citation_author.name 
_citation_author.ordinal 
_citation_author.identifier_ORCID 
primary 'Wang, H.'       1 ? 
primary 'Stubbs, G.'     2 ? 
1       'Wang, H.'       3 ? 
1       'Planchart, A.'  4 ? 
1       'Allen, D.'      5 ? 
1       'Pattanayek, R.' 6 ? 
1       'Stubbs, G.'     7 ? 
2       'Namba, K.'      8 ? 
2       'Stubbs, G.'     9 ? 
# 
loop_
_entity.id 
_entity.type 
_entity.src_method 
_entity.pdbx_description 
_entity.formula_weight 
_entity.pdbx_number_of_molecules 
_entity.pdbx_ec 
_entity.pdbx_mutation 
_entity.pdbx_fragment 
_entity.details 
1 polymer nat 'RIBGRASS MOSAIC VIRUS RNA'          958.660   1 ? ? GAA ? 
2 polymer nat 'RIBGRASS MOSAIC VIRUS COAT PROTEIN' 17552.461 1 ? ? ?   ? 
# 
loop_
_entity_poly.entity_id 
_entity_poly.type 
_entity_poly.nstd_linkage 
_entity_poly.nstd_monomer 
_entity_poly.pdbx_seq_one_letter_code 
_entity_poly.pdbx_seq_one_letter_code_can 
_entity_poly.pdbx_strand_id 
_entity_poly.pdbx_target_identifier 
1 polyribonucleotide no no  GAA GAA B ? 
2 'polypeptide(L)'   no yes 
;(ACE)SYNITNSNQYQYFAAVWAEPTPMLNQCVSALSQSYQTQAGRDTVRQQFANLLSTIVAPNQRFPDTGFRVYVNSAV
IKPLYEALMKSFDTRNRIIETEEESRPSASEVANATQRVDDATVAIRSQIQLLLNELSNGHGYMNRAEFEAILPWTTAPA
T
;
;XSYNITNSNQYQYFAAVWAEPTPMLNQCVSALSQSYQTQAGRDTVRQQFANLLSTIVAPNQRFPDTGFRVYVNSAVIKPL
YEALMKSFDTRNRIIETEEESRPSASEVANATQRVDDATVAIRSQIQLLLNELSNGHGYMNRAEFEAILPWTTAPAT
;
A ? 
# 
loop_
_entity_poly_seq.entity_id 
_entity_poly_seq.num 
_entity_poly_seq.mon_id 
_entity_poly_seq.hetero 
1 1   G   n 
1 2   A   n 
1 3   A   n 
2 1   ACE n 
2 2   SER n 
2 3   TYR n 
2 4   ASN n 
2 5   ILE n 
2 6   THR n 
2 7   ASN n 
2 8   SER n 
2 9   ASN n 
2 10  GLN n 
2 11  TYR n 
2 12  GLN n 
2 13  TYR n 
2 14  PHE n 
2 15  ALA n 
2 16  ALA n 
2 17  VAL n 
2 18  TRP n 
2 19  ALA n 
2 20  GLU n 
2 21  PRO n 
2 22  THR n 
2 23  PRO n 
2 24  MET n 
2 25  LEU n 
2 26  ASN n 
2 27  GLN n 
2 28  CYS n 
2 29  VAL n 
2 30  SER n 
2 31  ALA n 
2 32  LEU n 
2 33  SER n 
2 34  GLN n 
2 35  SER n 
2 36  TYR n 
2 37  GLN n 
2 38  THR n 
2 39  GLN n 
2 40  ALA n 
2 41  GLY n 
2 42  ARG n 
2 43  ASP n 
2 44  THR n 
2 45  VAL n 
2 46  ARG n 
2 47  GLN n 
2 48  GLN n 
2 49  PHE n 
2 50  ALA n 
2 51  ASN n 
2 52  LEU n 
2 53  LEU n 
2 54  SER n 
2 55  THR n 
2 56  ILE n 
2 57  VAL n 
2 58  ALA n 
2 59  PRO n 
2 60  ASN n 
2 61  GLN n 
2 62  ARG n 
2 63  PHE n 
2 64  PRO n 
2 65  ASP n 
2 66  THR n 
2 67  GLY n 
2 68  PHE n 
2 69  ARG n 
2 70  VAL n 
2 71  TYR n 
2 72  VAL n 
2 73  ASN n 
2 74  SER n 
2 75  ALA n 
2 76  VAL n 
2 77  ILE n 
2 78  LYS n 
2 79  PRO n 
2 80  LEU n 
2 81  TYR n 
2 82  GLU n 
2 83  ALA n 
2 84  LEU n 
2 85  MET n 
2 86  LYS n 
2 87  SER n 
2 88  PHE n 
2 89  ASP n 
2 90  THR n 
2 91  ARG n 
2 92  ASN n 
2 93  ARG n 
2 94  ILE n 
2 95  ILE n 
2 96  GLU n 
2 97  THR n 
2 98  GLU n 
2 99  GLU n 
2 100 GLU n 
2 101 SER n 
2 102 ARG n 
2 103 PRO n 
2 104 SER n 
2 105 ALA n 
2 106 SER n 
2 107 GLU n 
2 108 VAL n 
2 109 ALA n 
2 110 ASN n 
2 111 ALA n 
2 112 THR n 
2 113 GLN n 
2 114 ARG n 
2 115 VAL n 
2 116 ASP n 
2 117 ASP n 
2 118 ALA n 
2 119 THR n 
2 120 VAL n 
2 121 ALA n 
2 122 ILE n 
2 123 ARG n 
2 124 SER n 
2 125 GLN n 
2 126 ILE n 
2 127 GLN n 
2 128 LEU n 
2 129 LEU n 
2 130 LEU n 
2 131 ASN n 
2 132 GLU n 
2 133 LEU n 
2 134 SER n 
2 135 ASN n 
2 136 GLY n 
2 137 HIS n 
2 138 GLY n 
2 139 TYR n 
2 140 MET n 
2 141 ASN n 
2 142 ARG n 
2 143 ALA n 
2 144 GLU n 
2 145 PHE n 
2 146 GLU n 
2 147 ALA n 
2 148 ILE n 
2 149 LEU n 
2 150 PRO n 
2 151 TRP n 
2 152 THR n 
2 153 THR n 
2 154 ALA n 
2 155 PRO n 
2 156 ALA n 
2 157 THR n 
# 
loop_
_entity_src_nat.entity_id 
_entity_src_nat.pdbx_src_id 
_entity_src_nat.pdbx_alt_source_flag 
_entity_src_nat.pdbx_beg_seq_num 
_entity_src_nat.pdbx_end_seq_num 
_entity_src_nat.common_name 
_entity_src_nat.pdbx_organism_scientific 
_entity_src_nat.pdbx_ncbi_taxonomy_id 
_entity_src_nat.genus 
_entity_src_nat.species 
_entity_src_nat.strain 
_entity_src_nat.tissue 
_entity_src_nat.tissue_fraction 
_entity_src_nat.pdbx_secretion 
_entity_src_nat.pdbx_fragment 
_entity_src_nat.pdbx_variant 
_entity_src_nat.pdbx_cell_line 
_entity_src_nat.pdbx_atcc 
_entity_src_nat.pdbx_cellular_location 
_entity_src_nat.pdbx_organ 
_entity_src_nat.pdbx_organelle 
_entity_src_nat.pdbx_cell 
_entity_src_nat.pdbx_plasmid_name 
_entity_src_nat.pdbx_plasmid_details 
_entity_src_nat.details 
1 1 sample ? ? ? 'Ribgrass mosaic virus' 51680 Tobamovirus ? ? ? ? ? ? ? ? ? ? ? ? ? ? ? ? 
2 1 sample ? ? ? 'Ribgrass mosaic virus' 51680 Tobamovirus ? ? ? ? ? ? ? ? ? ? ? ? ? ? ? ? 
# 
loop_
_chem_comp.id 
_chem_comp.type 
_chem_comp.mon_nstd_flag 
_chem_comp.name 
_chem_comp.pdbx_synonyms 
_chem_comp.formula 
_chem_comp.formula_weight 
A   'RNA linking'       y "ADENOSINE-5'-MONOPHOSPHATE" ? 'C10 H14 N5 O7 P' 347.221 
ACE non-polymer         . 'ACETYL GROUP'               ? 'C2 H4 O'         44.053  
ALA 'L-peptide linking' y ALANINE                      ? 'C3 H7 N O2'      89.093  
ARG 'L-peptide linking' y ARGININE                     ? 'C6 H15 N4 O2 1'  175.209 
ASN 'L-peptide linking' y ASPARAGINE                   ? 'C4 H8 N2 O3'     132.118 
ASP 'L-peptide linking' y 'ASPARTIC ACID'              ? 'C4 H7 N O4'      133.103 
CYS 'L-peptide linking' y CYSTEINE                     ? 'C3 H7 N O2 S'    121.158 
G   'RNA linking'       y "GUANOSINE-5'-MONOPHOSPHATE" ? 'C10 H14 N5 O8 P' 363.221 
GLN 'L-peptide linking' y GLUTAMINE                    ? 'C5 H10 N2 O3'    146.144 
GLU 'L-peptide linking' y 'GLUTAMIC ACID'              ? 'C5 H9 N O4'      147.129 
GLY 'peptide linking'   y GLYCINE                      ? 'C2 H5 N O2'      75.067  
HIS 'L-peptide linking' y HISTIDINE                    ? 'C6 H10 N3 O2 1'  156.162 
ILE 'L-peptide linking' y ISOLEUCINE                   ? 'C6 H13 N O2'     131.173 
LEU 'L-peptide linking' y LEUCINE                      ? 'C6 H13 N O2'     131.173 
LYS 'L-peptide linking' y LYSINE                       ? 'C6 H15 N2 O2 1'  147.195 
MET 'L-peptide linking' y METHIONINE                   ? 'C5 H11 N O2 S'   149.211 
PHE 'L-peptide linking' y PHENYLALANINE                ? 'C9 H11 N O2'     165.189 
PRO 'L-peptide linking' y PROLINE                      ? 'C5 H9 N O2'      115.130 
SER 'L-peptide linking' y SERINE                       ? 'C3 H7 N O3'      105.093 
THR 'L-peptide linking' y THREONINE                    ? 'C4 H9 N O3'      119.119 
TRP 'L-peptide linking' y TRYPTOPHAN                   ? 'C11 H12 N2 O2'   204.225 
TYR 'L-peptide linking' y TYROSINE                     ? 'C9 H11 N O3'     181.189 
VAL 'L-peptide linking' y VALINE                       ? 'C5 H11 N O2'     117.146 
# 
loop_
_pdbx_poly_seq_scheme.asym_id 
_pdbx_poly_seq_scheme.entity_id 
_pdbx_poly_seq_scheme.seq_id 
_pdbx_poly_seq_scheme.mon_id 
_pdbx_poly_seq_scheme.ndb_seq_num 
_pdbx_poly_seq_scheme.pdb_seq_num 
_pdbx_poly_seq_scheme.auth_seq_num 
_pdbx_poly_seq_scheme.pdb_mon_id 
_pdbx_poly_seq_scheme.auth_mon_id 
_pdbx_poly_seq_scheme.pdb_strand_id 
_pdbx_poly_seq_scheme.pdb_ins_code 
_pdbx_poly_seq_scheme.hetero 
A 1 1   G   1   165 165 G   G   B . n 
A 1 2   A   2   166 166 A   A   B . n 
A 1 3   A   3   167 167 A   A   B . n 
B 2 1   ACE 1   0   0   ACE ACE A . n 
B 2 2   SER 2   1   1   SER SER A . n 
B 2 3   TYR 3   2   2   TYR TYR A . n 
B 2 4   ASN 4   3   3   ASN ASN A . n 
B 2 5   ILE 5   4   4   ILE ILE A . n 
B 2 6   THR 6   5   5   THR THR A . n 
B 2 7   ASN 7   6   6   ASN ASN A . n 
B 2 8   SER 8   7   7   SER SER A . n 
B 2 9   ASN 9   8   8   ASN ASN A . n 
B 2 10  GLN 10  9   9   GLN GLN A . n 
B 2 11  TYR 11  10  10  TYR TYR A . n 
B 2 12  GLN 12  11  11  GLN GLN A . n 
B 2 13  TYR 13  12  12  TYR TYR A . n 
B 2 14  PHE 14  13  13  PHE PHE A . n 
B 2 15  ALA 15  14  14  ALA ALA A . n 
B 2 16  ALA 16  15  15  ALA ALA A . n 
B 2 17  VAL 17  16  16  VAL VAL A . n 
B 2 18  TRP 18  17  17  TRP TRP A . n 
B 2 19  ALA 19  18  18  ALA ALA A . n 
B 2 20  GLU 20  19  19  GLU GLU A . n 
B 2 21  PRO 21  20  20  PRO PRO A . n 
B 2 22  THR 22  21  21  THR THR A . n 
B 2 23  PRO 23  22  22  PRO PRO A . n 
B 2 24  MET 24  23  23  MET MET A . n 
B 2 25  LEU 25  24  24  LEU LEU A . n 
B 2 26  ASN 26  25  25  ASN ASN A . n 
B 2 27  GLN 27  26  26  GLN GLN A . n 
B 2 28  CYS 28  27  27  CYS CYS A . n 
B 2 29  VAL 29  28  28  VAL VAL A . n 
B 2 30  SER 30  29  29  SER SER A . n 
B 2 31  ALA 31  30  30  ALA ALA A . n 
B 2 32  LEU 32  31  31  LEU LEU A . n 
B 2 33  SER 33  32  32  SER SER A . n 
B 2 34  GLN 34  33  33  GLN GLN A . n 
B 2 35  SER 35  34  34  SER SER A . n 
B 2 36  TYR 36  35  35  TYR TYR A . n 
B 2 37  GLN 37  36  36  GLN GLN A . n 
B 2 38  THR 38  37  37  THR THR A . n 
B 2 39  GLN 39  38  38  GLN GLN A . n 
B 2 40  ALA 40  39  39  ALA ALA A . n 
B 2 41  GLY 41  40  40  GLY GLY A . n 
B 2 42  ARG 42  41  41  ARG ARG A . n 
B 2 43  ASP 43  42  42  ASP ASP A . n 
B 2 44  THR 44  43  43  THR THR A . n 
B 2 45  VAL 45  44  44  VAL VAL A . n 
B 2 46  ARG 46  45  45  ARG ARG A . n 
B 2 47  GLN 47  46  46  GLN GLN A . n 
B 2 48  GLN 48  47  47  GLN GLN A . n 
B 2 49  PHE 49  48  48  PHE PHE A . n 
B 2 50  ALA 50  49  49  ALA ALA A . n 
B 2 51  ASN 51  50  50  ASN ASN A . n 
B 2 52  LEU 52  51  51  LEU LEU A . n 
B 2 53  LEU 53  52  52  LEU LEU A . n 
B 2 54  SER 54  53  53  SER SER A . n 
B 2 55  THR 55  54  54  THR THR A . n 
B 2 56  ILE 56  55  55  ILE ILE A . n 
B 2 57  VAL 57  56  56  VAL VAL A . n 
B 2 58  ALA 58  57  57  ALA ALA A . n 
B 2 59  PRO 59  58  58  PRO PRO A . n 
B 2 60  ASN 60  59  59  ASN ASN A . n 
B 2 61  GLN 61  60  60  GLN GLN A . n 
B 2 62  ARG 62  61  61  ARG ARG A . n 
B 2 63  PHE 63  62  62  PHE PHE A . n 
B 2 64  PRO 64  63  63  PRO PRO A . n 
B 2 65  ASP 65  64  64  ASP ASP A . n 
B 2 66  THR 66  65  65  THR THR A . n 
B 2 67  GLY 67  66  66  GLY GLY A . n 
B 2 68  PHE 68  67  67  PHE PHE A . n 
B 2 69  ARG 69  68  68  ARG ARG A . n 
B 2 70  VAL 70  69  69  VAL VAL A . n 
B 2 71  TYR 71  70  70  TYR TYR A . n 
B 2 72  VAL 72  71  71  VAL VAL A . n 
B 2 73  ASN 73  72  72  ASN ASN A . n 
B 2 74  SER 74  73  73  SER SER A . n 
B 2 75  ALA 75  74  74  ALA ALA A . n 
B 2 76  VAL 76  75  75  VAL VAL A . n 
B 2 77  ILE 77  76  76  ILE ILE A . n 
B 2 78  LYS 78  77  77  LYS LYS A . n 
B 2 79  PRO 79  78  78  PRO PRO A . n 
B 2 80  LEU 80  79  79  LEU LEU A . n 
B 2 81  TYR 81  80  80  TYR TYR A . n 
B 2 82  GLU 82  81  81  GLU GLU A . n 
B 2 83  ALA 83  82  82  ALA ALA A . n 
B 2 84  LEU 84  83  83  LEU LEU A . n 
B 2 85  MET 85  84  84  MET MET A . n 
B 2 86  LYS 86  85  85  LYS LYS A . n 
B 2 87  SER 87  86  86  SER SER A . n 
B 2 88  PHE 88  87  87  PHE PHE A . n 
B 2 89  ASP 89  88  88  ASP ASP A . n 
B 2 90  THR 90  89  89  THR THR A . n 
B 2 91  ARG 91  90  90  ARG ARG A . n 
B 2 92  ASN 92  91  91  ASN ASN A . n 
B 2 93  ARG 93  92  92  ARG ARG A . n 
B 2 94  ILE 94  93  93  ILE ILE A . n 
B 2 95  ILE 95  94  94  ILE ILE A . n 
B 2 96  GLU 96  95  95  GLU GLU A . n 
B 2 97  THR 97  96  96  THR THR A . n 
B 2 98  GLU 98  97  97  GLU GLU A . n 
B 2 99  GLU 99  98  98  GLU GLU A . n 
B 2 100 GLU 100 99  99  GLU GLU A . n 
B 2 101 SER 101 100 100 SER SER A . n 
B 2 102 ARG 102 101 101 ARG ARG A . n 
B 2 103 PRO 103 102 102 PRO PRO A . n 
B 2 104 SER 104 103 103 SER SER A . n 
B 2 105 ALA 105 104 104 ALA ALA A . n 
B 2 106 SER 106 105 105 SER SER A . n 
B 2 107 GLU 107 106 106 GLU GLU A . n 
B 2 108 VAL 108 107 107 VAL VAL A . n 
B 2 109 ALA 109 108 108 ALA ALA A . n 
B 2 110 ASN 110 109 109 ASN ASN A . n 
B 2 111 ALA 111 110 110 ALA ALA A . n 
B 2 112 THR 112 111 111 THR THR A . n 
B 2 113 GLN 113 112 112 GLN GLN A . n 
B 2 114 ARG 114 113 113 ARG ARG A . n 
B 2 115 VAL 115 114 114 VAL VAL A . n 
B 2 116 ASP 116 115 115 ASP ASP A . n 
B 2 117 ASP 117 116 116 ASP ASP A . n 
B 2 118 ALA 118 117 117 ALA ALA A . n 
B 2 119 THR 119 118 118 THR THR A . n 
B 2 120 VAL 120 119 119 VAL VAL A . n 
B 2 121 ALA 121 120 120 ALA ALA A . n 
B 2 122 ILE 122 121 121 ILE ILE A . n 
B 2 123 ARG 123 122 122 ARG ARG A . n 
B 2 124 SER 124 123 123 SER SER A . n 
B 2 125 GLN 125 124 124 GLN GLN A . n 
B 2 126 ILE 126 125 125 ILE ILE A . n 
B 2 127 GLN 127 126 126 GLN GLN A . n 
B 2 128 LEU 128 127 127 LEU LEU A . n 
B 2 129 LEU 129 128 128 LEU LEU A . n 
B 2 130 LEU 130 129 129 LEU LEU A . n 
B 2 131 ASN 131 130 130 ASN ASN A . n 
B 2 132 GLU 132 131 131 GLU GLU A . n 
B 2 133 LEU 133 132 132 LEU LEU A . n 
B 2 134 SER 134 133 133 SER SER A . n 
B 2 135 ASN 135 134 134 ASN ASN A . n 
B 2 136 GLY 136 135 135 GLY GLY A . n 
B 2 137 HIS 137 136 136 HIS HIS A . n 
B 2 138 GLY 138 137 137 GLY GLY A . n 
B 2 139 TYR 139 138 138 TYR TYR A . n 
B 2 140 MET 140 139 139 MET MET A . n 
B 2 141 ASN 141 140 140 ASN ASN A . n 
B 2 142 ARG 142 141 141 ARG ARG A . n 
B 2 143 ALA 143 142 142 ALA ALA A . n 
B 2 144 GLU 144 143 143 GLU GLU A . n 
B 2 145 PHE 145 144 144 PHE PHE A . n 
B 2 146 GLU 146 145 145 GLU GLU A . n 
B 2 147 ALA 147 146 146 ALA ALA A . n 
B 2 148 ILE 148 147 147 ILE ILE A . n 
B 2 149 LEU 149 148 148 LEU LEU A . n 
B 2 150 PRO 150 149 149 PRO PRO A . n 
B 2 151 TRP 151 150 150 TRP TRP A . n 
B 2 152 THR 152 151 151 THR THR A . n 
B 2 153 THR 153 152 152 THR THR A . n 
B 2 154 ALA 154 153 153 ALA ALA A . n 
B 2 155 PRO 155 154 154 PRO PRO A . n 
B 2 156 ALA 156 155 155 ALA ALA A . n 
B 2 157 THR 157 156 156 THR THR A . n 
# 
loop_
_software.name 
_software.classification 
_software.version 
_software.citation_id 
_software.pdbx_ordinal 
FXPLOR refinement       . ? 1 
RADPV  'data reduction' . ? 2 
SCALV  'data scaling'   . ? 3 
# 
_cell.entry_id           1RMV 
_cell.length_a           1.000 
_cell.length_b           1.000 
_cell.length_c           1.000 
_cell.angle_alpha        90.00 
_cell.angle_beta         90.00 
_cell.angle_gamma        90.00 
_cell.Z_PDB              1 
_cell.pdbx_unique_axis   ? 
# 
_symmetry.entry_id                         1RMV 
_symmetry.space_group_name_H-M             'P 1' 
_symmetry.pdbx_full_space_group_name_H-M   ? 
_symmetry.cell_setting                     ? 
_symmetry.Int_Tables_number                1 
# 
_exptl.entry_id          1RMV 
_exptl.method            'FIBER DIFFRACTION' 
_exptl.crystals_number   ? 
# 
_exptl_crystal.id                    1 
_exptl_crystal.density_meas          ? 
_exptl_crystal.density_Matthews      ? 
_exptl_crystal.density_percent_sol   ? 
_exptl_crystal.description           ? 
# 
_exptl_crystal_grow.crystal_id      1 
_exptl_crystal_grow.method          ? 
_exptl_crystal_grow.temp            ? 
_exptl_crystal_grow.temp_details    ? 
_exptl_crystal_grow.pH              7.2 
_exptl_crystal_grow.pdbx_pH_range   ? 
_exptl_crystal_grow.pdbx_details    'pH 7.2' 
# 
_diffrn.id                     1 
_diffrn.ambient_temp           298 
_diffrn.ambient_temp_details   ? 
_diffrn.crystal_id             1 
# 
_diffrn_detector.diffrn_id              1 
_diffrn_detector.detector               FILM 
_diffrn_detector.type                   'KODAK FILM' 
_diffrn_detector.pdbx_collection_date   1990-10 
_diffrn_detector.details                MIRRORS 
# 
_diffrn_radiation.diffrn_id                        1 
_diffrn_radiation.wavelength_id                    1 
_diffrn_radiation.pdbx_monochromatic_or_laue_m_l   M 
_diffrn_radiation.monochromator                    ? 
_diffrn_radiation.pdbx_diffrn_protocol             ? 
_diffrn_radiation.pdbx_scattering_type             ? 
# 
_diffrn_radiation_wavelength.id           1 
_diffrn_radiation_wavelength.wavelength   1.5418 
_diffrn_radiation_wavelength.wt           1.0 
# 
_diffrn_source.diffrn_id                   1 
_diffrn_source.source                      'ROTATING ANODE' 
_diffrn_source.type                        'ELLIOT GX-6' 
_diffrn_source.pdbx_synchrotron_site       ? 
_diffrn_source.pdbx_synchrotron_beamline   ? 
_diffrn_source.pdbx_wavelength             1.5418 
_diffrn_source.pdbx_wavelength_list        ? 
# 
_reflns.entry_id                     1RMV 
_reflns.observed_criterion_sigma_I   ? 
_reflns.observed_criterion_sigma_F   ? 
_reflns.d_resolution_low             50.0 
_reflns.d_resolution_high            2.8 
_reflns.number_obs                   6045 
_reflns.number_all                   ? 
_reflns.percent_possible_obs         91.2 
_reflns.pdbx_Rmerge_I_obs            ? 
_reflns.pdbx_Rsym_value              ? 
_reflns.pdbx_netI_over_sigmaI        ? 
_reflns.B_iso_Wilson_estimate        ? 
_reflns.pdbx_redundancy              4.0 
_reflns.pdbx_diffrn_id               1 
_reflns.pdbx_ordinal                 1 
# 
_refine.entry_id                                 1RMV 
_refine.ls_number_reflns_obs                     5315 
_refine.ls_number_reflns_all                     ? 
_refine.pdbx_ls_sigma_I                          ? 
_refine.pdbx_ls_sigma_F                          0.0 
_refine.pdbx_data_cutoff_high_absF               ? 
_refine.pdbx_data_cutoff_low_absF                ? 
_refine.pdbx_data_cutoff_high_rms_absF           ? 
_refine.ls_d_res_low                             10.0 
_refine.ls_d_res_high                            2.9 
_refine.ls_percent_reflns_obs                    91.2 
_refine.ls_R_factor_obs                          ? 
_refine.ls_R_factor_all                          ? 
_refine.ls_R_factor_R_work                       0.095 
_refine.ls_R_factor_R_free                       ? 
_refine.ls_R_factor_R_free_error                 ? 
_refine.ls_R_factor_R_free_error_details         ? 
_refine.ls_percent_reflns_R_free                 ? 
_refine.ls_number_reflns_R_free                  ? 
_refine.ls_number_parameters                     ? 
_refine.ls_number_restraints                     ? 
_refine.occupancy_min                            ? 
_refine.occupancy_max                            ? 
_refine.B_iso_mean                               ? 
_refine.aniso_B[1][1]                            ? 
_refine.aniso_B[2][2]                            ? 
_refine.aniso_B[3][3]                            ? 
_refine.aniso_B[1][2]                            ? 
_refine.aniso_B[1][3]                            ? 
_refine.aniso_B[2][3]                            ? 
_refine.solvent_model_details                    ? 
_refine.solvent_model_param_ksol                 ? 
_refine.solvent_model_param_bsol                 ? 
_refine.pdbx_ls_cross_valid_method               ? 
_refine.details                                  ? 
_refine.pdbx_starting_model                      'PDB ENTRY 2TMV' 
_refine.pdbx_method_to_determine_struct          'MOLECULAR REPLACEMENT' 
_refine.pdbx_isotropic_thermal_model             ? 
_refine.pdbx_stereochemistry_target_values       ? 
_refine.pdbx_stereochem_target_val_spec_case     ? 
_refine.pdbx_R_Free_selection_details            ? 
_refine.pdbx_overall_ESU_R                       ? 
_refine.pdbx_overall_ESU_R_Free                  ? 
_refine.overall_SU_ML                            ? 
_refine.overall_SU_B                             ? 
_refine.pdbx_refine_id                           'FIBER DIFFRACTION' 
_refine.pdbx_diffrn_id                           1 
_refine.pdbx_TLS_residual_ADP_flag               ? 
_refine.correlation_coeff_Fo_to_Fc               ? 
_refine.correlation_coeff_Fo_to_Fc_free          ? 
_refine.pdbx_solvent_vdw_probe_radii             ? 
_refine.pdbx_solvent_ion_probe_radii             ? 
_refine.pdbx_solvent_shrinkage_radii             ? 
_refine.pdbx_overall_phase_error                 ? 
_refine.overall_SU_R_Cruickshank_DPI             ? 
_refine.pdbx_overall_SU_R_free_Cruickshank_DPI   ? 
_refine.pdbx_overall_SU_R_Blow_DPI               ? 
_refine.pdbx_overall_SU_R_free_Blow_DPI          ? 
# 
_refine_hist.pdbx_refine_id                   'FIBER DIFFRACTION' 
_refine_hist.cycle_id                         LAST 
_refine_hist.pdbx_number_atoms_protein        1235 
_refine_hist.pdbx_number_atoms_nucleic_acid   67 
_refine_hist.pdbx_number_atoms_ligand         0 
_refine_hist.number_atoms_solvent             0 
_refine_hist.number_atoms_total               1302 
_refine_hist.d_res_high                       2.9 
_refine_hist.d_res_low                        10.0 
# 
_struct.entry_id                  1RMV 
_struct.title                     'RIBGRASS MOSAIC VIRUS, FIBER DIFFRACTION' 
_struct.pdbx_model_details        ? 
_struct.pdbx_CASP_flag            ? 
_struct.pdbx_model_type_details   ? 
# 
_struct_keywords.entry_id        1RMV 
_struct_keywords.pdbx_keywords   Virus/RNA 
_struct_keywords.text            
'RIBGRASS MOSAIC VIRUS, TOBAMOVIRUS, RMV CLUSTER, COAT PROTEIN (VIRAL), COMPLEX (COAT PROTEIN-RNA), Helical virus, Virus-RNA COMPLEX' 
# 
loop_
_struct_asym.id 
_struct_asym.pdbx_blank_PDB_chainid_flag 
_struct_asym.pdbx_modified 
_struct_asym.entity_id 
_struct_asym.details 
A N N 1 ? 
B N N 2 ? 
# 
loop_
_struct_ref.id 
_struct_ref.db_name 
_struct_ref.db_code 
_struct_ref.entity_id 
_struct_ref.pdbx_db_accession 
_struct_ref.pdbx_align_begin 
_struct_ref.pdbx_seq_one_letter_code 
_struct_ref.pdbx_db_isoform 
1 UNP COAT_RMVHR 2 P03580 1 
;SYNITNSNQYQYFAAVWAEPTPMLNQCVSALSQSYQTQAGRDTVRQQFANLLSTIVAPNQRFPDTGFRVYVNSAVIKPLY
EALMKSFDTRNRIIETEEESRPSASEVANATQRVDDATVAIRSQIQLLLNELSNGHGYMNRAEFEAILPWTTAPAT
;
? 
2 PDB 1RMV       1 1RMV   ? ? ? 
# 
loop_
_struct_ref_seq.align_id 
_struct_ref_seq.ref_id 
_struct_ref_seq.pdbx_PDB_id_code 
_struct_ref_seq.pdbx_strand_id 
_struct_ref_seq.seq_align_beg 
_struct_ref_seq.pdbx_seq_align_beg_ins_code 
_struct_ref_seq.seq_align_end 
_struct_ref_seq.pdbx_seq_align_end_ins_code 
_struct_ref_seq.pdbx_db_accession 
_struct_ref_seq.db_align_beg 
_struct_ref_seq.pdbx_db_align_beg_ins_code 
_struct_ref_seq.db_align_end 
_struct_ref_seq.pdbx_db_align_end_ins_code 
_struct_ref_seq.pdbx_auth_seq_align_beg 
_struct_ref_seq.pdbx_auth_seq_align_end 
1 1 1RMV A 2 ? 157 ? P03580 1   ? 156 ? 1   156 
2 2 1RMV B 1 ? 3   ? 1RMV   165 ? 167 ? 165 167 
# 
loop_
_pdbx_struct_assembly.id 
_pdbx_struct_assembly.details 
_pdbx_struct_assembly.method_details 
_pdbx_struct_assembly.oligomeric_details 
_pdbx_struct_assembly.oligomeric_count 
1 'representative helical assembly'            ? helical 98 
2 'helical asymmetric unit'                    ? dimeric 2  
3 'helical asymmetric unit, std helical frame' ? dimeric 2  
# 
loop_
_pdbx_struct_assembly_gen.assembly_id 
_pdbx_struct_assembly_gen.oper_expression 
_pdbx_struct_assembly_gen.asym_id_list 
1 '(1-49)' A,B 
2 1        A,B 
3 H        A,B 
# 
loop_
_pdbx_struct_oper_list.id 
_pdbx_struct_oper_list.type 
_pdbx_struct_oper_list.name 
_pdbx_struct_oper_list.symmetry_operation 
_pdbx_struct_oper_list.matrix[1][1] 
_pdbx_struct_oper_list.matrix[1][2] 
_pdbx_struct_oper_list.matrix[1][3] 
_pdbx_struct_oper_list.vector[1] 
_pdbx_struct_oper_list.matrix[2][1] 
_pdbx_struct_oper_list.matrix[2][2] 
_pdbx_struct_oper_list.matrix[2][3] 
_pdbx_struct_oper_list.vector[2] 
_pdbx_struct_oper_list.matrix[3][1] 
_pdbx_struct_oper_list.matrix[3][2] 
_pdbx_struct_oper_list.matrix[3][3] 
_pdbx_struct_oper_list.vector[3] 
H  'identity operation'         1_555 x,y,z 1.00000000  0.00000000  0.00000000  0.00000   0.00000000  1.00000000 0.00000000  0.00000   0.00000000  0.00000000  1.00000000  0.00000    
1  'helical symmetry operation' ?     ?     -0.27365581 -0.86773658 -0.41490449 31.81940  -0.95420620 0.19073205 0.23046002  14.31981  -0.12084301 0.45897115  -0.88019455 -115.55111 
2  'helical symmetry operation' ?     ?     -0.18143916 -0.72162927 -0.66808010 13.38623  -0.96839917 0.24932557 -0.00630926 1.80615   0.17112240  0.64582347  -0.74406261 -115.41897 
3  'helical symmetry operation' ?     ?     -0.01048486 -0.53724028 -0.84336407 -2.66167  -0.90824096 0.35794820 -0.21672895 -11.24787 0.41831617  0.76370542  -0.49169666 -107.14567 
4  'helical symmetry operation' ?     ?     0.21421933  -0.34152108 -0.91513574 -14.10292 -0.78252469 0.50072295 -0.37004275 -22.77430 0.58460687  0.79538662  -0.15998414 -91.89346  
5  'helical symmetry operation' ?     ?     0.45982916  -0.16307926 -0.87290452 -19.38946 -0.60962585 0.65678094 -0.44384132 -30.92843 0.64568836  0.73623634  0.20258970  -71.84469  
6  'helical symmetry operation' ?     ?     0.69044472  -0.02799705 -0.72284317 -17.87284 -0.41481647 0.80331172 -0.42733778 -34.35848 0.59263259  0.59490036  0.54302870  -49.88279  
7  'helical symmetry operation' ?     ?     0.87235774  0.04398107  -0.48688566 -9.89902  -0.22657114 0.91889740 -0.32294439 -32.40318 0.43319452  0.39203728  0.81157210  -29.17083  
8  'helical symmetry operation' ?     ?     0.97897863  0.04233431  -0.19952104 3.24223   -0.07240503 0.98664323 -0.14591997 -25.18841 0.19067866  0.15729886  0.96896786  -12.68918  
9  'helical symmetry operation' ?     ?     0.99472299  -0.03269662 0.09724759  19.50583  0.02514795  0.99664704 0.07786044  -13.60880 -0.09946729 -0.07500399 0.99220998  -2.79987   
10 'helical symmetry operation' ?     ?     0.91728953  -0.17014473 0.36004261  36.39032  0.05182882  0.94744661 0.31568765  0.80301   -0.39483374 -0.27091639 0.87790126  -0.90137   
11 'helical symmetry operation' ?     ?     0.75799642  -0.34991970 0.55045220  51.30348  0.00373774  0.84623339 0.53279929  16.10041  -0.65224800 -0.40180251 0.64274979  -7.22416   
12 'helical symmetry operation' ?     ?     0.54012698  -0.54574446 0.64064485  61.94123  -0.11209600 0.70780136 0.69746091  30.20736  -0.83408472 -0.44853118 0.32112684  -20.79702  
13 'helical symmetry operation' ?     ?     0.29552641  -0.72899599 0.61743743  66.62442  -0.27874139 0.55238464 0.78560451  41.22182  -0.91376549 -0.40427224 -0.03995711 -39.58904  
14 'helical symmetry operation' ?     ?     0.05994712  -0.87288907 0.48422208  64.54426  -0.47184044 0.40269996 0.78434644  47.69375  -0.87964365 -0.27549487 -0.38772366 -60.80643  
15 'helical symmetry operation' ?     ?     -0.13217709 -0.95639133 0.26047042  55.88052  -0.66316856 0.28062619 0.69387060  48.83710  -0.73670665 -0.08102200 -0.67134102 -81.30089  
16 'helical symmetry operation' ?     ?     -0.25276410 -0.96729756 -0.02111256 41.77528  -0.82475998 0.20400643 0.52740151  44.64466  -0.50584709 0.15072096  -0.84935382 -98.02979  
17 'helical symmetry operation' ?     ?     -0.28418813 -0.90401362 -0.31936886 24.16599  -0.93299546 0.18403992 0.30927138  35.88915  -0.22080892 0.38586095  -0.89574256 -108.50091 
18 'helical symmetry operation' ?     ?     -0.22185605 -0.77578952 -0.59070341 5.50226   -0.97205459 0.22364509 0.07136352  24.01025  0.07674485  0.59002839  -0.80372678 -111.13669 
19 'helical symmetry operation' ?     ?     -0.07487871 -0.60136730 -0.79545619 -11.61217 -0.93622824 0.31703300 -0.15154791 10.90417  0.34332182  0.73338083  -0.58675607 -105.50485 
20 'helical symmetry operation' ?     ?     0.13526073  -0.40624166 -0.90369920 -24.80000 -0.83075301 0.45055346 -0.32688072 -1.35350  0.53995737  0.79496496  -0.27654429 -92.38155  
21 'helical symmetry operation' ?     ?     0.37784692  -0.21893343 -0.89961095 -32.25790 -0.67104587 0.60469026 -0.42900715 -10.81118 0.63790999  0.76577924  0.08156598  -73.63795  
22 'helical symmetry operation' ?     ?     0.61742189  -0.06682079 -0.78378899 -33.02003 -0.48045063 0.75691376 -0.44299972 -15.92655 0.62286226  0.65008964  0.43523103  -51.96671  
23 'helical symmetry operation' ?     ?     0.81896781  0.02786249  -0.57316263 -27.09928 -0.28682592 0.88497399 -0.36681320 -15.79200 0.49701369  0.46480611  0.73275690  -30.48842  
24 'helical symmetry operation' ?     ?     0.95302543  0.05127689  -0.29851837 -15.48532 -0.11847321 0.97015283 -0.21158350 -10.26728 0.27875910  0.23701088  0.93065526  -12.29546  
25 'identity operation'         1_555 x,y,z 1.00000000  0.00000000  0.00000000  0.00000   0.00000000  1.00000000 0.00000000  0.00000   0.00000000  0.00000000  1.00000000  0.00000    
26 'helical symmetry operation' ?     ?     0.95302543  -0.11847321 0.27875910  16.96898  0.05127689  0.97015283 0.23701088  13.66903  -0.29851837 -0.21158350 0.93065526  4.64779    
27 'helical symmetry operation' ?     ?     0.81896781  -0.28682592 0.49701369  32.81704  0.02786249  0.88497399 0.46480611  28.90177  -0.57316263 -0.36681320 0.73275690  1.01559    
28 'helical symmetry operation' ?     ?     0.61742189  -0.48045063 0.62286226  45.10347  -0.06682079 0.75691376 0.65008964  43.63162  -0.78378899 -0.44299972 0.43523103  -10.31867  
29 'helical symmetry operation' ?     ?     0.37784692  -0.67104587 0.63790999  51.90813  -0.21893343 0.60469026 0.76577924  55.86550  -0.89961095 -0.42900715 0.08156598  -27.65128  
30 'helical symmetry operation' ?     ?     0.13526073  -0.83075301 0.53995737  52.11214  -0.40624166 0.45055346 0.79496496  63.97512  -0.90369920 -0.32688072 -0.27654429 -48.40176  
31 'helical symmetry operation' ?     ?     -0.07487871 -0.93622824 0.34332182  45.56140  -0.60136730 0.31703300 0.73338083  66.93508  -0.79545619 -0.15154791 -0.58675607 -69.49008  
32 'helical symmetry operation' ?     ?     -0.22185605 -0.97205459 0.07674485  33.08915  -0.77578952 0.22364509 0.59002839  64.47263  -0.59070341 0.07136352  -0.80372678 -87.78679  
33 'helical symmetry operation' ?     ?     -0.28418813 -0.93299546 -0.22080892 16.39413  -0.90401362 0.18403992 0.38586095  57.10761  -0.31936886 0.30927138  -0.89574256 -100.57051 
34 'helical symmetry operation' ?     ?     -0.25276410 -0.82475998 -0.50584709 -2.20766  -0.96729756 0.20400643 0.15072096  46.07647  -0.02111256 0.52740151  -0.84935382 -105.92566 
35 'helical symmetry operation' ?     ?     -0.13217709 -0.66316856 -0.73670665 -20.12155 -0.95639133 0.28062619 -0.08102200 33.15151  0.26047042  0.69387060  -0.67134102 -103.02247 
36 'helical symmetry operation' ?     ?     0.05994712  -0.47184044 -0.87964365 -34.85339 -0.87288907 0.40269996 -0.27549487 20.38184  0.48422208  0.78434644  -0.38772366 -92.23827  
37 'helical symmetry operation' ?     ?     0.29552641  -0.27874139 -0.91376549 -44.37415 -0.72899599 0.55238464 -0.40427224 9.79388   0.61743743  0.78560451  -0.03995711 -75.10232  
38 'helical symmetry operation' ?     ?     0.54012698  -0.11209600 -0.83408472 -47.41649 -0.54574446 0.70780136 -0.44853118 3.09516   0.64064485  0.69746091  0.32112684  -54.07230  
39 'helical symmetry operation' ?     ?     0.75799642  0.00373774  -0.65224800 -43.65998 -0.34991970 0.84623339 -0.40180251 1.42471   0.55045220  0.53279929  0.64274979  -32.17507  
40 'helical symmetry operation' ?     ?     0.91728953  0.05182882  -0.39483374 -33.77797 -0.17014473 0.94744661 -0.27091639 5.18661   0.36004261  0.31568765  0.87790126  -12.56425  
41 'helical symmetry operation' ?     ?     0.99472299  0.02514795  -0.09946729 -19.33916 -0.03269662 0.99664704 -0.07500399 13.99094  0.09724759  0.07786044  0.99220998  1.94075    
42 'helical symmetry operation' ?     ?     0.97897863  -0.07240503 0.19067866  -2.57829  0.04233431  0.98664323 0.15729886  26.71071  -0.19952104 -0.14591997 0.96896786  9.26681    
43 'helical symmetry operation' ?     ?     0.87235774  -0.22657114 0.43319452  13.93051  0.04398107  0.91889740 0.39203728  41.64662  -0.48688566 -0.32294439 0.81157210  8.39012    
44 'helical symmetry operation' ?     ?     0.69044472  -0.41481647 0.59263259  27.64992  -0.02799705 0.80331172 0.59490036  56.77548  -0.72284317 -0.42733778 0.54302870  -0.51415   
45 'helical symmetry operation' ?     ?     0.45982916  -0.60962585 0.64568836  36.45035  -0.16307926 0.65678094 0.73623634  70.04586  -0.87290452 -0.44384132 0.20258970  -16.09747  
46 'helical symmetry operation' ?     ?     0.21421933  -0.78252469 0.58460687  38.92121  -0.34152108 0.50072295 0.79538662  79.67800  -0.91513574 -0.37004275 -0.15998414 -36.03505  
47 'helical symmetry operation' ?     ?     -0.01048486 -0.90824096 0.41831617  34.57708  -0.53724028 0.35794820 0.76370542  84.42393  -0.84336407 -0.21672895 -0.49169666 -57.36566  
48 'helical symmetry operation' ?     ?     -0.18143916 -0.96839917 0.17112240  23.92864  -0.72162927 0.24932557 0.64582347  83.74986  -0.66808010 -0.00630926 -0.74406261 -76.92447  
49 'helical symmetry operation' ?     ?     -0.27365581 -0.95420620 -0.12084301 8.40807   -0.86773658 0.19073205 0.45897115  77.91424  -0.41490449 0.23046002  -0.88019455 -91.80559  
# 
_struct_biol.id                    1 
_struct_biol.details               
;THE BASIC REPEAT UNIT OF THE VIRAL HELIX IS 69.7
ANGSTROMS IN LENGTH WITH 49 SUBUNITS IN 3 HELICAL
TURNS.
;
_struct_biol.pdbx_parent_biol_id   ? 
# 
loop_
_struct_conf.conf_type_id 
_struct_conf.id 
_struct_conf.pdbx_PDB_helix_id 
_struct_conf.beg_label_comp_id 
_struct_conf.beg_label_asym_id 
_struct_conf.beg_label_seq_id 
_struct_conf.pdbx_beg_PDB_ins_code 
_struct_conf.end_label_comp_id 
_struct_conf.end_label_asym_id 
_struct_conf.end_label_seq_id 
_struct_conf.pdbx_end_PDB_ins_code 
_struct_conf.beg_auth_comp_id 
_struct_conf.beg_auth_asym_id 
_struct_conf.beg_auth_seq_id 
_struct_conf.end_auth_comp_id 
_struct_conf.end_auth_asym_id 
_struct_conf.end_auth_seq_id 
_struct_conf.pdbx_PDB_helix_class 
_struct_conf.details 
_struct_conf.pdbx_PDB_helix_length 
HELX_P HELX_P1 LS GLU B 20  ? SER B 33  ? GLU A 19  SER A 32  1 ? 14 
HELX_P HELX_P2 RS GLN B 39  ? LEU B 53  ? GLN A 38  LEU A 52  1 ? 15 
HELX_P HELX_P3 RR VAL B 76  ? PHE B 88  ? VAL A 75  PHE A 87  1 ? 13 
HELX_P HELX_P4 LR THR B 112 ? ASN B 135 ? THR A 111 ASN A 134 1 ? 24 
# 
_struct_conf_type.id          HELX_P 
_struct_conf_type.criteria    ? 
_struct_conf_type.reference   ? 
# 
_struct_conn.id                            covale1 
_struct_conn.conn_type_id                  covale 
_struct_conn.pdbx_leaving_atom_flag        both 
_struct_conn.pdbx_PDB_id                   ? 
_struct_conn.ptnr1_label_asym_id           B 
_struct_conn.ptnr1_label_comp_id           ACE 
_struct_conn.ptnr1_label_seq_id            1 
_struct_conn.ptnr1_label_atom_id           C 
_struct_conn.pdbx_ptnr1_label_alt_id       ? 
_struct_conn.pdbx_ptnr1_PDB_ins_code       ? 
_struct_conn.pdbx_ptnr1_standard_comp_id   ? 
_struct_conn.ptnr1_symmetry                1_555 
_struct_conn.ptnr2_label_asym_id           B 
_struct_conn.ptnr2_label_comp_id           SER 
_struct_conn.ptnr2_label_seq_id            2 
_struct_conn.ptnr2_label_atom_id           N 
_struct_conn.pdbx_ptnr2_label_alt_id       ? 
_struct_conn.pdbx_ptnr2_PDB_ins_code       ? 
_struct_conn.ptnr1_auth_asym_id            A 
_struct_conn.ptnr1_auth_comp_id            ACE 
_struct_conn.ptnr1_auth_seq_id             0 
_struct_conn.ptnr2_auth_asym_id            A 
_struct_conn.ptnr2_auth_comp_id            SER 
_struct_conn.ptnr2_auth_seq_id             1 
_struct_conn.ptnr2_symmetry                1_555 
_struct_conn.pdbx_ptnr3_label_atom_id      ? 
_struct_conn.pdbx_ptnr3_label_seq_id       ? 
_struct_conn.pdbx_ptnr3_label_comp_id      ? 
_struct_conn.pdbx_ptnr3_label_asym_id      ? 
_struct_conn.pdbx_ptnr3_label_alt_id       ? 
_struct_conn.pdbx_ptnr3_PDB_ins_code       ? 
_struct_conn.details                       ? 
_struct_conn.pdbx_dist_value               1.324 
_struct_conn.pdbx_value_order              ? 
_struct_conn.pdbx_role                     ? 
# 
_struct_conn_type.id          covale 
_struct_conn_type.criteria    ? 
_struct_conn_type.reference   ? 
# 
_pdbx_modification_feature.ordinal                            1 
_pdbx_modification_feature.label_comp_id                      ACE 
_pdbx_modification_feature.label_asym_id                      B 
_pdbx_modification_feature.label_seq_id                       1 
_pdbx_modification_feature.label_alt_id                       ? 
_pdbx_modification_feature.modified_residue_label_comp_id     SER 
_pdbx_modification_feature.modified_residue_label_asym_id     B 
_pdbx_modification_feature.modified_residue_label_seq_id      2 
_pdbx_modification_feature.modified_residue_label_alt_id      ? 
_pdbx_modification_feature.auth_comp_id                       ACE 
_pdbx_modification_feature.auth_asym_id                       A 
_pdbx_modification_feature.auth_seq_id                        0 
_pdbx_modification_feature.PDB_ins_code                       ? 
_pdbx_modification_feature.symmetry                           1_555 
_pdbx_modification_feature.modified_residue_auth_comp_id      SER 
_pdbx_modification_feature.modified_residue_auth_asym_id      A 
_pdbx_modification_feature.modified_residue_auth_seq_id       1 
_pdbx_modification_feature.modified_residue_PDB_ins_code      ? 
_pdbx_modification_feature.modified_residue_symmetry          1_555 
_pdbx_modification_feature.comp_id_linking_atom               . 
_pdbx_modification_feature.modified_residue_id_linking_atom   . 
_pdbx_modification_feature.modified_residue_id                SER 
_pdbx_modification_feature.ref_pcm_id                         6 
_pdbx_modification_feature.ref_comp_id                        ACE 
_pdbx_modification_feature.type                               None 
_pdbx_modification_feature.category                           'Terminal acetylation' 
# 
_struct_sheet.id               A 
_struct_sheet.type             ? 
_struct_sheet.number_strands   2 
_struct_sheet.details          ? 
# 
_struct_sheet_order.sheet_id     A 
_struct_sheet_order.range_id_1   1 
_struct_sheet_order.range_id_2   2 
_struct_sheet_order.offset       ? 
_struct_sheet_order.sense        anti-parallel 
# 
loop_
_struct_sheet_range.sheet_id 
_struct_sheet_range.id 
_struct_sheet_range.beg_label_comp_id 
_struct_sheet_range.beg_label_asym_id 
_struct_sheet_range.beg_label_seq_id 
_struct_sheet_range.pdbx_beg_PDB_ins_code 
_struct_sheet_range.end_label_comp_id 
_struct_sheet_range.end_label_asym_id 
_struct_sheet_range.end_label_seq_id 
_struct_sheet_range.pdbx_end_PDB_ins_code 
_struct_sheet_range.beg_auth_comp_id 
_struct_sheet_range.beg_auth_asym_id 
_struct_sheet_range.beg_auth_seq_id 
_struct_sheet_range.end_auth_comp_id 
_struct_sheet_range.end_auth_asym_id 
_struct_sheet_range.end_auth_seq_id 
A 1 ARG B 69  ? VAL B 70  ? ARG A 68  VAL A 69  
A 2 TYR B 139 ? MET B 140 ? TYR A 138 MET A 139 
# 
_pdbx_struct_sheet_hbond.sheet_id                A 
_pdbx_struct_sheet_hbond.range_id_1              1 
_pdbx_struct_sheet_hbond.range_id_2              2 
_pdbx_struct_sheet_hbond.range_1_label_atom_id   O 
_pdbx_struct_sheet_hbond.range_1_label_comp_id   ARG 
_pdbx_struct_sheet_hbond.range_1_label_asym_id   B 
_pdbx_struct_sheet_hbond.range_1_label_seq_id    69 
_pdbx_struct_sheet_hbond.range_1_PDB_ins_code    ? 
_pdbx_struct_sheet_hbond.range_1_auth_atom_id    O 
_pdbx_struct_sheet_hbond.range_1_auth_comp_id    ARG 
_pdbx_struct_sheet_hbond.range_1_auth_asym_id    A 
_pdbx_struct_sheet_hbond.range_1_auth_seq_id     68 
_pdbx_struct_sheet_hbond.range_2_label_atom_id   N 
_pdbx_struct_sheet_hbond.range_2_label_comp_id   MET 
_pdbx_struct_sheet_hbond.range_2_label_asym_id   B 
_pdbx_struct_sheet_hbond.range_2_label_seq_id    140 
_pdbx_struct_sheet_hbond.range_2_PDB_ins_code    ? 
_pdbx_struct_sheet_hbond.range_2_auth_atom_id    N 
_pdbx_struct_sheet_hbond.range_2_auth_comp_id    MET 
_pdbx_struct_sheet_hbond.range_2_auth_asym_id    A 
_pdbx_struct_sheet_hbond.range_2_auth_seq_id     139 
# 
_pdbx_entry_details.entry_id                   1RMV 
_pdbx_entry_details.compound_details           ? 
_pdbx_entry_details.source_details             ? 
_pdbx_entry_details.nonpolymer_details         ? 
_pdbx_entry_details.sequence_details           ? 
_pdbx_entry_details.has_ligand_of_interest     ? 
_pdbx_entry_details.has_protein_modification   Y 
# 
loop_
_pdbx_validate_rmsd_bond.id 
_pdbx_validate_rmsd_bond.PDB_model_num 
_pdbx_validate_rmsd_bond.auth_atom_id_1 
_pdbx_validate_rmsd_bond.auth_asym_id_1 
_pdbx_validate_rmsd_bond.auth_comp_id_1 
_pdbx_validate_rmsd_bond.auth_seq_id_1 
_pdbx_validate_rmsd_bond.PDB_ins_code_1 
_pdbx_validate_rmsd_bond.label_alt_id_1 
_pdbx_validate_rmsd_bond.auth_atom_id_2 
_pdbx_validate_rmsd_bond.auth_asym_id_2 
_pdbx_validate_rmsd_bond.auth_comp_id_2 
_pdbx_validate_rmsd_bond.auth_seq_id_2 
_pdbx_validate_rmsd_bond.PDB_ins_code_2 
_pdbx_validate_rmsd_bond.label_alt_id_2 
_pdbx_validate_rmsd_bond.bond_value 
_pdbx_validate_rmsd_bond.bond_target_value 
_pdbx_validate_rmsd_bond.bond_deviation 
_pdbx_validate_rmsd_bond.bond_standard_deviation 
_pdbx_validate_rmsd_bond.linker_flag 
1 1 P     B G 165 ? ? "O5'" B G 165 ? ? 1.670 1.593 0.077 0.010 N 
2 1 "C4'" B G 165 ? ? "C3'" B G 165 ? ? 1.597 1.527 0.070 0.011 N 
3 1 "O3'" B G 165 ? ? P     B A 166 ? ? 1.691 1.607 0.084 0.012 Y 
4 1 P     B A 167 ? ? "O5'" B A 167 ? ? 1.658 1.593 0.065 0.010 N 
# 
loop_
_pdbx_validate_rmsd_angle.id 
_pdbx_validate_rmsd_angle.PDB_model_num 
_pdbx_validate_rmsd_angle.auth_atom_id_1 
_pdbx_validate_rmsd_angle.auth_asym_id_1 
_pdbx_validate_rmsd_angle.auth_comp_id_1 
_pdbx_validate_rmsd_angle.auth_seq_id_1 
_pdbx_validate_rmsd_angle.PDB_ins_code_1 
_pdbx_validate_rmsd_angle.label_alt_id_1 
_pdbx_validate_rmsd_angle.auth_atom_id_2 
_pdbx_validate_rmsd_angle.auth_asym_id_2 
_pdbx_validate_rmsd_angle.auth_comp_id_2 
_pdbx_validate_rmsd_angle.auth_seq_id_2 
_pdbx_validate_rmsd_angle.PDB_ins_code_2 
_pdbx_validate_rmsd_angle.label_alt_id_2 
_pdbx_validate_rmsd_angle.auth_atom_id_3 
_pdbx_validate_rmsd_angle.auth_asym_id_3 
_pdbx_validate_rmsd_angle.auth_comp_id_3 
_pdbx_validate_rmsd_angle.auth_seq_id_3 
_pdbx_validate_rmsd_angle.PDB_ins_code_3 
_pdbx_validate_rmsd_angle.label_alt_id_3 
_pdbx_validate_rmsd_angle.angle_value 
_pdbx_validate_rmsd_angle.angle_target_value 
_pdbx_validate_rmsd_angle.angle_deviation 
_pdbx_validate_rmsd_angle.angle_standard_deviation 
_pdbx_validate_rmsd_angle.linker_flag 
1  1 P     B G 165 ? ? "O5'" B G 165 ? ? "C5'" B G 165 ? ? 133.89 120.90 12.99  1.60 N 
2  1 "C4'" B G 165 ? ? "C3'" B G 165 ? ? "C2'" B G 165 ? ? 92.36  102.60 -10.24 1.00 N 
3  1 "C3'" B G 165 ? ? "C2'" B G 165 ? ? "C1'" B G 165 ? ? 114.00 101.50 12.50  0.80 N 
4  1 "O4'" B G 165 ? ? "C1'" B G 165 ? ? "C2'" B G 165 ? ? 94.16  105.80 -11.64 1.00 N 
5  1 N9    B G 165 ? ? "C1'" B G 165 ? ? "C2'" B G 165 ? ? 98.71  112.00 -13.29 1.10 N 
6  1 "O4'" B G 165 ? ? "C1'" B G 165 ? ? N9    B G 165 ? ? 114.83 108.50 6.33   0.70 N 
7  1 "C3'" B G 165 ? ? "O3'" B G 165 ? ? P     B A 166 ? ? 136.26 119.70 16.56  1.20 Y 
8  1 "C2'" B A 166 ? ? "C3'" B A 166 ? ? "O3'" B A 166 ? ? 125.24 113.70 11.54  1.60 N 
9  1 "C3'" B A 166 ? ? "O3'" B A 166 ? ? P     B A 167 ? ? 138.57 119.70 18.87  1.20 Y 
10 1 "O4'" B A 167 ? ? "C4'" B A 167 ? ? "C3'" B A 167 ? ? 96.18  104.00 -7.82  1.00 N 
11 1 "C5'" B A 167 ? ? "C4'" B A 167 ? ? "O4'" B A 167 ? ? 119.23 109.80 9.43   0.90 N 
12 1 N9    B A 167 ? ? "C1'" B A 167 ? ? "C2'" B A 167 ? ? 102.80 112.00 -9.20  1.10 N 
13 1 "O4'" B A 167 ? ? "C1'" B A 167 ? ? N9    B A 167 ? ? 119.62 108.50 11.12  0.70 N 
# 
loop_
_pdbx_validate_torsion.id 
_pdbx_validate_torsion.PDB_model_num 
_pdbx_validate_torsion.auth_comp_id 
_pdbx_validate_torsion.auth_asym_id 
_pdbx_validate_torsion.auth_seq_id 
_pdbx_validate_torsion.PDB_ins_code 
_pdbx_validate_torsion.label_alt_id 
_pdbx_validate_torsion.phi 
_pdbx_validate_torsion.psi 
1  1 THR A 5   ? ? -139.63 -50.65  
2  1 GLN A 9   ? ? -104.77 49.02   
3  1 PHE A 13  ? ? -127.75 -80.77  
4  1 VAL A 16  ? ? -154.73 17.63   
5  1 ALA A 18  ? ? -179.88 -149.29 
6  1 TYR A 35  ? ? -114.85 73.24   
7  1 GLN A 36  ? ? -155.43 15.36   
8  1 LEU A 52  ? ? -77.60  38.41   
9  1 SER A 53  ? ? -75.16  -149.49 
10 1 ILE A 55  ? ? -141.83 -58.12  
11 1 THR A 65  ? ? -84.93  38.48   
12 1 TYR A 70  ? ? -66.41  94.56   
13 1 ALA A 74  ? ? -8.09   -79.37  
14 1 PHE A 87  ? ? -96.02  43.04   
15 1 THR A 89  ? ? -172.33 -133.48 
16 1 ARG A 90  ? ? 166.34  169.65  
17 1 GLU A 95  ? ? -57.31  99.33   
18 1 GLU A 98  ? ? -174.16 -37.93  
19 1 PRO A 102 ? ? -33.74  -78.85  
20 1 THR A 111 ? ? -170.08 -74.66  
21 1 ALA A 120 ? ? -54.34  -70.24  
22 1 ARG A 122 ? ? -46.54  -81.32  
23 1 ASN A 134 ? ? -35.80  -90.06  
24 1 HIS A 136 ? ? -68.12  92.45   
25 1 ALA A 146 ? ? -169.98 -80.95  
26 1 ILE A 147 ? ? -161.43 74.19   
27 1 THR A 151 ? ? -157.78 75.13   
28 1 THR A 152 ? ? -129.16 -104.91 
29 1 ALA A 155 ? ? -173.51 79.53   
# 
_pdbx_validate_planes.id              1 
_pdbx_validate_planes.PDB_model_num   1 
_pdbx_validate_planes.auth_comp_id    G 
_pdbx_validate_planes.auth_asym_id    B 
_pdbx_validate_planes.auth_seq_id     165 
_pdbx_validate_planes.PDB_ins_code    ? 
_pdbx_validate_planes.label_alt_id    ? 
_pdbx_validate_planes.rmsd            0.051 
_pdbx_validate_planes.type            'SIDE CHAIN' 
# 
_pdbx_helical_symmetry.entry_id                  1RMV 
_pdbx_helical_symmetry.number_of_operations      49 
_pdbx_helical_symmetry.rotation_per_n_subunits   1080.000000 
_pdbx_helical_symmetry.rise_per_n_subunits       69.700000 
_pdbx_helical_symmetry.n_subunits_divisor        49 
_pdbx_helical_symmetry.dyad_axis                 no 
_pdbx_helical_symmetry.circular_symmetry         1 
# 
loop_
_chem_comp_atom.comp_id 
_chem_comp_atom.atom_id 
_chem_comp_atom.type_symbol 
_chem_comp_atom.pdbx_aromatic_flag 
_chem_comp_atom.pdbx_stereo_config 
_chem_comp_atom.pdbx_ordinal 
A   OP3    O N N 1   
A   P      P N N 2   
A   OP1    O N N 3   
A   OP2    O N N 4   
A   "O5'"  O N N 5   
A   "C5'"  C N N 6   
A   "C4'"  C N R 7   
A   "O4'"  O N N 8   
A   "C3'"  C N S 9   
A   "O3'"  O N N 10  
A   "C2'"  C N R 11  
A   "O2'"  O N N 12  
A   "C1'"  C N R 13  
A   N9     N Y N 14  
A   C8     C Y N 15  
A   N7     N Y N 16  
A   C5     C Y N 17  
A   C6     C Y N 18  
A   N6     N N N 19  
A   N1     N Y N 20  
A   C2     C Y N 21  
A   N3     N Y N 22  
A   C4     C Y N 23  
A   HOP3   H N N 24  
A   HOP2   H N N 25  
A   "H5'"  H N N 26  
A   "H5''" H N N 27  
A   "H4'"  H N N 28  
A   "H3'"  H N N 29  
A   "HO3'" H N N 30  
A   "H2'"  H N N 31  
A   "HO2'" H N N 32  
A   "H1'"  H N N 33  
A   H8     H N N 34  
A   H61    H N N 35  
A   H62    H N N 36  
A   H2     H N N 37  
ACE C      C N N 38  
ACE O      O N N 39  
ACE CH3    C N N 40  
ACE H      H N N 41  
ACE H1     H N N 42  
ACE H2     H N N 43  
ACE H3     H N N 44  
ALA N      N N N 45  
ALA CA     C N S 46  
ALA C      C N N 47  
ALA O      O N N 48  
ALA CB     C N N 49  
ALA OXT    O N N 50  
ALA H      H N N 51  
ALA H2     H N N 52  
ALA HA     H N N 53  
ALA HB1    H N N 54  
ALA HB2    H N N 55  
ALA HB3    H N N 56  
ALA HXT    H N N 57  
ARG N      N N N 58  
ARG CA     C N S 59  
ARG C      C N N 60  
ARG O      O N N 61  
ARG CB     C N N 62  
ARG CG     C N N 63  
ARG CD     C N N 64  
ARG NE     N N N 65  
ARG CZ     C N N 66  
ARG NH1    N N N 67  
ARG NH2    N N N 68  
ARG OXT    O N N 69  
ARG H      H N N 70  
ARG H2     H N N 71  
ARG HA     H N N 72  
ARG HB2    H N N 73  
ARG HB3    H N N 74  
ARG HG2    H N N 75  
ARG HG3    H N N 76  
ARG HD2    H N N 77  
ARG HD3    H N N 78  
ARG HE     H N N 79  
ARG HH11   H N N 80  
ARG HH12   H N N 81  
ARG HH21   H N N 82  
ARG HH22   H N N 83  
ARG HXT    H N N 84  
ASN N      N N N 85  
ASN CA     C N S 86  
ASN C      C N N 87  
ASN O      O N N 88  
ASN CB     C N N 89  
ASN CG     C N N 90  
ASN OD1    O N N 91  
ASN ND2    N N N 92  
ASN OXT    O N N 93  
ASN H      H N N 94  
ASN H2     H N N 95  
ASN HA     H N N 96  
ASN HB2    H N N 97  
ASN HB3    H N N 98  
ASN HD21   H N N 99  
ASN HD22   H N N 100 
ASN HXT    H N N 101 
ASP N      N N N 102 
ASP CA     C N S 103 
ASP C      C N N 104 
ASP O      O N N 105 
ASP CB     C N N 106 
ASP CG     C N N 107 
ASP OD1    O N N 108 
ASP OD2    O N N 109 
ASP OXT    O N N 110 
ASP H      H N N 111 
ASP H2     H N N 112 
ASP HA     H N N 113 
ASP HB2    H N N 114 
ASP HB3    H N N 115 
ASP HD2    H N N 116 
ASP HXT    H N N 117 
CYS N      N N N 118 
CYS CA     C N R 119 
CYS C      C N N 120 
CYS O      O N N 121 
CYS CB     C N N 122 
CYS SG     S N N 123 
CYS OXT    O N N 124 
CYS H      H N N 125 
CYS H2     H N N 126 
CYS HA     H N N 127 
CYS HB2    H N N 128 
CYS HB3    H N N 129 
CYS HG     H N N 130 
CYS HXT    H N N 131 
G   OP3    O N N 132 
G   P      P N N 133 
G   OP1    O N N 134 
G   OP2    O N N 135 
G   "O5'"  O N N 136 
G   "C5'"  C N N 137 
G   "C4'"  C N R 138 
G   "O4'"  O N N 139 
G   "C3'"  C N S 140 
G   "O3'"  O N N 141 
G   "C2'"  C N R 142 
G   "O2'"  O N N 143 
G   "C1'"  C N R 144 
G   N9     N Y N 145 
G   C8     C Y N 146 
G   N7     N Y N 147 
G   C5     C Y N 148 
G   C6     C N N 149 
G   O6     O N N 150 
G   N1     N N N 151 
G   C2     C N N 152 
G   N2     N N N 153 
G   N3     N N N 154 
G   C4     C Y N 155 
G   HOP3   H N N 156 
G   HOP2   H N N 157 
G   "H5'"  H N N 158 
G   "H5''" H N N 159 
G   "H4'"  H N N 160 
G   "H3'"  H N N 161 
G   "HO3'" H N N 162 
G   "H2'"  H N N 163 
G   "HO2'" H N N 164 
G   "H1'"  H N N 165 
G   H8     H N N 166 
G   H1     H N N 167 
G   H21    H N N 168 
G   H22    H N N 169 
GLN N      N N N 170 
GLN CA     C N S 171 
GLN C      C N N 172 
GLN O      O N N 173 
GLN CB     C N N 174 
GLN CG     C N N 175 
GLN CD     C N N 176 
GLN OE1    O N N 177 
GLN NE2    N N N 178 
GLN OXT    O N N 179 
GLN H      H N N 180 
GLN H2     H N N 181 
GLN HA     H N N 182 
GLN HB2    H N N 183 
GLN HB3    H N N 184 
GLN HG2    H N N 185 
GLN HG3    H N N 186 
GLN HE21   H N N 187 
GLN HE22   H N N 188 
GLN HXT    H N N 189 
GLU N      N N N 190 
GLU CA     C N S 191 
GLU C      C N N 192 
GLU O      O N N 193 
GLU CB     C N N 194 
GLU CG     C N N 195 
GLU CD     C N N 196 
GLU OE1    O N N 197 
GLU OE2    O N N 198 
GLU OXT    O N N 199 
GLU H      H N N 200 
GLU H2     H N N 201 
GLU HA     H N N 202 
GLU HB2    H N N 203 
GLU HB3    H N N 204 
GLU HG2    H N N 205 
GLU HG3    H N N 206 
GLU HE2    H N N 207 
GLU HXT    H N N 208 
GLY N      N N N 209 
GLY CA     C N N 210 
GLY C      C N N 211 
GLY O      O N N 212 
GLY OXT    O N N 213 
GLY H      H N N 214 
GLY H2     H N N 215 
GLY HA2    H N N 216 
GLY HA3    H N N 217 
GLY HXT    H N N 218 
HIS N      N N N 219 
HIS CA     C N S 220 
HIS C      C N N 221 
HIS O      O N N 222 
HIS CB     C N N 223 
HIS CG     C Y N 224 
HIS ND1    N Y N 225 
HIS CD2    C Y N 226 
HIS CE1    C Y N 227 
HIS NE2    N Y N 228 
HIS OXT    O N N 229 
HIS H      H N N 230 
HIS H2     H N N 231 
HIS HA     H N N 232 
HIS HB2    H N N 233 
HIS HB3    H N N 234 
HIS HD1    H N N 235 
HIS HD2    H N N 236 
HIS HE1    H N N 237 
HIS HE2    H N N 238 
HIS HXT    H N N 239 
ILE N      N N N 240 
ILE CA     C N S 241 
ILE C      C N N 242 
ILE O      O N N 243 
ILE CB     C N S 244 
ILE CG1    C N N 245 
ILE CG2    C N N 246 
ILE CD1    C N N 247 
ILE OXT    O N N 248 
ILE H      H N N 249 
ILE H2     H N N 250 
ILE HA     H N N 251 
ILE HB     H N N 252 
ILE HG12   H N N 253 
ILE HG13   H N N 254 
ILE HG21   H N N 255 
ILE HG22   H N N 256 
ILE HG23   H N N 257 
ILE HD11   H N N 258 
ILE HD12   H N N 259 
ILE HD13   H N N 260 
ILE HXT    H N N 261 
LEU N      N N N 262 
LEU CA     C N S 263 
LEU C      C N N 264 
LEU O      O N N 265 
LEU CB     C N N 266 
LEU CG     C N N 267 
LEU CD1    C N N 268 
LEU CD2    C N N 269 
LEU OXT    O N N 270 
LEU H      H N N 271 
LEU H2     H N N 272 
LEU HA     H N N 273 
LEU HB2    H N N 274 
LEU HB3    H N N 275 
LEU HG     H N N 276 
LEU HD11   H N N 277 
LEU HD12   H N N 278 
LEU HD13   H N N 279 
LEU HD21   H N N 280 
LEU HD22   H N N 281 
LEU HD23   H N N 282 
LEU HXT    H N N 283 
LYS N      N N N 284 
LYS CA     C N S 285 
LYS C      C N N 286 
LYS O      O N N 287 
LYS CB     C N N 288 
LYS CG     C N N 289 
LYS CD     C N N 290 
LYS CE     C N N 291 
LYS NZ     N N N 292 
LYS OXT    O N N 293 
LYS H      H N N 294 
LYS H2     H N N 295 
LYS HA     H N N 296 
LYS HB2    H N N 297 
LYS HB3    H N N 298 
LYS HG2    H N N 299 
LYS HG3    H N N 300 
LYS HD2    H N N 301 
LYS HD3    H N N 302 
LYS HE2    H N N 303 
LYS HE3    H N N 304 
LYS HZ1    H N N 305 
LYS HZ2    H N N 306 
LYS HZ3    H N N 307 
LYS HXT    H N N 308 
MET N      N N N 309 
MET CA     C N S 310 
MET C      C N N 311 
MET O      O N N 312 
MET CB     C N N 313 
MET CG     C N N 314 
MET SD     S N N 315 
MET CE     C N N 316 
MET OXT    O N N 317 
MET H      H N N 318 
MET H2     H N N 319 
MET HA     H N N 320 
MET HB2    H N N 321 
MET HB3    H N N 322 
MET HG2    H N N 323 
MET HG3    H N N 324 
MET HE1    H N N 325 
MET HE2    H N N 326 
MET HE3    H N N 327 
MET HXT    H N N 328 
PHE N      N N N 329 
PHE CA     C N S 330 
PHE C      C N N 331 
PHE O      O N N 332 
PHE CB     C N N 333 
PHE CG     C Y N 334 
PHE CD1    C Y N 335 
PHE CD2    C Y N 336 
PHE CE1    C Y N 337 
PHE CE2    C Y N 338 
PHE CZ     C Y N 339 
PHE OXT    O N N 340 
PHE H      H N N 341 
PHE H2     H N N 342 
PHE HA     H N N 343 
PHE HB2    H N N 344 
PHE HB3    H N N 345 
PHE HD1    H N N 346 
PHE HD2    H N N 347 
PHE HE1    H N N 348 
PHE HE2    H N N 349 
PHE HZ     H N N 350 
PHE HXT    H N N 351 
PRO N      N N N 352 
PRO CA     C N S 353 
PRO C      C N N 354 
PRO O      O N N 355 
PRO CB     C N N 356 
PRO CG     C N N 357 
PRO CD     C N N 358 
PRO OXT    O N N 359 
PRO H      H N N 360 
PRO HA     H N N 361 
PRO HB2    H N N 362 
PRO HB3    H N N 363 
PRO HG2    H N N 364 
PRO HG3    H N N 365 
PRO HD2    H N N 366 
PRO HD3    H N N 367 
PRO HXT    H N N 368 
SER N      N N N 369 
SER CA     C N S 370 
SER C      C N N 371 
SER O      O N N 372 
SER CB     C N N 373 
SER OG     O N N 374 
SER OXT    O N N 375 
SER H      H N N 376 
SER H2     H N N 377 
SER HA     H N N 378 
SER HB2    H N N 379 
SER HB3    H N N 380 
SER HG     H N N 381 
SER HXT    H N N 382 
THR N      N N N 383 
THR CA     C N S 384 
THR C      C N N 385 
THR O      O N N 386 
THR CB     C N R 387 
THR OG1    O N N 388 
THR CG2    C N N 389 
THR OXT    O N N 390 
THR H      H N N 391 
THR H2     H N N 392 
THR HA     H N N 393 
THR HB     H N N 394 
THR HG1    H N N 395 
THR HG21   H N N 396 
THR HG22   H N N 397 
THR HG23   H N N 398 
THR HXT    H N N 399 
TRP N      N N N 400 
TRP CA     C N S 401 
TRP C      C N N 402 
TRP O      O N N 403 
TRP CB     C N N 404 
TRP CG     C Y N 405 
TRP CD1    C Y N 406 
TRP CD2    C Y N 407 
TRP NE1    N Y N 408 
TRP CE2    C Y N 409 
TRP CE3    C Y N 410 
TRP CZ2    C Y N 411 
TRP CZ3    C Y N 412 
TRP CH2    C Y N 413 
TRP OXT    O N N 414 
TRP H      H N N 415 
TRP H2     H N N 416 
TRP HA     H N N 417 
TRP HB2    H N N 418 
TRP HB3    H N N 419 
TRP HD1    H N N 420 
TRP HE1    H N N 421 
TRP HE3    H N N 422 
TRP HZ2    H N N 423 
TRP HZ3    H N N 424 
TRP HH2    H N N 425 
TRP HXT    H N N 426 
TYR N      N N N 427 
TYR CA     C N S 428 
TYR C      C N N 429 
TYR O      O N N 430 
TYR CB     C N N 431 
TYR CG     C Y N 432 
TYR CD1    C Y N 433 
TYR CD2    C Y N 434 
TYR CE1    C Y N 435 
TYR CE2    C Y N 436 
TYR CZ     C Y N 437 
TYR OH     O N N 438 
TYR OXT    O N N 439 
TYR H      H N N 440 
TYR H2     H N N 441 
TYR HA     H N N 442 
TYR HB2    H N N 443 
TYR HB3    H N N 444 
TYR HD1    H N N 445 
TYR HD2    H N N 446 
TYR HE1    H N N 447 
TYR HE2    H N N 448 
TYR HH     H N N 449 
TYR HXT    H N N 450 
VAL N      N N N 451 
VAL CA     C N S 452 
VAL C      C N N 453 
VAL O      O N N 454 
VAL CB     C N N 455 
VAL CG1    C N N 456 
VAL CG2    C N N 457 
VAL OXT    O N N 458 
VAL H      H N N 459 
VAL H2     H N N 460 
VAL HA     H N N 461 
VAL HB     H N N 462 
VAL HG11   H N N 463 
VAL HG12   H N N 464 
VAL HG13   H N N 465 
VAL HG21   H N N 466 
VAL HG22   H N N 467 
VAL HG23   H N N 468 
VAL HXT    H N N 469 
# 
loop_
_chem_comp_bond.comp_id 
_chem_comp_bond.atom_id_1 
_chem_comp_bond.atom_id_2 
_chem_comp_bond.value_order 
_chem_comp_bond.pdbx_aromatic_flag 
_chem_comp_bond.pdbx_stereo_config 
_chem_comp_bond.pdbx_ordinal 
A   OP3   P      sing N N 1   
A   OP3   HOP3   sing N N 2   
A   P     OP1    doub N N 3   
A   P     OP2    sing N N 4   
A   P     "O5'"  sing N N 5   
A   OP2   HOP2   sing N N 6   
A   "O5'" "C5'"  sing N N 7   
A   "C5'" "C4'"  sing N N 8   
A   "C5'" "H5'"  sing N N 9   
A   "C5'" "H5''" sing N N 10  
A   "C4'" "O4'"  sing N N 11  
A   "C4'" "C3'"  sing N N 12  
A   "C4'" "H4'"  sing N N 13  
A   "O4'" "C1'"  sing N N 14  
A   "C3'" "O3'"  sing N N 15  
A   "C3'" "C2'"  sing N N 16  
A   "C3'" "H3'"  sing N N 17  
A   "O3'" "HO3'" sing N N 18  
A   "C2'" "O2'"  sing N N 19  
A   "C2'" "C1'"  sing N N 20  
A   "C2'" "H2'"  sing N N 21  
A   "O2'" "HO2'" sing N N 22  
A   "C1'" N9     sing N N 23  
A   "C1'" "H1'"  sing N N 24  
A   N9    C8     sing Y N 25  
A   N9    C4     sing Y N 26  
A   C8    N7     doub Y N 27  
A   C8    H8     sing N N 28  
A   N7    C5     sing Y N 29  
A   C5    C6     sing Y N 30  
A   C5    C4     doub Y N 31  
A   C6    N6     sing N N 32  
A   C6    N1     doub Y N 33  
A   N6    H61    sing N N 34  
A   N6    H62    sing N N 35  
A   N1    C2     sing Y N 36  
A   C2    N3     doub Y N 37  
A   C2    H2     sing N N 38  
A   N3    C4     sing Y N 39  
ACE C     O      doub N N 40  
ACE C     CH3    sing N N 41  
ACE C     H      sing N N 42  
ACE CH3   H1     sing N N 43  
ACE CH3   H2     sing N N 44  
ACE CH3   H3     sing N N 45  
ALA N     CA     sing N N 46  
ALA N     H      sing N N 47  
ALA N     H2     sing N N 48  
ALA CA    C      sing N N 49  
ALA CA    CB     sing N N 50  
ALA CA    HA     sing N N 51  
ALA C     O      doub N N 52  
ALA C     OXT    sing N N 53  
ALA CB    HB1    sing N N 54  
ALA CB    HB2    sing N N 55  
ALA CB    HB3    sing N N 56  
ALA OXT   HXT    sing N N 57  
ARG N     CA     sing N N 58  
ARG N     H      sing N N 59  
ARG N     H2     sing N N 60  
ARG CA    C      sing N N 61  
ARG CA    CB     sing N N 62  
ARG CA    HA     sing N N 63  
ARG C     O      doub N N 64  
ARG C     OXT    sing N N 65  
ARG CB    CG     sing N N 66  
ARG CB    HB2    sing N N 67  
ARG CB    HB3    sing N N 68  
ARG CG    CD     sing N N 69  
ARG CG    HG2    sing N N 70  
ARG CG    HG3    sing N N 71  
ARG CD    NE     sing N N 72  
ARG CD    HD2    sing N N 73  
ARG CD    HD3    sing N N 74  
ARG NE    CZ     sing N N 75  
ARG NE    HE     sing N N 76  
ARG CZ    NH1    sing N N 77  
ARG CZ    NH2    doub N N 78  
ARG NH1   HH11   sing N N 79  
ARG NH1   HH12   sing N N 80  
ARG NH2   HH21   sing N N 81  
ARG NH2   HH22   sing N N 82  
ARG OXT   HXT    sing N N 83  
ASN N     CA     sing N N 84  
ASN N     H      sing N N 85  
ASN N     H2     sing N N 86  
ASN CA    C      sing N N 87  
ASN CA    CB     sing N N 88  
ASN CA    HA     sing N N 89  
ASN C     O      doub N N 90  
ASN C     OXT    sing N N 91  
ASN CB    CG     sing N N 92  
ASN CB    HB2    sing N N 93  
ASN CB    HB3    sing N N 94  
ASN CG    OD1    doub N N 95  
ASN CG    ND2    sing N N 96  
ASN ND2   HD21   sing N N 97  
ASN ND2   HD22   sing N N 98  
ASN OXT   HXT    sing N N 99  
ASP N     CA     sing N N 100 
ASP N     H      sing N N 101 
ASP N     H2     sing N N 102 
ASP CA    C      sing N N 103 
ASP CA    CB     sing N N 104 
ASP CA    HA     sing N N 105 
ASP C     O      doub N N 106 
ASP C     OXT    sing N N 107 
ASP CB    CG     sing N N 108 
ASP CB    HB2    sing N N 109 
ASP CB    HB3    sing N N 110 
ASP CG    OD1    doub N N 111 
ASP CG    OD2    sing N N 112 
ASP OD2   HD2    sing N N 113 
ASP OXT   HXT    sing N N 114 
CYS N     CA     sing N N 115 
CYS N     H      sing N N 116 
CYS N     H2     sing N N 117 
CYS CA    C      sing N N 118 
CYS CA    CB     sing N N 119 
CYS CA    HA     sing N N 120 
CYS C     O      doub N N 121 
CYS C     OXT    sing N N 122 
CYS CB    SG     sing N N 123 
CYS CB    HB2    sing N N 124 
CYS CB    HB3    sing N N 125 
CYS SG    HG     sing N N 126 
CYS OXT   HXT    sing N N 127 
G   OP3   P      sing N N 128 
G   OP3   HOP3   sing N N 129 
G   P     OP1    doub N N 130 
G   P     OP2    sing N N 131 
G   P     "O5'"  sing N N 132 
G   OP2   HOP2   sing N N 133 
G   "O5'" "C5'"  sing N N 134 
G   "C5'" "C4'"  sing N N 135 
G   "C5'" "H5'"  sing N N 136 
G   "C5'" "H5''" sing N N 137 
G   "C4'" "O4'"  sing N N 138 
G   "C4'" "C3'"  sing N N 139 
G   "C4'" "H4'"  sing N N 140 
G   "O4'" "C1'"  sing N N 141 
G   "C3'" "O3'"  sing N N 142 
G   "C3'" "C2'"  sing N N 143 
G   "C3'" "H3'"  sing N N 144 
G   "O3'" "HO3'" sing N N 145 
G   "C2'" "O2'"  sing N N 146 
G   "C2'" "C1'"  sing N N 147 
G   "C2'" "H2'"  sing N N 148 
G   "O2'" "HO2'" sing N N 149 
G   "C1'" N9     sing N N 150 
G   "C1'" "H1'"  sing N N 151 
G   N9    C8     sing Y N 152 
G   N9    C4     sing Y N 153 
G   C8    N7     doub Y N 154 
G   C8    H8     sing N N 155 
G   N7    C5     sing Y N 156 
G   C5    C6     sing N N 157 
G   C5    C4     doub Y N 158 
G   C6    O6     doub N N 159 
G   C6    N1     sing N N 160 
G   N1    C2     sing N N 161 
G   N1    H1     sing N N 162 
G   C2    N2     sing N N 163 
G   C2    N3     doub N N 164 
G   N2    H21    sing N N 165 
G   N2    H22    sing N N 166 
G   N3    C4     sing N N 167 
GLN N     CA     sing N N 168 
GLN N     H      sing N N 169 
GLN N     H2     sing N N 170 
GLN CA    C      sing N N 171 
GLN CA    CB     sing N N 172 
GLN CA    HA     sing N N 173 
GLN C     O      doub N N 174 
GLN C     OXT    sing N N 175 
GLN CB    CG     sing N N 176 
GLN CB    HB2    sing N N 177 
GLN CB    HB3    sing N N 178 
GLN CG    CD     sing N N 179 
GLN CG    HG2    sing N N 180 
GLN CG    HG3    sing N N 181 
GLN CD    OE1    doub N N 182 
GLN CD    NE2    sing N N 183 
GLN NE2   HE21   sing N N 184 
GLN NE2   HE22   sing N N 185 
GLN OXT   HXT    sing N N 186 
GLU N     CA     sing N N 187 
GLU N     H      sing N N 188 
GLU N     H2     sing N N 189 
GLU CA    C      sing N N 190 
GLU CA    CB     sing N N 191 
GLU CA    HA     sing N N 192 
GLU C     O      doub N N 193 
GLU C     OXT    sing N N 194 
GLU CB    CG     sing N N 195 
GLU CB    HB2    sing N N 196 
GLU CB    HB3    sing N N 197 
GLU CG    CD     sing N N 198 
GLU CG    HG2    sing N N 199 
GLU CG    HG3    sing N N 200 
GLU CD    OE1    doub N N 201 
GLU CD    OE2    sing N N 202 
GLU OE2   HE2    sing N N 203 
GLU OXT   HXT    sing N N 204 
GLY N     CA     sing N N 205 
GLY N     H      sing N N 206 
GLY N     H2     sing N N 207 
GLY CA    C      sing N N 208 
GLY CA    HA2    sing N N 209 
GLY CA    HA3    sing N N 210 
GLY C     O      doub N N 211 
GLY C     OXT    sing N N 212 
GLY OXT   HXT    sing N N 213 
HIS N     CA     sing N N 214 
HIS N     H      sing N N 215 
HIS N     H2     sing N N 216 
HIS CA    C      sing N N 217 
HIS CA    CB     sing N N 218 
HIS CA    HA     sing N N 219 
HIS C     O      doub N N 220 
HIS C     OXT    sing N N 221 
HIS CB    CG     sing N N 222 
HIS CB    HB2    sing N N 223 
HIS CB    HB3    sing N N 224 
HIS CG    ND1    sing Y N 225 
HIS CG    CD2    doub Y N 226 
HIS ND1   CE1    doub Y N 227 
HIS ND1   HD1    sing N N 228 
HIS CD2   NE2    sing Y N 229 
HIS CD2   HD2    sing N N 230 
HIS CE1   NE2    sing Y N 231 
HIS CE1   HE1    sing N N 232 
HIS NE2   HE2    sing N N 233 
HIS OXT   HXT    sing N N 234 
ILE N     CA     sing N N 235 
ILE N     H      sing N N 236 
ILE N     H2     sing N N 237 
ILE CA    C      sing N N 238 
ILE CA    CB     sing N N 239 
ILE CA    HA     sing N N 240 
ILE C     O      doub N N 241 
ILE C     OXT    sing N N 242 
ILE CB    CG1    sing N N 243 
ILE CB    CG2    sing N N 244 
ILE CB    HB     sing N N 245 
ILE CG1   CD1    sing N N 246 
ILE CG1   HG12   sing N N 247 
ILE CG1   HG13   sing N N 248 
ILE CG2   HG21   sing N N 249 
ILE CG2   HG22   sing N N 250 
ILE CG2   HG23   sing N N 251 
ILE CD1   HD11   sing N N 252 
ILE CD1   HD12   sing N N 253 
ILE CD1   HD13   sing N N 254 
ILE OXT   HXT    sing N N 255 
LEU N     CA     sing N N 256 
LEU N     H      sing N N 257 
LEU N     H2     sing N N 258 
LEU CA    C      sing N N 259 
LEU CA    CB     sing N N 260 
LEU CA    HA     sing N N 261 
LEU C     O      doub N N 262 
LEU C     OXT    sing N N 263 
LEU CB    CG     sing N N 264 
LEU CB    HB2    sing N N 265 
LEU CB    HB3    sing N N 266 
LEU CG    CD1    sing N N 267 
LEU CG    CD2    sing N N 268 
LEU CG    HG     sing N N 269 
LEU CD1   HD11   sing N N 270 
LEU CD1   HD12   sing N N 271 
LEU CD1   HD13   sing N N 272 
LEU CD2   HD21   sing N N 273 
LEU CD2   HD22   sing N N 274 
LEU CD2   HD23   sing N N 275 
LEU OXT   HXT    sing N N 276 
LYS N     CA     sing N N 277 
LYS N     H      sing N N 278 
LYS N     H2     sing N N 279 
LYS CA    C      sing N N 280 
LYS CA    CB     sing N N 281 
LYS CA    HA     sing N N 282 
LYS C     O      doub N N 283 
LYS C     OXT    sing N N 284 
LYS CB    CG     sing N N 285 
LYS CB    HB2    sing N N 286 
LYS CB    HB3    sing N N 287 
LYS CG    CD     sing N N 288 
LYS CG    HG2    sing N N 289 
LYS CG    HG3    sing N N 290 
LYS CD    CE     sing N N 291 
LYS CD    HD2    sing N N 292 
LYS CD    HD3    sing N N 293 
LYS CE    NZ     sing N N 294 
LYS CE    HE2    sing N N 295 
LYS CE    HE3    sing N N 296 
LYS NZ    HZ1    sing N N 297 
LYS NZ    HZ2    sing N N 298 
LYS NZ    HZ3    sing N N 299 
LYS OXT   HXT    sing N N 300 
MET N     CA     sing N N 301 
MET N     H      sing N N 302 
MET N     H2     sing N N 303 
MET CA    C      sing N N 304 
MET CA    CB     sing N N 305 
MET CA    HA     sing N N 306 
MET C     O      doub N N 307 
MET C     OXT    sing N N 308 
MET CB    CG     sing N N 309 
MET CB    HB2    sing N N 310 
MET CB    HB3    sing N N 311 
MET CG    SD     sing N N 312 
MET CG    HG2    sing N N 313 
MET CG    HG3    sing N N 314 
MET SD    CE     sing N N 315 
MET CE    HE1    sing N N 316 
MET CE    HE2    sing N N 317 
MET CE    HE3    sing N N 318 
MET OXT   HXT    sing N N 319 
PHE N     CA     sing N N 320 
PHE N     H      sing N N 321 
PHE N     H2     sing N N 322 
PHE CA    C      sing N N 323 
PHE CA    CB     sing N N 324 
PHE CA    HA     sing N N 325 
PHE C     O      doub N N 326 
PHE C     OXT    sing N N 327 
PHE CB    CG     sing N N 328 
PHE CB    HB2    sing N N 329 
PHE CB    HB3    sing N N 330 
PHE CG    CD1    doub Y N 331 
PHE CG    CD2    sing Y N 332 
PHE CD1   CE1    sing Y N 333 
PHE CD1   HD1    sing N N 334 
PHE CD2   CE2    doub Y N 335 
PHE CD2   HD2    sing N N 336 
PHE CE1   CZ     doub Y N 337 
PHE CE1   HE1    sing N N 338 
PHE CE2   CZ     sing Y N 339 
PHE CE2   HE2    sing N N 340 
PHE CZ    HZ     sing N N 341 
PHE OXT   HXT    sing N N 342 
PRO N     CA     sing N N 343 
PRO N     CD     sing N N 344 
PRO N     H      sing N N 345 
PRO CA    C      sing N N 346 
PRO CA    CB     sing N N 347 
PRO CA    HA     sing N N 348 
PRO C     O      doub N N 349 
PRO C     OXT    sing N N 350 
PRO CB    CG     sing N N 351 
PRO CB    HB2    sing N N 352 
PRO CB    HB3    sing N N 353 
PRO CG    CD     sing N N 354 
PRO CG    HG2    sing N N 355 
PRO CG    HG3    sing N N 356 
PRO CD    HD2    sing N N 357 
PRO CD    HD3    sing N N 358 
PRO OXT   HXT    sing N N 359 
SER N     CA     sing N N 360 
SER N     H      sing N N 361 
SER N     H2     sing N N 362 
SER CA    C      sing N N 363 
SER CA    CB     sing N N 364 
SER CA    HA     sing N N 365 
SER C     O      doub N N 366 
SER C     OXT    sing N N 367 
SER CB    OG     sing N N 368 
SER CB    HB2    sing N N 369 
SER CB    HB3    sing N N 370 
SER OG    HG     sing N N 371 
SER OXT   HXT    sing N N 372 
THR N     CA     sing N N 373 
THR N     H      sing N N 374 
THR N     H2     sing N N 375 
THR CA    C      sing N N 376 
THR CA    CB     sing N N 377 
THR CA    HA     sing N N 378 
THR C     O      doub N N 379 
THR C     OXT    sing N N 380 
THR CB    OG1    sing N N 381 
THR CB    CG2    sing N N 382 
THR CB    HB     sing N N 383 
THR OG1   HG1    sing N N 384 
THR CG2   HG21   sing N N 385 
THR CG2   HG22   sing N N 386 
THR CG2   HG23   sing N N 387 
THR OXT   HXT    sing N N 388 
TRP N     CA     sing N N 389 
TRP N     H      sing N N 390 
TRP N     H2     sing N N 391 
TRP CA    C      sing N N 392 
TRP CA    CB     sing N N 393 
TRP CA    HA     sing N N 394 
TRP C     O      doub N N 395 
TRP C     OXT    sing N N 396 
TRP CB    CG     sing N N 397 
TRP CB    HB2    sing N N 398 
TRP CB    HB3    sing N N 399 
TRP CG    CD1    doub Y N 400 
TRP CG    CD2    sing Y N 401 
TRP CD1   NE1    sing Y N 402 
TRP CD1   HD1    sing N N 403 
TRP CD2   CE2    doub Y N 404 
TRP CD2   CE3    sing Y N 405 
TRP NE1   CE2    sing Y N 406 
TRP NE1   HE1    sing N N 407 
TRP CE2   CZ2    sing Y N 408 
TRP CE3   CZ3    doub Y N 409 
TRP CE3   HE3    sing N N 410 
TRP CZ2   CH2    doub Y N 411 
TRP CZ2   HZ2    sing N N 412 
TRP CZ3   CH2    sing Y N 413 
TRP CZ3   HZ3    sing N N 414 
TRP CH2   HH2    sing N N 415 
TRP OXT   HXT    sing N N 416 
TYR N     CA     sing N N 417 
TYR N     H      sing N N 418 
TYR N     H2     sing N N 419 
TYR CA    C      sing N N 420 
TYR CA    CB     sing N N 421 
TYR CA    HA     sing N N 422 
TYR C     O      doub N N 423 
TYR C     OXT    sing N N 424 
TYR CB    CG     sing N N 425 
TYR CB    HB2    sing N N 426 
TYR CB    HB3    sing N N 427 
TYR CG    CD1    doub Y N 428 
TYR CG    CD2    sing Y N 429 
TYR CD1   CE1    sing Y N 430 
TYR CD1   HD1    sing N N 431 
TYR CD2   CE2    doub Y N 432 
TYR CD2   HD2    sing N N 433 
TYR CE1   CZ     doub Y N 434 
TYR CE1   HE1    sing N N 435 
TYR CE2   CZ     sing Y N 436 
TYR CE2   HE2    sing N N 437 
TYR CZ    OH     sing N N 438 
TYR OH    HH     sing N N 439 
TYR OXT   HXT    sing N N 440 
VAL N     CA     sing N N 441 
VAL N     H      sing N N 442 
VAL N     H2     sing N N 443 
VAL CA    C      sing N N 444 
VAL CA    CB     sing N N 445 
VAL CA    HA     sing N N 446 
VAL C     O      doub N N 447 
VAL C     OXT    sing N N 448 
VAL CB    CG1    sing N N 449 
VAL CB    CG2    sing N N 450 
VAL CB    HB     sing N N 451 
VAL CG1   HG11   sing N N 452 
VAL CG1   HG12   sing N N 453 
VAL CG1   HG13   sing N N 454 
VAL CG2   HG21   sing N N 455 
VAL CG2   HG22   sing N N 456 
VAL CG2   HG23   sing N N 457 
VAL OXT   HXT    sing N N 458 
# 
_pdbx_initial_refinement_model.id               1 
_pdbx_initial_refinement_model.entity_id_list   ? 
_pdbx_initial_refinement_model.type             'experimental model' 
_pdbx_initial_refinement_model.source_name      PDB 
_pdbx_initial_refinement_model.accession_code   2TMV 
_pdbx_initial_refinement_model.details          'PDB ENTRY 2TMV' 
# 
_atom_sites.entry_id                    1RMV 
_atom_sites.fract_transf_matrix[1][1]   1.000000 
_atom_sites.fract_transf_matrix[1][2]   0.000000 
_atom_sites.fract_transf_matrix[1][3]   0.000000 
_atom_sites.fract_transf_matrix[2][1]   0.000000 
_atom_sites.fract_transf_matrix[2][2]   1.000000 
_atom_sites.fract_transf_matrix[2][3]   0.000000 
_atom_sites.fract_transf_matrix[3][1]   0.000000 
_atom_sites.fract_transf_matrix[3][2]   0.000000 
_atom_sites.fract_transf_matrix[3][3]   1.000000 
_atom_sites.fract_transf_vector[1]      0.00000 
_atom_sites.fract_transf_vector[2]      0.00000 
_atom_sites.fract_transf_vector[3]      0.00000 
# 
loop_
_atom_type.symbol 
C 
N 
O 
P 
S 
# 
loop_
_atom_site.group_PDB 
_atom_site.id 
_atom_site.type_symbol 
_atom_site.label_atom_id 
_atom_site.label_alt_id 
_atom_site.label_comp_id 
_atom_site.label_asym_id 
_atom_site.label_entity_id 
_atom_site.label_seq_id 
_atom_site.pdbx_PDB_ins_code 
_atom_site.Cartn_x 
_atom_site.Cartn_y 
_atom_site.Cartn_z 
_atom_site.occupancy 
_atom_site.B_iso_or_equiv 
_atom_site.pdbx_formal_charge 
_atom_site.auth_seq_id 
_atom_site.auth_comp_id 
_atom_site.auth_asym_id 
_atom_site.auth_atom_id 
_atom_site.pdbx_PDB_model_num 
ATOM   1    P P     . G   A 1 1   ? -0.816  -6.541  -25.407 1.00 40.90  ? 165 G   B P     1 
ATOM   2    O OP1   . G   A 1 1   ? -1.935  -5.802  -24.778 1.00 50.75  ? 165 G   B OP1   1 
ATOM   3    O OP2   . G   A 1 1   ? -1.033  -7.967  -25.723 1.00 26.26  ? 165 G   B OP2   1 
ATOM   4    O "O5'" . G   A 1 1   ? 0.563   -6.428  -24.471 1.00 45.67  ? 165 G   B "O5'" 1 
ATOM   5    C "C5'" . G   A 1 1   ? 0.983   -5.540  -23.403 1.00 12.56  ? 165 G   B "C5'" 1 
ATOM   6    C "C4'" . G   A 1 1   ? 1.282   -4.121  -23.923 1.00 35.63  ? 165 G   B "C4'" 1 
ATOM   7    O "O4'" . G   A 1 1   ? -0.005  -3.668  -24.410 1.00 47.37  ? 165 G   B "O4'" 1 
ATOM   8    C "C3'" . G   A 1 1   ? 1.845   -2.995  -22.940 1.00 39.59  ? 165 G   B "C3'" 1 
ATOM   9    O "O3'" . G   A 1 1   ? 3.198   -2.412  -23.196 1.00 37.51  ? 165 G   B "O3'" 1 
ATOM   10   C "C2'" . G   A 1 1   ? 0.746   -2.019  -23.327 1.00 17.81  ? 165 G   B "C2'" 1 
ATOM   11   O "O2'" . G   A 1 1   ? 0.927   -0.654  -23.022 1.00 40.37  ? 165 G   B "O2'" 1 
ATOM   12   C "C1'" . G   A 1 1   ? 0.126   -2.300  -24.648 1.00 25.70  ? 165 G   B "C1'" 1 
ATOM   13   N N9    . G   A 1 1   ? -1.066  -1.551  -24.489 1.00 7.62   ? 165 G   B N9    1 
ATOM   14   C C8    . G   A 1 1   ? -2.044  -1.759  -23.584 1.00 35.01  ? 165 G   B C8    1 
ATOM   15   N N7    . G   A 1 1   ? -2.907  -0.795  -23.562 1.00 50.90  ? 165 G   B N7    1 
ATOM   16   C C5    . G   A 1 1   ? -2.480  0.104   -24.553 1.00 59.65  ? 165 G   B C5    1 
ATOM   17   C C6    . G   A 1 1   ? -3.042  1.374   -25.000 1.00 54.98  ? 165 G   B C6    1 
ATOM   18   O O6    . G   A 1 1   ? -4.023  2.005   -24.592 1.00 48.18  ? 165 G   B O6    1 
ATOM   19   N N1    . G   A 1 1   ? -2.285  1.927   -26.029 1.00 39.11  ? 165 G   B N1    1 
ATOM   20   C C2    . G   A 1 1   ? -1.145  1.361   -26.564 1.00 47.52  ? 165 G   B C2    1 
ATOM   21   N N2    . G   A 1 1   ? -0.591  2.086   -27.535 1.00 22.45  ? 165 G   B N2    1 
ATOM   22   N N3    . G   A 1 1   ? -0.625  0.183   -26.142 1.00 53.97  ? 165 G   B N3    1 
ATOM   23   C C4    . G   A 1 1   ? -1.341  -0.383  -25.137 1.00 35.83  ? 165 G   B C4    1 
ATOM   24   P P     . A   A 1 2   ? 4.502   -1.890  -22.254 1.00 15.11  ? 166 A   B P     1 
ATOM   25   O OP1   . A   A 1 2   ? 4.061   -1.084  -21.101 1.00 9.81   ? 166 A   B OP1   1 
ATOM   26   O OP2   . A   A 1 2   ? 5.522   -1.326  -23.159 1.00 52.21  ? 166 A   B OP2   1 
ATOM   27   O "O5'" . A   A 1 2   ? 5.217   -3.237  -21.718 1.00 51.64  ? 166 A   B "O5'" 1 
ATOM   28   C "C5'" . A   A 1 2   ? 4.487   -4.204  -20.975 1.00 37.30  ? 166 A   B "C5'" 1 
ATOM   29   C "C4'" . A   A 1 2   ? 4.205   -3.636  -19.623 1.00 18.16  ? 166 A   B "C4'" 1 
ATOM   30   O "O4'" . A   A 1 2   ? 2.977   -4.092  -19.068 1.00 36.23  ? 166 A   B "O4'" 1 
ATOM   31   C "C3'" . A   A 1 2   ? 5.304   -3.962  -18.697 1.00 40.54  ? 166 A   B "C3'" 1 
ATOM   32   O "O3'" . A   A 1 2   ? 6.633   -3.383  -19.032 1.00 68.40  ? 166 A   B "O3'" 1 
ATOM   33   C "C2'" . A   A 1 2   ? 4.640   -3.893  -17.342 1.00 24.90  ? 166 A   B "C2'" 1 
ATOM   34   O "O2'" . A   A 1 2   ? 4.593   -2.556  -16.855 1.00 29.10  ? 166 A   B "O2'" 1 
ATOM   35   C "C1'" . A   A 1 2   ? 3.212   -4.339  -17.691 1.00 40.41  ? 166 A   B "C1'" 1 
ATOM   36   N N9    . A   A 1 2   ? 2.784   -5.723  -17.443 1.00 29.74  ? 166 A   B N9    1 
ATOM   37   C C8    . A   A 1 2   ? 2.389   -6.696  -18.344 1.00 36.34  ? 166 A   B C8    1 
ATOM   38   N N7    . A   A 1 2   ? 2.021   -7.817  -17.791 1.00 41.75  ? 166 A   B N7    1 
ATOM   39   C C5    . A   A 1 2   ? 2.199   -7.581  -16.418 1.00 59.67  ? 166 A   B C5    1 
ATOM   40   C C6    . A   A 1 2   ? 1.982   -8.384  -15.254 1.00 61.62  ? 166 A   B C6    1 
ATOM   41   N N6    . A   A 1 2   ? 1.475   -9.619  -15.282 1.00 31.45  ? 166 A   B N6    1 
ATOM   42   N N1    . A   A 1 2   ? 2.263   -7.827  -14.054 1.00 62.76  ? 166 A   B N1    1 
ATOM   43   C C2    . A   A 1 2   ? 2.714   -6.575  -14.017 1.00 56.55  ? 166 A   B C2    1 
ATOM   44   N N3    . A   A 1 2   ? 2.947   -5.729  -15.015 1.00 41.64  ? 166 A   B N3    1 
ATOM   45   C C4    . A   A 1 2   ? 2.664   -6.304  -16.208 1.00 41.07  ? 166 A   B C4    1 
ATOM   46   P P     . A   A 1 3   ? 7.758   -2.344  -18.353 1.00 21.80  ? 167 A   B P     1 
ATOM   47   O OP1   . A   A 1 3   ? 9.077   -2.670  -18.935 1.00 7.60   ? 167 A   B OP1   1 
ATOM   48   O OP2   . A   A 1 3   ? 7.602   -2.314  -16.868 1.00 31.39  ? 167 A   B OP2   1 
ATOM   49   O "O5'" . A   A 1 3   ? 7.323   -0.839  -18.895 1.00 59.21  ? 167 A   B "O5'" 1 
ATOM   50   C "C5'" . A   A 1 3   ? 7.777   -0.359  -20.186 1.00 69.93  ? 167 A   B "C5'" 1 
ATOM   51   C "C4'" . A   A 1 3   ? 7.810   1.178   -20.453 1.00 54.71  ? 167 A   B "C4'" 1 
ATOM   52   O "O4'" . A   A 1 3   ? 6.573   1.917   -20.470 1.00 7.67   ? 167 A   B "O4'" 1 
ATOM   53   C "C3'" . A   A 1 3   ? 8.503   2.048   -19.463 1.00 45.85  ? 167 A   B "C3'" 1 
ATOM   54   O "O3'" . A   A 1 3   ? 9.781   1.648   -18.964 1.00 22.80  ? 167 A   B "O3'" 1 
ATOM   55   C "C2'" . A   A 1 3   ? 8.284   3.425   -20.128 1.00 13.67  ? 167 A   B "C2'" 1 
ATOM   56   O "O2'" . A   A 1 3   ? 8.825   3.667   -21.431 1.00 50.66  ? 167 A   B "O2'" 1 
ATOM   57   C "C1'" . A   A 1 3   ? 6.818   3.334   -20.335 1.00 7.59   ? 167 A   B "C1'" 1 
ATOM   58   N N9    . A   A 1 3   ? 6.281   4.057   -19.177 1.00 39.60  ? 167 A   B N9    1 
ATOM   59   C C8    . A   A 1 3   ? 6.123   5.389   -19.165 1.00 55.18  ? 167 A   B C8    1 
ATOM   60   N N7    . A   A 1 3   ? 5.725   5.844   -18.027 1.00 24.21  ? 167 A   B N7    1 
ATOM   61   C C5    . A   A 1 3   ? 5.588   4.746   -17.215 1.00 21.30  ? 167 A   B C5    1 
ATOM   62   C C6    . A   A 1 3   ? 5.193   4.621   -15.884 1.00 44.64  ? 167 A   B C6    1 
ATOM   63   N N6    . A   A 1 3   ? 4.885   5.692   -15.149 1.00 55.11  ? 167 A   B N6    1 
ATOM   64   N N1    . A   A 1 3   ? 5.141   3.391   -15.353 1.00 29.35  ? 167 A   B N1    1 
ATOM   65   C C2    . A   A 1 3   ? 5.477   2.375   -16.121 1.00 21.35  ? 167 A   B C2    1 
ATOM   66   N N3    . A   A 1 3   ? 5.880   2.366   -17.395 1.00 48.31  ? 167 A   B N3    1 
ATOM   67   C C4    . A   A 1 3   ? 5.915   3.622   -17.898 1.00 43.59  ? 167 A   B C4    1 
HETATM 68   C C     . ACE B 2 1   ? 3.306   -6.302  32.753  1.00 30.76  ? 0   ACE A C     1 
HETATM 69   O O     . ACE B 2 1   ? 2.159   -6.703  32.628  1.00 23.32  ? 0   ACE A O     1 
HETATM 70   C CH3   . ACE B 2 1   ? 4.159   -6.670  33.953  1.00 37.57  ? 0   ACE A CH3   1 
ATOM   71   N N     . SER B 2 2   ? 3.859   -5.493  31.862  1.00 37.15  ? 1   SER A N     1 
ATOM   72   C CA    . SER B 2 2   ? 3.139   -5.109  30.655  1.00 33.06  ? 1   SER A CA    1 
ATOM   73   C C     . SER B 2 2   ? 4.176   -5.139  29.541  1.00 17.73  ? 1   SER A C     1 
ATOM   74   O O     . SER B 2 2   ? 5.187   -5.770  29.707  1.00 14.91  ? 1   SER A O     1 
ATOM   75   C CB    . SER B 2 2   ? 2.503   -3.737  30.826  1.00 28.04  ? 1   SER A CB    1 
ATOM   76   O OG    . SER B 2 2   ? 1.442   -3.602  29.907  1.00 26.36  ? 1   SER A OG    1 
ATOM   77   N N     . TYR B 2 3   ? 3.949   -4.562  28.367  1.00 46.24  ? 2   TYR A N     1 
ATOM   78   C CA    . TYR B 2 3   ? 4.984   -4.620  27.320  1.00 58.97  ? 2   TYR A CA    1 
ATOM   79   C C     . TYR B 2 3   ? 5.929   -3.457  27.577  1.00 56.86  ? 2   TYR A C     1 
ATOM   80   O O     . TYR B 2 3   ? 5.472   -2.347  27.860  1.00 62.69  ? 2   TYR A O     1 
ATOM   81   C CB    . TYR B 2 3   ? 4.331   -4.505  25.924  1.00 62.53  ? 2   TYR A CB    1 
ATOM   82   C CG    . TYR B 2 3   ? 4.933   -5.246  24.740  1.00 42.86  ? 2   TYR A CG    1 
ATOM   83   C CD1   . TYR B 2 3   ? 5.567   -6.480  24.895  1.00 38.54  ? 2   TYR A CD1   1 
ATOM   84   C CD2   . TYR B 2 3   ? 4.767   -4.757  23.439  1.00 41.31  ? 2   TYR A CD2   1 
ATOM   85   C CE1   . TYR B 2 3   ? 5.992   -7.210  23.787  1.00 39.36  ? 2   TYR A CE1   1 
ATOM   86   C CE2   . TYR B 2 3   ? 5.186   -5.474  22.329  1.00 39.89  ? 2   TYR A CE2   1 
ATOM   87   C CZ    . TYR B 2 3   ? 5.806   -6.700  22.510  1.00 37.90  ? 2   TYR A CZ    1 
ATOM   88   O OH    . TYR B 2 3   ? 6.224   -7.426  21.417  1.00 27.54  ? 2   TYR A OH    1 
ATOM   89   N N     . ASN B 2 4   ? 7.236   -3.701  27.557  1.00 48.84  ? 3   ASN A N     1 
ATOM   90   C CA    . ASN B 2 4   ? 8.186   -2.619  27.794  1.00 49.70  ? 3   ASN A CA    1 
ATOM   91   C C     . ASN B 2 4   ? 9.405   -2.734  26.887  1.00 32.06  ? 3   ASN A C     1 
ATOM   92   O O     . ASN B 2 4   ? 10.471  -3.201  27.300  1.00 7.56   ? 3   ASN A O     1 
ATOM   93   C CB    . ASN B 2 4   ? 8.584   -2.550  29.277  1.00 58.20  ? 3   ASN A CB    1 
ATOM   94   C CG    . ASN B 2 4   ? 8.714   -1.106  29.782  1.00 60.23  ? 3   ASN A CG    1 
ATOM   95   O OD1   . ASN B 2 4   ? 7.722   -0.379  29.893  1.00 57.96  ? 3   ASN A OD1   1 
ATOM   96   N ND2   . ASN B 2 4   ? 9.948   -0.684  30.070  1.00 65.46  ? 3   ASN A ND2   1 
ATOM   97   N N     . ILE B 2 5   ? 9.225   -2.226  25.669  1.00 23.81  ? 4   ILE A N     1 
ATOM   98   C CA    . ILE B 2 5   ? 10.239  -2.267  24.622  1.00 64.20  ? 4   ILE A CA    1 
ATOM   99   C C     . ILE B 2 5   ? 11.255  -1.119  24.671  1.00 81.59  ? 4   ILE A C     1 
ATOM   100  O O     . ILE B 2 5   ? 10.917  0.026   25.001  1.00 83.40  ? 4   ILE A O     1 
ATOM   101  C CB    . ILE B 2 5   ? 9.584   -2.296  23.214  1.00 81.09  ? 4   ILE A CB    1 
ATOM   102  C CG1   . ILE B 2 5   ? 8.428   -3.307  23.176  1.00 85.62  ? 4   ILE A CG1   1 
ATOM   103  C CG2   . ILE B 2 5   ? 10.626  -2.678  22.163  1.00 87.14  ? 4   ILE A CG2   1 
ATOM   104  C CD1   . ILE B 2 5   ? 8.849   -4.761  23.373  1.00 80.86  ? 4   ILE A CD1   1 
ATOM   105  N N     . THR B 2 6   ? 12.500  -1.448  24.328  1.00 78.03  ? 5   THR A N     1 
ATOM   106  C CA    . THR B 2 6   ? 13.605  -0.486  24.299  1.00 64.68  ? 5   THR A CA    1 
ATOM   107  C C     . THR B 2 6   ? 14.504  -0.722  23.082  1.00 66.01  ? 5   THR A C     1 
ATOM   108  O O     . THR B 2 6   ? 14.804  0.210   22.337  1.00 71.11  ? 5   THR A O     1 
ATOM   109  C CB    . THR B 2 6   ? 14.477  -0.569  25.572  1.00 58.21  ? 5   THR A CB    1 
ATOM   110  O OG1   . THR B 2 6   ? 13.657  -0.364  26.730  1.00 63.74  ? 5   THR A OG1   1 
ATOM   111  C CG2   . THR B 2 6   ? 15.573  0.498   25.541  1.00 53.96  ? 5   THR A CG2   1 
ATOM   112  N N     . ASN B 2 7   ? 14.933  -1.969  22.888  1.00 63.87  ? 6   ASN A N     1 
ATOM   113  C CA    . ASN B 2 7   ? 15.794  -2.316  21.760  1.00 49.01  ? 6   ASN A CA    1 
ATOM   114  C C     . ASN B 2 7   ? 15.168  -1.817  20.457  1.00 51.91  ? 6   ASN A C     1 
ATOM   115  O O     . ASN B 2 7   ? 14.042  -2.184  20.122  1.00 68.47  ? 6   ASN A O     1 
ATOM   116  C CB    . ASN B 2 7   ? 16.003  -3.830  21.714  1.00 37.50  ? 6   ASN A CB    1 
ATOM   117  C CG    . ASN B 2 7   ? 17.108  -4.241  20.757  1.00 42.31  ? 6   ASN A CG    1 
ATOM   118  O OD1   . ASN B 2 7   ? 16.942  -4.186  19.541  1.00 37.82  ? 6   ASN A OD1   1 
ATOM   119  N ND2   . ASN B 2 7   ? 18.241  -4.667  21.306  1.00 32.23  ? 6   ASN A ND2   1 
ATOM   120  N N     . SER B 2 8   ? 15.895  -0.958  19.745  1.00 45.43  ? 7   SER A N     1 
ATOM   121  C CA    . SER B 2 8   ? 15.423  -0.369  18.487  1.00 43.77  ? 7   SER A CA    1 
ATOM   122  C C     . SER B 2 8   ? 15.271  -1.372  17.329  1.00 49.22  ? 7   SER A C     1 
ATOM   123  O O     . SER B 2 8   ? 14.410  -1.182  16.462  1.00 28.16  ? 7   SER A O     1 
ATOM   124  C CB    . SER B 2 8   ? 16.348  0.776   18.058  1.00 28.43  ? 7   SER A CB    1 
ATOM   125  O OG    . SER B 2 8   ? 16.617  1.651   19.141  1.00 12.90  ? 7   SER A OG    1 
ATOM   126  N N     . ASN B 2 9   ? 16.090  -2.428  17.317  1.00 52.30  ? 8   ASN A N     1 
ATOM   127  C CA    . ASN B 2 9   ? 16.046  -3.453  16.261  1.00 40.09  ? 8   ASN A CA    1 
ATOM   128  C C     . ASN B 2 9   ? 14.646  -4.059  16.163  1.00 42.32  ? 8   ASN A C     1 
ATOM   129  O O     . ASN B 2 9   ? 14.278  -4.658  15.141  1.00 39.06  ? 8   ASN A O     1 
ATOM   130  C CB    . ASN B 2 9   ? 17.081  -4.554  16.545  1.00 31.52  ? 8   ASN A CB    1 
ATOM   131  C CG    . ASN B 2 9   ? 17.312  -5.477  15.354  1.00 30.54  ? 8   ASN A CG    1 
ATOM   132  O OD1   . ASN B 2 9   ? 17.125  -6.691  15.445  1.00 22.66  ? 8   ASN A OD1   1 
ATOM   133  N ND2   . ASN B 2 9   ? 17.745  -4.904  14.236  1.00 24.01  ? 8   ASN A ND2   1 
ATOM   134  N N     . GLN B 2 10  ? 13.879  -3.878  17.238  1.00 50.08  ? 9   GLN A N     1 
ATOM   135  C CA    . GLN B 2 10  ? 12.509  -4.368  17.342  1.00 46.41  ? 9   GLN A CA    1 
ATOM   136  C C     . GLN B 2 10  ? 11.532  -3.205  17.181  1.00 31.55  ? 9   GLN A C     1 
ATOM   137  O O     . GLN B 2 10  ? 10.617  -3.031  17.992  1.00 32.03  ? 9   GLN A O     1 
ATOM   138  C CB    . GLN B 2 10  ? 12.274  -5.033  18.707  1.00 47.80  ? 9   GLN A CB    1 
ATOM   139  C CG    . GLN B 2 10  ? 13.533  -5.363  19.519  1.00 41.44  ? 9   GLN A CG    1 
ATOM   140  C CD    . GLN B 2 10  ? 14.391  -6.445  18.893  1.00 38.46  ? 9   GLN A CD    1 
ATOM   141  O OE1   . GLN B 2 10  ? 14.306  -6.714  17.692  1.00 38.40  ? 9   GLN A OE1   1 
ATOM   142  N NE2   . GLN B 2 10  ? 15.230  -7.072  19.710  1.00 44.56  ? 9   GLN A NE2   1 
ATOM   143  N N     . TYR B 2 11  ? 11.742  -2.404  16.139  1.00 20.08  ? 10  TYR A N     1 
ATOM   144  C CA    . TYR B 2 11  ? 10.893  -1.245  15.859  1.00 25.79  ? 10  TYR A CA    1 
ATOM   145  C C     . TYR B 2 11  ? 10.605  -1.097  14.370  1.00 13.06  ? 10  TYR A C     1 
ATOM   146  O O     . TYR B 2 11  ? 10.128  -0.059  13.926  1.00 7.56   ? 10  TYR A O     1 
ATOM   147  C CB    . TYR B 2 11  ? 11.551  0.039   16.369  1.00 28.07  ? 10  TYR A CB    1 
ATOM   148  C CG    . TYR B 2 11  ? 11.318  0.329   17.831  1.00 16.35  ? 10  TYR A CG    1 
ATOM   149  C CD1   . TYR B 2 11  ? 11.923  -0.441  18.821  1.00 7.56   ? 10  TYR A CD1   1 
ATOM   150  C CD2   . TYR B 2 11  ? 10.503  1.393   18.227  1.00 26.91  ? 10  TYR A CD2   1 
ATOM   151  C CE1   . TYR B 2 11  ? 11.723  -0.164  20.167  1.00 23.32  ? 10  TYR A CE1   1 
ATOM   152  C CE2   . TYR B 2 11  ? 10.296  1.679   19.572  1.00 37.35  ? 10  TYR A CE2   1 
ATOM   153  C CZ    . TYR B 2 11  ? 10.911  0.897   20.538  1.00 37.88  ? 10  TYR A CZ    1 
ATOM   154  O OH    . TYR B 2 11  ? 10.718  1.182   21.872  1.00 35.67  ? 10  TYR A OH    1 
ATOM   155  N N     . GLN B 2 12  ? 10.893  -2.145  13.607  1.00 34.06  ? 11  GLN A N     1 
ATOM   156  C CA    . GLN B 2 12  ? 10.665  -2.137  12.168  1.00 56.73  ? 11  GLN A CA    1 
ATOM   157  C C     . GLN B 2 12  ? 9.293   -2.693  11.826  1.00 61.01  ? 11  GLN A C     1 
ATOM   158  O O     . GLN B 2 12  ? 9.004   -3.027  10.675  1.00 63.66  ? 11  GLN A O     1 
ATOM   159  C CB    . GLN B 2 12  ? 11.755  -2.945  11.482  1.00 62.58  ? 11  GLN A CB    1 
ATOM   160  C CG    . GLN B 2 12  ? 13.137  -2.399  11.754  1.00 55.60  ? 11  GLN A CG    1 
ATOM   161  C CD    . GLN B 2 12  ? 14.220  -3.281  11.220  1.00 41.31  ? 11  GLN A CD    1 
ATOM   162  O OE1   . GLN B 2 12  ? 14.258  -3.579  10.027  1.00 52.90  ? 11  GLN A OE1   1 
ATOM   163  N NE2   . GLN B 2 12  ? 15.126  -3.689  12.085  1.00 8.23   ? 11  GLN A NE2   1 
ATOM   164  N N     . TYR B 2 13  ? 8.448   -2.760  12.850  1.00 63.84  ? 12  TYR A N     1 
ATOM   165  C CA    . TYR B 2 13  ? 7.089   -3.270  12.739  1.00 55.63  ? 12  TYR A CA    1 
ATOM   166  C C     . TYR B 2 13  ? 6.199   -2.563  13.761  1.00 53.03  ? 12  TYR A C     1 
ATOM   167  O O     . TYR B 2 13  ? 5.636   -3.207  14.654  1.00 48.79  ? 12  TYR A O     1 
ATOM   168  C CB    . TYR B 2 13  ? 7.063   -4.789  12.982  1.00 46.17  ? 12  TYR A CB    1 
ATOM   169  C CG    . TYR B 2 13  ? 8.390   -5.396  13.406  1.00 41.31  ? 12  TYR A CG    1 
ATOM   170  C CD1   . TYR B 2 13  ? 8.971   -5.061  14.630  1.00 38.55  ? 12  TYR A CD1   1 
ATOM   171  C CD2   . TYR B 2 13  ? 9.075   -6.286  12.575  1.00 41.59  ? 12  TYR A CD2   1 
ATOM   172  C CE1   . TYR B 2 13  ? 10.197  -5.593  15.010  1.00 33.18  ? 12  TYR A CE1   1 
ATOM   173  C CE2   . TYR B 2 13  ? 10.305  -6.821  12.953  1.00 38.51  ? 12  TYR A CE2   1 
ATOM   174  C CZ    . TYR B 2 13  ? 10.857  -6.465  14.173  1.00 35.14  ? 12  TYR A CZ    1 
ATOM   175  O OH    . TYR B 2 13  ? 12.080  -6.959  14.558  1.00 33.75  ? 12  TYR A OH    1 
ATOM   176  N N     . PHE B 2 14  ? 6.106   -1.236  13.637  1.00 41.57  ? 13  PHE A N     1 
ATOM   177  C CA    . PHE B 2 14  ? 5.299   -0.411  14.538  1.00 32.33  ? 13  PHE A CA    1 
ATOM   178  C C     . PHE B 2 14  ? 4.334   0.498   13.772  1.00 25.00  ? 13  PHE A C     1 
ATOM   179  O O     . PHE B 2 14  ? 3.147   0.183   13.642  1.00 14.73  ? 13  PHE A O     1 
ATOM   180  C CB    . PHE B 2 14  ? 6.200   0.432   15.456  1.00 37.52  ? 13  PHE A CB    1 
ATOM   181  C CG    . PHE B 2 14  ? 6.565   -0.248  16.759  1.00 32.57  ? 13  PHE A CG    1 
ATOM   182  C CD1   . PHE B 2 14  ? 6.868   -1.609  16.804  1.00 26.00  ? 13  PHE A CD1   1 
ATOM   183  C CD2   . PHE B 2 14  ? 6.601   0.484   17.945  1.00 33.96  ? 13  PHE A CD2   1 
ATOM   184  C CE1   . PHE B 2 14  ? 7.197   -2.234  18.006  1.00 24.67  ? 13  PHE A CE1   1 
ATOM   185  C CE2   . PHE B 2 14  ? 6.928   -0.131  19.156  1.00 31.33  ? 13  PHE A CE2   1 
ATOM   186  C CZ    . PHE B 2 14  ? 7.228   -1.493  19.184  1.00 33.30  ? 13  PHE A CZ    1 
ATOM   187  N N     . ALA B 2 15  ? 4.837   1.625   13.270  1.00 26.58  ? 14  ALA A N     1 
ATOM   188  C CA    . ALA B 2 15  ? 4.004   2.572   12.528  1.00 40.91  ? 14  ALA A CA    1 
ATOM   189  C C     . ALA B 2 15  ? 4.107   2.380   11.021  1.00 34.23  ? 14  ALA A C     1 
ATOM   190  O O     . ALA B 2 15  ? 5.161   1.996   10.506  1.00 22.71  ? 14  ALA A O     1 
ATOM   191  C CB    . ALA B 2 15  ? 4.365   4.014   12.900  1.00 34.64  ? 14  ALA A CB    1 
ATOM   192  N N     . ALA B 2 16  ? 3.003   2.644   10.324  1.00 39.18  ? 15  ALA A N     1 
ATOM   193  C CA    . ALA B 2 16  ? 2.936   2.514   8.865   1.00 61.45  ? 15  ALA A CA    1 
ATOM   194  C C     . ALA B 2 16  ? 3.364   1.129   8.367   1.00 59.31  ? 15  ALA A C     1 
ATOM   195  O O     . ALA B 2 16  ? 4.152   1.019   7.422   1.00 65.12  ? 15  ALA A O     1 
ATOM   196  C CB    . ALA B 2 16  ? 3.780   3.607   8.201   1.00 66.72  ? 15  ALA A CB    1 
ATOM   197  N N     . VAL B 2 17  ? 2.814   0.081   8.982   1.00 51.33  ? 16  VAL A N     1 
ATOM   198  C CA    . VAL B 2 17  ? 3.143   -1.300  8.624   1.00 28.26  ? 16  VAL A CA    1 
ATOM   199  C C     . VAL B 2 17  ? 2.016   -2.301  8.970   1.00 9.67   ? 16  VAL A C     1 
ATOM   200  O O     . VAL B 2 17  ? 2.261   -3.509  9.001   1.00 20.88  ? 16  VAL A O     1 
ATOM   201  C CB    . VAL B 2 17  ? 4.453   -1.770  9.358   1.00 25.08  ? 16  VAL A CB    1 
ATOM   202  C CG1   . VAL B 2 17  ? 5.659   -0.943  8.934   1.00 13.68  ? 16  VAL A CG1   1 
ATOM   203  C CG2   . VAL B 2 17  ? 4.285   -1.675  10.864  1.00 15.57  ? 16  VAL A CG2   1 
ATOM   204  N N     . TRP B 2 18  ? 0.790   -1.821  9.194   1.00 21.13  ? 17  TRP A N     1 
ATOM   205  C CA    . TRP B 2 18  ? -0.317  -2.716  9.579   1.00 23.41  ? 17  TRP A CA    1 
ATOM   206  C C     . TRP B 2 18  ? -1.688  -2.397  8.970   1.00 25.34  ? 17  TRP A C     1 
ATOM   207  O O     . TRP B 2 18  ? -1.944  -1.289  8.497   1.00 12.72  ? 17  TRP A O     1 
ATOM   208  C CB    . TRP B 2 18  ? -0.479  -2.720  11.105  1.00 37.28  ? 17  TRP A CB    1 
ATOM   209  C CG    . TRP B 2 18  ? 0.706   -3.242  11.848  1.00 35.95  ? 17  TRP A CG    1 
ATOM   210  C CD1   . TRP B 2 18  ? 1.600   -2.518  12.583  1.00 30.78  ? 17  TRP A CD1   1 
ATOM   211  C CD2   . TRP B 2 18  ? 1.136   -4.602  11.905  1.00 38.30  ? 17  TRP A CD2   1 
ATOM   212  N NE1   . TRP B 2 18  ? 2.571   -3.348  13.087  1.00 30.83  ? 17  TRP A NE1   1 
ATOM   213  C CE2   . TRP B 2 18  ? 2.314   -4.632  12.689  1.00 38.79  ? 17  TRP A CE2   1 
ATOM   214  C CE3   . TRP B 2 18  ? 0.652   -5.801  11.372  1.00 37.14  ? 17  TRP A CE3   1 
ATOM   215  C CZ2   . TRP B 2 18  ? 3.006   -5.813  12.951  1.00 41.97  ? 17  TRP A CZ2   1 
ATOM   216  C CZ3   . TRP B 2 18  ? 1.339   -6.973  11.633  1.00 39.67  ? 17  TRP A CZ3   1 
ATOM   217  C CH2   . TRP B 2 18  ? 2.509   -6.969  12.416  1.00 37.77  ? 17  TRP A CH2   1 
ATOM   218  N N     . ALA B 2 19  ? -2.579  -3.388  9.065   1.00 27.51  ? 18  ALA A N     1 
ATOM   219  C CA    . ALA B 2 19  ? -3.963  -3.314  8.583   1.00 42.04  ? 18  ALA A CA    1 
ATOM   220  C C     . ALA B 2 19  ? -4.671  -4.650  8.876   1.00 32.50  ? 18  ALA A C     1 
ATOM   221  O O     . ALA B 2 19  ? -4.358  -5.302  9.865   1.00 16.93  ? 18  ALA A O     1 
ATOM   222  C CB    . ALA B 2 19  ? -3.989  -2.996  7.085   1.00 52.80  ? 18  ALA A CB    1 
ATOM   223  N N     . GLU B 2 20  ? -5.633  -5.047  8.044   1.00 18.17  ? 19  GLU A N     1 
ATOM   224  C CA    . GLU B 2 20  ? -6.328  -6.325  8.220   1.00 12.93  ? 19  GLU A CA    1 
ATOM   225  C C     . GLU B 2 20  ? -6.743  -6.878  6.855   1.00 41.90  ? 19  GLU A C     1 
ATOM   226  O O     . GLU B 2 20  ? -7.035  -6.103  5.941   1.00 66.97  ? 19  GLU A O     1 
ATOM   227  C CB    . GLU B 2 20  ? -7.564  -6.174  9.110   1.00 18.00  ? 19  GLU A CB    1 
ATOM   228  C CG    . GLU B 2 20  ? -8.236  -7.509  9.410   1.00 25.78  ? 19  GLU A CG    1 
ATOM   229  C CD    . GLU B 2 20  ? -9.620  -7.397  10.004  1.00 36.05  ? 19  GLU A CD    1 
ATOM   230  O OE1   . GLU B 2 20  ? -10.424 -6.558  9.536   1.00 31.80  ? 19  GLU A OE1   1 
ATOM   231  O OE2   . GLU B 2 20  ? -9.911  -8.181  10.930  1.00 44.89  ? 19  GLU A OE2   1 
ATOM   232  N N     . PRO B 2 21  ? -6.745  -8.219  6.685   1.00 41.43  ? 20  PRO A N     1 
ATOM   233  C CA    . PRO B 2 21  ? -7.127  -8.863  5.421   1.00 30.96  ? 20  PRO A CA    1 
ATOM   234  C C     . PRO B 2 21  ? -8.338  -8.244  4.732   1.00 35.47  ? 20  PRO A C     1 
ATOM   235  O O     . PRO B 2 21  ? -8.299  -7.947  3.524   1.00 42.45  ? 20  PRO A O     1 
ATOM   236  C CB    . PRO B 2 21  ? -7.377  -10.320 5.835   1.00 32.01  ? 20  PRO A CB    1 
ATOM   237  C CG    . PRO B 2 21  ? -7.372  -10.302 7.367   1.00 7.60   ? 20  PRO A CG    1 
ATOM   238  C CD    . PRO B 2 21  ? -6.376  -9.244  7.673   1.00 24.77  ? 20  PRO A CD    1 
ATOM   239  N N     . THR B 2 22  ? -9.384  -7.997  5.517   1.00 25.14  ? 21  THR A N     1 
ATOM   240  C CA    . THR B 2 22  ? -10.611 -7.399  5.004   1.00 42.05  ? 21  THR A CA    1 
ATOM   241  C C     . THR B 2 22  ? -10.357 -5.998  4.408   1.00 44.62  ? 21  THR A C     1 
ATOM   242  O O     . THR B 2 22  ? -10.440 -5.829  3.186   1.00 68.93  ? 21  THR A O     1 
ATOM   243  C CB    . THR B 2 22  ? -11.727 -7.371  6.098   1.00 44.72  ? 21  THR A CB    1 
ATOM   244  O OG1   . THR B 2 22  ? -12.020 -8.710  6.508   1.00 36.71  ? 21  THR A OG1   1 
ATOM   245  C CG2   . THR B 2 22  ? -13.003 -6.731  5.572   1.00 54.09  ? 21  THR A CG2   1 
ATOM   246  N N     . PRO B 2 23  ? -9.973  -5.002  5.242   1.00 21.95  ? 22  PRO A N     1 
ATOM   247  C CA    . PRO B 2 23  ? -9.716  -3.642  4.747   1.00 24.03  ? 22  PRO A CA    1 
ATOM   248  C C     . PRO B 2 23  ? -8.824  -3.499  3.498   1.00 31.75  ? 22  PRO A C     1 
ATOM   249  O O     . PRO B 2 23  ? -9.220  -2.873  2.502   1.00 26.74  ? 22  PRO A O     1 
ATOM   250  C CB    . PRO B 2 23  ? -9.091  -2.966  5.965   1.00 19.64  ? 22  PRO A CB    1 
ATOM   251  C CG    . PRO B 2 23  ? -9.854  -3.583  7.092   1.00 7.58   ? 22  PRO A CG    1 
ATOM   252  C CD    . PRO B 2 23  ? -9.802  -5.044  6.707   1.00 21.72  ? 22  PRO A CD    1 
ATOM   253  N N     . MET B 2 24  ? -7.651  -4.125  3.536   1.00 32.28  ? 23  MET A N     1 
ATOM   254  C CA    . MET B 2 24  ? -6.693  -4.045  2.438   1.00 27.90  ? 23  MET A CA    1 
ATOM   255  C C     . MET B 2 24  ? -7.166  -4.614  1.104   1.00 26.04  ? 23  MET A C     1 
ATOM   256  O O     . MET B 2 24  ? -7.155  -3.904  0.098   1.00 9.17   ? 23  MET A O     1 
ATOM   257  C CB    . MET B 2 24  ? -5.386  -4.709  2.847   1.00 41.12  ? 23  MET A CB    1 
ATOM   258  C CG    . MET B 2 24  ? -4.285  -4.602  1.816   1.00 51.33  ? 23  MET A CG    1 
ATOM   259  S SD    . MET B 2 24  ? -2.718  -5.142  2.503   1.00 48.05  ? 23  MET A SD    1 
ATOM   260  C CE    . MET B 2 24  ? -2.411  -3.800  3.606   1.00 43.16  ? 23  MET A CE    1 
ATOM   261  N N     . LEU B 2 25  ? -7.584  -5.878  1.094   1.00 29.59  ? 24  LEU A N     1 
ATOM   262  C CA    . LEU B 2 25  ? -8.018  -6.516  -0.152  1.00 20.53  ? 24  LEU A CA    1 
ATOM   263  C C     . LEU B 2 25  ? -9.182  -5.782  -0.817  1.00 19.14  ? 24  LEU A C     1 
ATOM   264  O O     . LEU B 2 25  ? -9.194  -5.586  -2.038  1.00 27.05  ? 24  LEU A O     1 
ATOM   265  C CB    . LEU B 2 25  ? -8.368  -7.988  0.088   1.00 28.32  ? 24  LEU A CB    1 
ATOM   266  C CG    . LEU B 2 25  ? -8.418  -8.891  -1.152  1.00 22.53  ? 24  LEU A CG    1 
ATOM   267  C CD1   . LEU B 2 25  ? -7.881  -10.283 -0.819  1.00 8.99   ? 24  LEU A CD1   1 
ATOM   268  C CD2   . LEU B 2 25  ? -9.831  -8.961  -1.705  1.00 25.26  ? 24  LEU A CD2   1 
ATOM   269  N N     . ASN B 2 26  ? -10.140 -5.348  -0.005  1.00 20.83  ? 25  ASN A N     1 
ATOM   270  C CA    . ASN B 2 26  ? -11.300 -4.629  -0.522  1.00 29.91  ? 25  ASN A CA    1 
ATOM   271  C C     . ASN B 2 26  ? -10.895 -3.298  -1.171  1.00 23.77  ? 25  ASN A C     1 
ATOM   272  O O     . ASN B 2 26  ? -11.469 -2.896  -2.189  1.00 17.57  ? 25  ASN A O     1 
ATOM   273  C CB    . ASN B 2 26  ? -12.327 -4.406  0.595   1.00 40.02  ? 25  ASN A CB    1 
ATOM   274  C CG    . ASN B 2 26  ? -12.801 -5.711  1.223   1.00 45.81  ? 25  ASN A CG    1 
ATOM   275  O OD1   . ASN B 2 26  ? -12.605 -6.796  0.667   1.00 38.29  ? 25  ASN A OD1   1 
ATOM   276  N ND2   . ASN B 2 26  ? -13.414 -5.610  2.396   1.00 34.37  ? 25  ASN A ND2   1 
ATOM   277  N N     . GLN B 2 27  ? -9.908  -2.625  -0.581  1.00 7.60   ? 26  GLN A N     1 
ATOM   278  C CA    . GLN B 2 27  ? -9.420  -1.358  -1.131  1.00 23.57  ? 26  GLN A CA    1 
ATOM   279  C C     . GLN B 2 27  ? -8.845  -1.579  -2.541  1.00 47.86  ? 26  GLN A C     1 
ATOM   280  O O     . GLN B 2 27  ? -9.099  -0.792  -3.469  1.00 38.57  ? 26  GLN A O     1 
ATOM   281  C CB    . GLN B 2 27  ? -8.358  -0.747  -0.194  1.00 40.40  ? 26  GLN A CB    1 
ATOM   282  C CG    . GLN B 2 27  ? -6.939  -0.545  -0.778  1.00 38.74  ? 26  GLN A CG    1 
ATOM   283  C CD    . GLN B 2 27  ? -6.743  0.811   -1.451  1.00 28.10  ? 26  GLN A CD    1 
ATOM   284  O OE1   . GLN B 2 27  ? -6.784  1.847   -0.792  1.00 12.30  ? 26  GLN A OE1   1 
ATOM   285  N NE2   . GLN B 2 27  ? -6.514  0.804   -2.764  1.00 18.65  ? 26  GLN A NE2   1 
ATOM   286  N N     . CYS B 2 28  ? -8.090  -2.666  -2.692  1.00 73.12  ? 27  CYS A N     1 
ATOM   287  C CA    . CYS B 2 28  ? -7.487  -2.991  -3.979  1.00 78.63  ? 27  CYS A CA    1 
ATOM   288  C C     . CYS B 2 28  ? -8.526  -3.184  -5.080  1.00 68.30  ? 27  CYS A C     1 
ATOM   289  O O     . CYS B 2 28  ? -8.311  -2.733  -6.206  1.00 69.49  ? 27  CYS A O     1 
ATOM   290  C CB    . CYS B 2 28  ? -6.580  -4.220  -3.874  1.00 88.52  ? 27  CYS A CB    1 
ATOM   291  S SG    . CYS B 2 28  ? -4.874  -3.851  -3.357  1.00 89.44  ? 27  CYS A SG    1 
ATOM   292  N N     . VAL B 2 29  ? -9.639  -3.857  -4.768  1.00 60.90  ? 28  VAL A N     1 
ATOM   293  C CA    . VAL B 2 29  ? -10.674 -4.044  -5.793  1.00 56.35  ? 28  VAL A CA    1 
ATOM   294  C C     . VAL B 2 29  ? -11.261 -2.701  -6.211  1.00 57.96  ? 28  VAL A C     1 
ATOM   295  O O     . VAL B 2 29  ? -11.451 -2.444  -7.408  1.00 46.52  ? 28  VAL A O     1 
ATOM   296  C CB    . VAL B 2 29  ? -11.818 -5.021  -5.369  1.00 53.40  ? 28  VAL A CB    1 
ATOM   297  C CG1   . VAL B 2 29  ? -11.238 -6.377  -4.983  1.00 36.96  ? 28  VAL A CG1   1 
ATOM   298  C CG2   . VAL B 2 29  ? -12.692 -4.427  -4.262  1.00 37.32  ? 28  VAL A CG2   1 
ATOM   299  N N     . SER B 2 30  ? -11.475 -1.827  -5.223  1.00 58.89  ? 29  SER A N     1 
ATOM   300  C CA    . SER B 2 30  ? -12.024 -0.489  -5.463  1.00 57.93  ? 29  SER A CA    1 
ATOM   301  C C     . SER B 2 30  ? -11.189 0.249   -6.507  1.00 64.03  ? 29  SER A C     1 
ATOM   302  O O     . SER B 2 30  ? -11.719 1.011   -7.325  1.00 56.80  ? 29  SER A O     1 
ATOM   303  C CB    . SER B 2 30  ? -12.035 0.321   -4.163  1.00 44.32  ? 29  SER A CB    1 
ATOM   304  O OG    . SER B 2 30  ? -12.575 -0.440  -3.098  1.00 33.77  ? 29  SER A OG    1 
ATOM   305  N N     . ALA B 2 31  ? -9.876  0.022   -6.452  1.00 74.12  ? 30  ALA A N     1 
ATOM   306  C CA    . ALA B 2 31  ? -8.945  0.641   -7.392  1.00 61.62  ? 30  ALA A CA    1 
ATOM   307  C C     . ALA B 2 31  ? -9.038  0.029   -8.788  1.00 41.69  ? 30  ALA A C     1 
ATOM   308  O O     . ALA B 2 31  ? -9.505  0.674   -9.731  1.00 24.81  ? 30  ALA A O     1 
ATOM   309  C CB    . ALA B 2 31  ? -7.517  0.523   -6.869  1.00 60.13  ? 30  ALA A CB    1 
ATOM   310  N N     . LEU B 2 32  ? -8.630  -1.233  -8.886  1.00 21.94  ? 31  LEU A N     1 
ATOM   311  C CA    . LEU B 2 32  ? -8.604  -1.980  -10.138 1.00 28.60  ? 31  LEU A CA    1 
ATOM   312  C C     . LEU B 2 32  ? -9.828  -1.813  -11.054 1.00 34.93  ? 31  LEU A C     1 
ATOM   313  O O     . LEU B 2 32  ? -9.680  -1.700  -12.274 1.00 32.68  ? 31  LEU A O     1 
ATOM   314  C CB    . LEU B 2 32  ? -8.310  -3.458  -9.843  1.00 9.87   ? 31  LEU A CB    1 
ATOM   315  C CG    . LEU B 2 32  ? -9.263  -4.616  -10.145 1.00 18.56  ? 31  LEU A CG    1 
ATOM   316  C CD1   . LEU B 2 32  ? -8.547  -5.927  -9.846  1.00 7.64   ? 31  LEU A CD1   1 
ATOM   317  C CD2   . LEU B 2 32  ? -10.529 -4.517  -9.323  1.00 7.58   ? 31  LEU A CD2   1 
ATOM   318  N N     . SER B 2 33  ? -11.020 -1.728  -10.471 1.00 33.19  ? 32  SER A N     1 
ATOM   319  C CA    . SER B 2 33  ? -12.241 -1.600  -11.263 1.00 18.12  ? 32  SER A CA    1 
ATOM   320  C C     . SER B 2 33  ? -12.544 -0.191  -11.793 1.00 30.34  ? 32  SER A C     1 
ATOM   321  O O     . SER B 2 33  ? -13.647 0.328   -11.593 1.00 7.99   ? 32  SER A O     1 
ATOM   322  C CB    . SER B 2 33  ? -13.421 -2.132  -10.460 1.00 7.57   ? 32  SER A CB    1 
ATOM   323  O OG    . SER B 2 33  ? -13.463 -1.528  -9.184  1.00 11.51  ? 32  SER A OG    1 
ATOM   324  N N     . GLN B 2 34  ? -11.591 0.406   -12.507 1.00 33.24  ? 33  GLN A N     1 
ATOM   325  C CA    . GLN B 2 34  ? -11.766 1.746   -13.082 1.00 27.02  ? 33  GLN A CA    1 
ATOM   326  C C     . GLN B 2 34  ? -10.795 2.077   -14.226 1.00 21.63  ? 33  GLN A C     1 
ATOM   327  O O     . GLN B 2 34  ? -9.845  1.332   -14.490 1.00 16.39  ? 33  GLN A O     1 
ATOM   328  C CB    . GLN B 2 34  ? -11.681 2.822   -12.001 1.00 19.80  ? 33  GLN A CB    1 
ATOM   329  C CG    . GLN B 2 34  ? -13.017 3.213   -11.418 1.00 8.03   ? 33  GLN A CG    1 
ATOM   330  C CD    . GLN B 2 34  ? -12.893 4.409   -10.528 1.00 15.15  ? 33  GLN A CD    1 
ATOM   331  O OE1   . GLN B 2 34  ? -12.586 4.285   -9.344  1.00 7.70   ? 33  GLN A OE1   1 
ATOM   332  N NE2   . GLN B 2 34  ? -13.097 5.589   -11.097 1.00 7.59   ? 33  GLN A NE2   1 
ATOM   333  N N     . SER B 2 35  ? -11.042 3.211   -14.888 1.00 20.70  ? 34  SER A N     1 
ATOM   334  C CA    . SER B 2 35  ? -10.235 3.648   -16.027 1.00 14.76  ? 34  SER A CA    1 
ATOM   335  C C     . SER B 2 35  ? -8.935  4.338   -15.641 1.00 16.30  ? 34  SER A C     1 
ATOM   336  O O     . SER B 2 35  ? -8.834  4.998   -14.606 1.00 18.12  ? 34  SER A O     1 
ATOM   337  C CB    . SER B 2 35  ? -11.041 4.571   -16.949 1.00 7.57   ? 34  SER A CB    1 
ATOM   338  O OG    . SER B 2 35  ? -11.013 5.913   -16.499 1.00 10.27  ? 34  SER A OG    1 
ATOM   339  N N     . TYR B 2 36  ? -7.933  4.169   -16.493 1.00 22.09  ? 35  TYR A N     1 
ATOM   340  C CA    . TYR B 2 36  ? -6.637  4.775   -16.274 1.00 17.87  ? 35  TYR A CA    1 
ATOM   341  C C     . TYR B 2 36  ? -6.365  5.793   -17.367 1.00 34.69  ? 35  TYR A C     1 
ATOM   342  O O     . TYR B 2 36  ? -5.635  5.549   -18.332 1.00 7.60   ? 35  TYR A O     1 
ATOM   343  C CB    . TYR B 2 36  ? -5.566  3.698   -16.194 1.00 13.03  ? 35  TYR A CB    1 
ATOM   344  C CG    . TYR B 2 36  ? -5.908  2.660   -15.162 1.00 14.65  ? 35  TYR A CG    1 
ATOM   345  C CD1   . TYR B 2 36  ? -6.789  2.954   -14.120 1.00 13.52  ? 35  TYR A CD1   1 
ATOM   346  C CD2   . TYR B 2 36  ? -5.401  1.370   -15.248 1.00 17.59  ? 35  TYR A CD2   1 
ATOM   347  C CE1   . TYR B 2 36  ? -7.165  1.995   -13.197 1.00 30.56  ? 35  TYR A CE1   1 
ATOM   348  C CE2   . TYR B 2 36  ? -5.772  0.392   -14.322 1.00 31.38  ? 35  TYR A CE2   1 
ATOM   349  C CZ    . TYR B 2 36  ? -6.657  0.713   -13.301 1.00 22.60  ? 35  TYR A CZ    1 
ATOM   350  O OH    . TYR B 2 36  ? -7.041  -0.242  -12.388 1.00 7.64   ? 35  TYR A OH    1 
ATOM   351  N N     . GLN B 2 37  ? -7.088  6.895   -17.226 1.00 46.01  ? 36  GLN A N     1 
ATOM   352  C CA    . GLN B 2 37  ? -7.053  8.067   -18.096 1.00 52.91  ? 36  GLN A CA    1 
ATOM   353  C C     . GLN B 2 37  ? -7.536  9.199   -17.189 1.00 52.45  ? 36  GLN A C     1 
ATOM   354  O O     . GLN B 2 37  ? -7.898  10.285  -17.654 1.00 19.35  ? 36  GLN A O     1 
ATOM   355  C CB    . GLN B 2 37  ? -8.044  7.881   -19.254 1.00 59.51  ? 36  GLN A CB    1 
ATOM   356  C CG    . GLN B 2 37  ? -7.574  8.365   -20.632 1.00 68.58  ? 36  GLN A CG    1 
ATOM   357  C CD    . GLN B 2 37  ? -7.573  9.882   -20.792 1.00 70.88  ? 36  GLN A CD    1 
ATOM   358  O OE1   . GLN B 2 37  ? -6.590  10.463  -21.246 1.00 71.74  ? 36  GLN A OE1   1 
ATOM   359  N NE2   . GLN B 2 37  ? -8.686  10.520  -20.456 1.00 66.99  ? 36  GLN A NE2   1 
ATOM   360  N N     . THR B 2 38  ? -7.522  8.898   -15.885 1.00 72.47  ? 37  THR A N     1 
ATOM   361  C CA    . THR B 2 38  ? -7.981  9.777   -14.811 1.00 60.80  ? 37  THR A CA    1 
ATOM   362  C C     . THR B 2 38  ? -6.937  10.016  -13.705 1.00 45.00  ? 37  THR A C     1 
ATOM   363  O O     . THR B 2 38  ? -5.961  9.261   -13.556 1.00 16.14  ? 37  THR A O     1 
ATOM   364  C CB    . THR B 2 38  ? -9.252  9.175   -14.126 1.00 54.43  ? 37  THR A CB    1 
ATOM   365  O OG1   . THR B 2 38  ? -8.958  7.862   -13.615 1.00 35.69  ? 37  THR A OG1   1 
ATOM   366  C CG2   . THR B 2 38  ? -10.396 9.062   -15.118 1.00 19.65  ? 37  THR A CG2   1 
ATOM   367  N N     . GLN B 2 39  ? -7.181  11.067  -12.924 1.00 42.08  ? 38  GLN A N     1 
ATOM   368  C CA    . GLN B 2 39  ? -6.333  11.445  -11.800 1.00 35.23  ? 38  GLN A CA    1 
ATOM   369  C C     . GLN B 2 39  ? -7.106  11.247  -10.503 1.00 17.37  ? 38  GLN A C     1 
ATOM   370  O O     . GLN B 2 39  ? -6.543  10.862  -9.484  1.00 7.69   ? 38  GLN A O     1 
ATOM   371  C CB    . GLN B 2 39  ? -5.882  12.909  -11.935 1.00 33.90  ? 38  GLN A CB    1 
ATOM   372  C CG    . GLN B 2 39  ? -5.468  13.608  -10.629 1.00 27.18  ? 38  GLN A CG    1 
ATOM   373  C CD    . GLN B 2 39  ? -6.662  14.083  -9.806  1.00 29.73  ? 38  GLN A CD    1 
ATOM   374  O OE1   . GLN B 2 39  ? -7.529  14.794  -10.310 1.00 21.08  ? 38  GLN A OE1   1 
ATOM   375  N NE2   . GLN B 2 39  ? -6.731  13.654  -8.550  1.00 23.56  ? 38  GLN A NE2   1 
ATOM   376  N N     . ALA B 2 40  ? -8.400  11.549  -10.541 1.00 13.81  ? 39  ALA A N     1 
ATOM   377  C CA    . ALA B 2 40  ? -9.246  11.406  -9.367  1.00 21.00  ? 39  ALA A CA    1 
ATOM   378  C C     . ALA B 2 40  ? -9.084  10.014  -8.805  1.00 19.50  ? 39  ALA A C     1 
ATOM   379  O O     . ALA B 2 40  ? -8.670  9.846   -7.666  1.00 16.90  ? 39  ALA A O     1 
ATOM   380  C CB    . ALA B 2 40  ? -10.702 11.660  -9.730  1.00 22.86  ? 39  ALA A CB    1 
ATOM   381  N N     . GLY B 2 41  ? -9.310  9.031   -9.669  1.00 8.75   ? 40  GLY A N     1 
ATOM   382  C CA    . GLY B 2 41  ? -9.209  7.633   -9.297  1.00 11.09  ? 40  GLY A CA    1 
ATOM   383  C C     . GLY B 2 41  ? -7.882  7.138   -8.750  1.00 17.67  ? 40  GLY A C     1 
ATOM   384  O O     . GLY B 2 41  ? -7.797  6.819   -7.570  1.00 7.62   ? 40  GLY A O     1 
ATOM   385  N N     . ARG B 2 42  ? -6.855  7.066   -9.595  1.00 28.65  ? 41  ARG A N     1 
ATOM   386  C CA    . ARG B 2 42  ? -5.535  6.583   -9.178  1.00 14.54  ? 41  ARG A CA    1 
ATOM   387  C C     . ARG B 2 42  ? -4.908  7.354   -8.005  1.00 20.44  ? 41  ARG A C     1 
ATOM   388  O O     . ARG B 2 42  ? -4.380  6.739   -7.069  1.00 32.11  ? 41  ARG A O     1 
ATOM   389  C CB    . ARG B 2 42  ? -4.581  6.511   -10.382 1.00 14.29  ? 41  ARG A CB    1 
ATOM   390  C CG    . ARG B 2 42  ? -4.342  7.810   -11.152 1.00 14.68  ? 41  ARG A CG    1 
ATOM   391  C CD    . ARG B 2 42  ? -2.957  8.373   -10.858 1.00 7.59   ? 41  ARG A CD    1 
ATOM   392  N NE    . ARG B 2 42  ? -2.542  9.378   -11.831 1.00 7.67   ? 41  ARG A NE    1 
ATOM   393  C CZ    . ARG B 2 42  ? -1.737  9.145   -12.863 1.00 7.59   ? 41  ARG A CZ    1 
ATOM   394  N NH1   . ARG B 2 42  ? -1.240  7.935   -13.080 1.00 7.56   ? 41  ARG A NH1   1 
ATOM   395  N NH2   . ARG B 2 42  ? -1.430  10.127  -13.689 1.00 7.63   ? 41  ARG A NH2   1 
ATOM   396  N N     . ASP B 2 43  ? -5.004  8.685   -8.039  1.00 26.48  ? 42  ASP A N     1 
ATOM   397  C CA    . ASP B 2 43  ? -4.457  9.563   -6.991  1.00 29.14  ? 42  ASP A CA    1 
ATOM   398  C C     . ASP B 2 43  ? -5.159  9.306   -5.654  1.00 23.77  ? 42  ASP A C     1 
ATOM   399  O O     . ASP B 2 43  ? -4.513  9.019   -4.639  1.00 23.32  ? 42  ASP A O     1 
ATOM   400  C CB    . ASP B 2 43  ? -4.631  11.041  -7.389  1.00 29.55  ? 42  ASP A CB    1 
ATOM   401  C CG    . ASP B 2 43  ? -3.324  11.839  -7.350  1.00 15.69  ? 42  ASP A CG    1 
ATOM   402  O OD1   . ASP B 2 43  ? -2.955  12.332  -6.260  1.00 11.49  ? 42  ASP A OD1   1 
ATOM   403  O OD2   . ASP B 2 43  ? -2.684  12.004  -8.417  1.00 7.56   ? 42  ASP A OD2   1 
ATOM   404  N N     . THR B 2 44  ? -6.485  9.402   -5.653  1.00 15.74  ? 43  THR A N     1 
ATOM   405  C CA    . THR B 2 44  ? -7.243  9.163   -4.434  1.00 24.46  ? 43  THR A CA    1 
ATOM   406  C C     . THR B 2 44  ? -7.072  7.714   -3.955  1.00 29.52  ? 43  THR A C     1 
ATOM   407  O O     . THR B 2 44  ? -7.121  7.448   -2.756  1.00 31.95  ? 43  THR A O     1 
ATOM   408  C CB    . THR B 2 44  ? -8.735  9.457   -4.633  1.00 9.21   ? 43  THR A CB    1 
ATOM   409  O OG1   . THR B 2 44  ? -9.369  9.571   -3.355  1.00 38.31  ? 43  THR A OG1   1 
ATOM   410  C CG2   . THR B 2 44  ? -9.404  8.341   -5.408  1.00 26.79  ? 43  THR A CG2   1 
ATOM   411  N N     . VAL B 2 45  ? -6.817  6.803   -4.895  1.00 21.13  ? 44  VAL A N     1 
ATOM   412  C CA    . VAL B 2 45  ? -6.632  5.394   -4.576  1.00 20.14  ? 44  VAL A CA    1 
ATOM   413  C C     . VAL B 2 45  ? -5.486  5.234   -3.600  1.00 22.28  ? 44  VAL A C     1 
ATOM   414  O O     . VAL B 2 45  ? -5.664  4.689   -2.512  1.00 7.59   ? 44  VAL A O     1 
ATOM   415  C CB    . VAL B 2 45  ? -6.358  4.560   -5.843  1.00 22.91  ? 44  VAL A CB    1 
ATOM   416  C CG1   . VAL B 2 45  ? -5.648  3.255   -5.485  1.00 24.13  ? 44  VAL A CG1   1 
ATOM   417  C CG2   . VAL B 2 45  ? -7.669  4.252   -6.555  1.00 20.96  ? 44  VAL A CG2   1 
ATOM   418  N N     . ARG B 2 46  ? -4.318  5.733   -3.995  1.00 34.47  ? 45  ARG A N     1 
ATOM   419  C CA    . ARG B 2 46  ? -3.146  5.646   -3.136  1.00 36.08  ? 45  ARG A CA    1 
ATOM   420  C C     . ARG B 2 46  ? -3.451  6.281   -1.783  1.00 47.66  ? 45  ARG A C     1 
ATOM   421  O O     . ARG B 2 46  ? -3.085  5.742   -0.731  1.00 57.06  ? 45  ARG A O     1 
ATOM   422  C CB    . ARG B 2 46  ? -1.931  6.303   -3.798  1.00 14.28  ? 45  ARG A CB    1 
ATOM   423  C CG    . ARG B 2 46  ? -2.055  7.791   -4.009  1.00 7.62   ? 45  ARG A CG    1 
ATOM   424  C CD    . ARG B 2 46  ? -1.157  8.268   -5.125  1.00 15.02  ? 45  ARG A CD    1 
ATOM   425  N NE    . ARG B 2 46  ? 0.246   7.982   -4.857  1.00 8.80   ? 45  ARG A NE    1 
ATOM   426  C CZ    . ARG B 2 46  ? 1.199   8.027   -5.778  1.00 9.76   ? 45  ARG A CZ    1 
ATOM   427  N NH1   . ARG B 2 46  ? 0.902   8.351   -7.030  1.00 11.59  ? 45  ARG A NH1   1 
ATOM   428  N NH2   . ARG B 2 46  ? 2.449   7.759   -5.439  1.00 14.47  ? 45  ARG A NH2   1 
ATOM   429  N N     . GLN B 2 47  ? -4.190  7.387   -1.816  1.00 44.15  ? 46  GLN A N     1 
ATOM   430  C CA    . GLN B 2 47  ? -4.554  8.061   -0.575  1.00 24.81  ? 46  GLN A CA    1 
ATOM   431  C C     . GLN B 2 47  ? -5.518  7.212   0.272   1.00 7.59   ? 46  GLN A C     1 
ATOM   432  O O     . GLN B 2 47  ? -5.642  7.418   1.481   1.00 13.38  ? 46  GLN A O     1 
ATOM   433  C CB    . GLN B 2 47  ? -5.094  9.477   -0.854  1.00 28.30  ? 46  GLN A CB    1 
ATOM   434  C CG    . GLN B 2 47  ? -3.995  10.571  -0.845  1.00 34.25  ? 46  GLN A CG    1 
ATOM   435  C CD    . GLN B 2 47  ? -3.855  11.341  -2.165  1.00 32.16  ? 46  GLN A CD    1 
ATOM   436  O OE1   . GLN B 2 47  ? -4.827  11.909  -2.676  1.00 28.62  ? 46  GLN A OE1   1 
ATOM   437  N NE2   . GLN B 2 47  ? -2.630  11.390  -2.699  1.00 19.72  ? 46  GLN A NE2   1 
ATOM   438  N N     . GLN B 2 48  ? -6.170  6.237   -0.358  1.00 7.76   ? 47  GLN A N     1 
ATOM   439  C CA    . GLN B 2 48  ? -7.081  5.344   0.355   1.00 29.53  ? 47  GLN A CA    1 
ATOM   440  C C     . GLN B 2 48  ? -6.263  4.361   1.184   1.00 32.32  ? 47  GLN A C     1 
ATOM   441  O O     . GLN B 2 48  ? -6.502  4.182   2.382   1.00 13.83  ? 47  GLN A O     1 
ATOM   442  C CB    . GLN B 2 48  ? -7.946  4.547   -0.628  1.00 35.72  ? 47  GLN A CB    1 
ATOM   443  C CG    . GLN B 2 48  ? -8.871  5.372   -1.510  1.00 43.69  ? 47  GLN A CG    1 
ATOM   444  C CD    . GLN B 2 48  ? -9.465  4.567   -2.660  1.00 37.14  ? 47  GLN A CD    1 
ATOM   445  O OE1   . GLN B 2 48  ? -9.098  3.413   -2.883  1.00 42.55  ? 47  GLN A OE1   1 
ATOM   446  N NE2   . GLN B 2 48  ? -10.374 5.183   -3.405  1.00 29.98  ? 47  GLN A NE2   1 
ATOM   447  N N     . PHE B 2 49  ? -5.293  3.740   0.516   1.00 34.40  ? 48  PHE A N     1 
ATOM   448  C CA    . PHE B 2 49  ? -4.394  2.758   1.122   1.00 20.41  ? 48  PHE A CA    1 
ATOM   449  C C     . PHE B 2 49  ? -3.648  3.374   2.311   1.00 13.71  ? 48  PHE A C     1 
ATOM   450  O O     . PHE B 2 49  ? -3.329  2.689   3.278   1.00 7.62   ? 48  PHE A O     1 
ATOM   451  C CB    . PHE B 2 49  ? -3.393  2.266   0.063   1.00 7.56   ? 48  PHE A CB    1 
ATOM   452  C CG    . PHE B 2 49  ? -2.880  0.867   0.290   1.00 7.64   ? 48  PHE A CG    1 
ATOM   453  C CD1   . PHE B 2 49  ? -3.074  0.211   1.504   1.00 7.63   ? 48  PHE A CD1   1 
ATOM   454  C CD2   . PHE B 2 49  ? -2.184  0.210   -0.719  1.00 13.49  ? 48  PHE A CD2   1 
ATOM   455  C CE1   . PHE B 2 49  ? -2.581  -1.072  1.704   1.00 15.86  ? 48  PHE A CE1   1 
ATOM   456  C CE2   . PHE B 2 49  ? -1.685  -1.076  -0.530  1.00 8.16   ? 48  PHE A CE2   1 
ATOM   457  C CZ    . PHE B 2 49  ? -1.885  -1.718  0.685   1.00 23.07  ? 48  PHE A CZ    1 
ATOM   458  N N     . ALA B 2 50  ? -3.368  4.670   2.226   1.00 12.30  ? 49  ALA A N     1 
ATOM   459  C CA    . ALA B 2 50  ? -2.672  5.363   3.306   1.00 29.92  ? 49  ALA A CA    1 
ATOM   460  C C     . ALA B 2 50  ? -3.470  5.355   4.612   1.00 39.63  ? 49  ALA A C     1 
ATOM   461  O O     . ALA B 2 50  ? -2.909  5.127   5.686   1.00 46.69  ? 49  ALA A O     1 
ATOM   462  C CB    . ALA B 2 50  ? -2.354  6.790   2.896   1.00 50.53  ? 49  ALA A CB    1 
ATOM   463  N N     . ASN B 2 51  ? -4.779  5.579   4.508   1.00 46.30  ? 50  ASN A N     1 
ATOM   464  C CA    . ASN B 2 51  ? -5.671  5.614   5.670   1.00 40.12  ? 50  ASN A CA    1 
ATOM   465  C C     . ASN B 2 51  ? -5.665  4.312   6.460   1.00 24.46  ? 50  ASN A C     1 
ATOM   466  O O     . ASN B 2 51  ? -6.049  4.278   7.632   1.00 11.17  ? 50  ASN A O     1 
ATOM   467  C CB    . ASN B 2 51  ? -7.101  5.924   5.228   1.00 37.23  ? 50  ASN A CB    1 
ATOM   468  C CG    . ASN B 2 51  ? -7.245  7.317   4.647   1.00 41.87  ? 50  ASN A CG    1 
ATOM   469  O OD1   . ASN B 2 51  ? -6.511  8.239   5.015   1.00 30.14  ? 50  ASN A OD1   1 
ATOM   470  N ND2   . ASN B 2 51  ? -8.202  7.480   3.739   1.00 39.39  ? 50  ASN A ND2   1 
ATOM   471  N N     . LEU B 2 52  ? -5.227  3.244   5.805   1.00 32.73  ? 51  LEU A N     1 
ATOM   472  C CA    . LEU B 2 52  ? -5.178  1.931   6.425   1.00 39.96  ? 51  LEU A CA    1 
ATOM   473  C C     . LEU B 2 52  ? -3.750  1.562   6.842   1.00 31.19  ? 51  LEU A C     1 
ATOM   474  O O     . LEU B 2 52  ? -3.544  0.617   7.604   1.00 7.70   ? 51  LEU A O     1 
ATOM   475  C CB    . LEU B 2 52  ? -5.741  0.881   5.456   1.00 42.56  ? 51  LEU A CB    1 
ATOM   476  C CG    . LEU B 2 52  ? -6.466  1.353   4.181   1.00 42.52  ? 51  LEU A CG    1 
ATOM   477  C CD1   . LEU B 2 52  ? -6.775  0.141   3.307   1.00 31.91  ? 51  LEU A CD1   1 
ATOM   478  C CD2   . LEU B 2 52  ? -7.741  2.148   4.502   1.00 31.97  ? 51  LEU A CD2   1 
ATOM   479  N N     . LEU B 2 53  ? -2.771  2.323   6.349   1.00 37.32  ? 52  LEU A N     1 
ATOM   480  C CA    . LEU B 2 53  ? -1.357  2.097   6.660   1.00 31.27  ? 52  LEU A CA    1 
ATOM   481  C C     . LEU B 2 53  ? -1.008  2.623   8.053   1.00 27.19  ? 52  LEU A C     1 
ATOM   482  O O     . LEU B 2 53  ? 0.073   3.167   8.262   1.00 39.83  ? 52  LEU A O     1 
ATOM   483  C CB    . LEU B 2 53  ? -0.475  2.814   5.629   1.00 26.18  ? 52  LEU A CB    1 
ATOM   484  C CG    . LEU B 2 53  ? -0.560  2.387   4.162   1.00 31.30  ? 52  LEU A CG    1 
ATOM   485  C CD1   . LEU B 2 53  ? 0.171   3.390   3.286   1.00 18.34  ? 52  LEU A CD1   1 
ATOM   486  C CD2   . LEU B 2 53  ? 0.006   0.994   3.987   1.00 7.64   ? 52  LEU A CD2   1 
ATOM   487  N N     . SER B 2 54  ? -1.921  2.448   9.002   1.00 23.12  ? 53  SER A N     1 
ATOM   488  C CA    . SER B 2 54  ? -1.743  2.926   10.366  1.00 36.11  ? 53  SER A CA    1 
ATOM   489  C C     . SER B 2 54  ? -0.761  2.074   11.195  1.00 45.50  ? 53  SER A C     1 
ATOM   490  O O     . SER B 2 54  ? 0.203   1.525   10.657  1.00 34.67  ? 53  SER A O     1 
ATOM   491  C CB    . SER B 2 54  ? -3.113  3.024   11.047  1.00 36.09  ? 53  SER A CB    1 
ATOM   492  O OG    . SER B 2 54  ? -4.018  3.782   10.255  1.00 22.38  ? 53  SER A OG    1 
ATOM   493  N N     . THR B 2 55  ? -0.985  2.008   12.507  1.00 47.59  ? 54  THR A N     1 
ATOM   494  C CA    . THR B 2 55  ? -0.128  1.248   13.422  1.00 26.21  ? 54  THR A CA    1 
ATOM   495  C C     . THR B 2 55  ? -1.000  0.412   14.361  1.00 7.59   ? 54  THR A C     1 
ATOM   496  O O     . THR B 2 55  ? -2.195  0.661   14.466  1.00 19.66  ? 54  THR A O     1 
ATOM   497  C CB    . THR B 2 55  ? 0.745   2.206   14.296  1.00 38.37  ? 54  THR A CB    1 
ATOM   498  O OG1   . THR B 2 55  ? 0.103   2.432   15.558  1.00 44.30  ? 54  THR A OG1   1 
ATOM   499  C CG2   . THR B 2 55  ? 0.933   3.566   13.605  1.00 33.04  ? 54  THR A CG2   1 
ATOM   500  N N     . ILE B 2 56  ? -0.426  -0.587  15.027  1.00 17.28  ? 55  ILE A N     1 
ATOM   501  C CA    . ILE B 2 56  ? -1.206  -1.397  15.967  1.00 36.51  ? 55  ILE A CA    1 
ATOM   502  C C     . ILE B 2 56  ? -0.430  -1.793  17.231  1.00 53.85  ? 55  ILE A C     1 
ATOM   503  O O     . ILE B 2 56  ? -0.861  -1.461  18.344  1.00 57.31  ? 55  ILE A O     1 
ATOM   504  C CB    . ILE B 2 56  ? -1.831  -2.676  15.326  1.00 32.14  ? 55  ILE A CB    1 
ATOM   505  C CG1   . ILE B 2 56  ? -0.751  -3.673  14.932  1.00 12.64  ? 55  ILE A CG1   1 
ATOM   506  C CG2   . ILE B 2 56  ? -2.691  -2.320  14.119  1.00 33.49  ? 55  ILE A CG2   1 
ATOM   507  C CD1   . ILE B 2 56  ? -1.257  -5.076  14.833  1.00 7.64   ? 55  ILE A CD1   1 
ATOM   508  N N     . VAL B 2 57  ? 0.704   -2.485  17.066  1.00 51.86  ? 56  VAL A N     1 
ATOM   509  C CA    . VAL B 2 57  ? 1.513   -2.924  18.207  1.00 52.89  ? 56  VAL A CA    1 
ATOM   510  C C     . VAL B 2 57  ? 2.297   -1.784  18.851  1.00 65.94  ? 56  VAL A C     1 
ATOM   511  O O     . VAL B 2 57  ? 3.248   -1.254  18.269  1.00 80.24  ? 56  VAL A O     1 
ATOM   512  C CB    . VAL B 2 57  ? 2.500   -4.067  17.844  1.00 43.35  ? 56  VAL A CB    1 
ATOM   513  C CG1   . VAL B 2 57  ? 1.741   -5.328  17.491  1.00 46.81  ? 56  VAL A CG1   1 
ATOM   514  C CG2   . VAL B 2 57  ? 3.406   -3.653  16.706  1.00 40.61  ? 56  VAL A CG2   1 
ATOM   515  N N     . ALA B 2 58  ? 1.882   -1.403  20.054  1.00 57.53  ? 57  ALA A N     1 
ATOM   516  C CA    . ALA B 2 58  ? 2.548   -0.342  20.790  1.00 48.15  ? 57  ALA A CA    1 
ATOM   517  C C     . ALA B 2 58  ? 3.667   -0.932  21.665  1.00 60.87  ? 57  ALA A C     1 
ATOM   518  O O     . ALA B 2 58  ? 4.006   -2.121  21.540  1.00 39.15  ? 57  ALA A O     1 
ATOM   519  C CB    . ALA B 2 58  ? 1.534   0.411   21.630  1.00 40.42  ? 57  ALA A CB    1 
ATOM   520  N N     . PRO B 2 59  ? 4.321   -0.096  22.495  1.00 78.74  ? 58  PRO A N     1 
ATOM   521  C CA    . PRO B 2 59  ? 5.386   -0.652  23.335  1.00 71.19  ? 58  PRO A CA    1 
ATOM   522  C C     . PRO B 2 59  ? 4.918   -1.226  24.675  1.00 49.33  ? 58  PRO A C     1 
ATOM   523  O O     . PRO B 2 59  ? 5.747   -1.675  25.456  1.00 10.93  ? 58  PRO A O     1 
ATOM   524  C CB    . PRO B 2 59  ? 6.304   0.552   23.543  1.00 79.62  ? 58  PRO A CB    1 
ATOM   525  C CG    . PRO B 2 59  ? 5.331   1.687   23.618  1.00 84.84  ? 58  PRO A CG    1 
ATOM   526  C CD    . PRO B 2 59  ? 4.389   1.380   22.475  1.00 84.20  ? 58  PRO A CD    1 
ATOM   527  N N     . ASN B 2 60  ? 3.609   -1.198  24.942  1.00 50.51  ? 59  ASN A N     1 
ATOM   528  C CA    . ASN B 2 60  ? 3.083   -1.702  26.215  1.00 39.88  ? 59  ASN A CA    1 
ATOM   529  C C     . ASN B 2 60  ? 1.928   -2.726  26.161  1.00 36.24  ? 59  ASN A C     1 
ATOM   530  O O     . ASN B 2 60  ? 1.851   -3.608  27.022  1.00 27.97  ? 59  ASN A O     1 
ATOM   531  C CB    . ASN B 2 60  ? 2.790   -0.542  27.168  1.00 36.29  ? 59  ASN A CB    1 
ATOM   532  C CG    . ASN B 2 60  ? 4.060   0.177   27.609  1.00 33.82  ? 59  ASN A CG    1 
ATOM   533  O OD1   . ASN B 2 60  ? 4.583   -0.076  28.693  1.00 19.62  ? 59  ASN A OD1   1 
ATOM   534  N ND2   . ASN B 2 60  ? 4.530   1.108   26.787  1.00 37.32  ? 59  ASN A ND2   1 
ATOM   535  N N     . GLN B 2 61  ? 1.039   -2.641  25.175  1.00 36.14  ? 60  GLN A N     1 
ATOM   536  C CA    . GLN B 2 61  ? -0.031  -3.637  25.085  1.00 41.82  ? 60  GLN A CA    1 
ATOM   537  C C     . GLN B 2 61  ? 0.279   -4.550  23.905  1.00 46.90  ? 60  GLN A C     1 
ATOM   538  O O     . GLN B 2 61  ? 0.075   -4.163  22.751  1.00 45.43  ? 60  GLN A O     1 
ATOM   539  C CB    . GLN B 2 61  ? -1.411  -2.991  24.896  1.00 39.58  ? 60  GLN A CB    1 
ATOM   540  C CG    . GLN B 2 61  ? -1.537  -1.551  25.377  1.00 18.92  ? 60  GLN A CG    1 
ATOM   541  C CD    . GLN B 2 61  ? -1.336  -0.554  24.251  1.00 17.07  ? 60  GLN A CD    1 
ATOM   542  O OE1   . GLN B 2 61  ? -1.947  0.512   24.238  1.00 7.84   ? 60  GLN A OE1   1 
ATOM   543  N NE2   . GLN B 2 61  ? -0.501  -0.912  23.282  1.00 9.75   ? 60  GLN A NE2   1 
ATOM   544  N N     . ARG B 2 62  ? 0.792   -5.747  24.201  1.00 44.43  ? 61  ARG A N     1 
ATOM   545  C CA    . ARG B 2 62  ? 1.173   -6.731  23.173  1.00 51.47  ? 61  ARG A CA    1 
ATOM   546  C C     . ARG B 2 62  ? 0.065   -7.036  22.159  1.00 63.53  ? 61  ARG A C     1 
ATOM   547  O O     . ARG B 2 62  ? -1.094  -6.660  22.353  1.00 84.12  ? 61  ARG A O     1 
ATOM   548  C CB    . ARG B 2 62  ? 1.620   -8.051  23.814  1.00 55.72  ? 61  ARG A CB    1 
ATOM   549  C CG    . ARG B 2 62  ? 0.487   -8.861  24.450  1.00 57.16  ? 61  ARG A CG    1 
ATOM   550  C CD    . ARG B 2 62  ? 0.906   -10.293 24.746  1.00 54.20  ? 61  ARG A CD    1 
ATOM   551  N NE    . ARG B 2 62  ? 1.954   -10.371 25.759  1.00 53.33  ? 61  ARG A NE    1 
ATOM   552  C CZ    . ARG B 2 62  ? 2.983   -11.213 25.713  1.00 54.83  ? 61  ARG A CZ    1 
ATOM   553  N NH1   . ARG B 2 62  ? 3.113   -12.058 24.700  1.00 48.79  ? 61  ARG A NH1   1 
ATOM   554  N NH2   . ARG B 2 62  ? 3.883   -11.218 26.685  1.00 48.62  ? 61  ARG A NH2   1 
ATOM   555  N N     . PHE B 2 63  ? 0.441   -7.725  21.080  1.00 66.98  ? 62  PHE A N     1 
ATOM   556  C CA    . PHE B 2 63  ? -0.495  -8.125  20.029  1.00 56.63  ? 62  PHE A CA    1 
ATOM   557  C C     . PHE B 2 63  ? -1.467  -9.138  20.639  1.00 56.82  ? 62  PHE A C     1 
ATOM   558  O O     . PHE B 2 63  ? -1.046  -10.100 21.294  1.00 51.02  ? 62  PHE A O     1 
ATOM   559  C CB    . PHE B 2 63  ? 0.280   -8.753  18.860  1.00 45.28  ? 62  PHE A CB    1 
ATOM   560  C CG    . PHE B 2 63  ? -0.507  -8.866  17.575  1.00 35.81  ? 62  PHE A CG    1 
ATOM   561  C CD1   . PHE B 2 63  ? -1.721  -9.548  17.528  1.00 32.90  ? 62  PHE A CD1   1 
ATOM   562  C CD2   . PHE B 2 63  ? -0.009  -8.313  16.397  1.00 35.84  ? 62  PHE A CD2   1 
ATOM   563  C CE1   . PHE B 2 63  ? -2.423  -9.680  16.337  1.00 20.17  ? 62  PHE A CE1   1 
ATOM   564  C CE2   . PHE B 2 63  ? -0.704  -8.439  15.196  1.00 27.22  ? 62  PHE A CE2   1 
ATOM   565  C CZ    . PHE B 2 63  ? -1.912  -9.122  15.168  1.00 18.58  ? 62  PHE A CZ    1 
ATOM   566  N N     . PRO B 2 64  ? -2.783  -8.912  20.465  1.00 55.61  ? 63  PRO A N     1 
ATOM   567  C CA    . PRO B 2 64  ? -3.812  -9.806  21.008  1.00 49.93  ? 63  PRO A CA    1 
ATOM   568  C C     . PRO B 2 64  ? -4.031  -11.103 20.237  1.00 41.52  ? 63  PRO A C     1 
ATOM   569  O O     . PRO B 2 64  ? -3.647  -11.234 19.071  1.00 42.33  ? 63  PRO A O     1 
ATOM   570  C CB    . PRO B 2 64  ? -5.060  -8.929  20.977  1.00 49.24  ? 63  PRO A CB    1 
ATOM   571  C CG    . PRO B 2 64  ? -4.860  -8.140  19.720  1.00 43.42  ? 63  PRO A CG    1 
ATOM   572  C CD    . PRO B 2 64  ? -3.397  -7.746  19.800  1.00 43.19  ? 63  PRO A CD    1 
ATOM   573  N N     . ASP B 2 65  ? -4.620  -12.075 20.923  1.00 31.18  ? 64  ASP A N     1 
ATOM   574  C CA    . ASP B 2 65  ? -4.937  -13.359 20.313  1.00 43.55  ? 64  ASP A CA    1 
ATOM   575  C C     . ASP B 2 65  ? -6.250  -13.180 19.550  1.00 65.77  ? 64  ASP A C     1 
ATOM   576  O O     . ASP B 2 65  ? -6.567  -13.935 18.626  1.00 72.20  ? 64  ASP A O     1 
ATOM   577  C CB    . ASP B 2 65  ? -5.096  -14.445 21.388  1.00 35.40  ? 64  ASP A CB    1 
ATOM   578  C CG    . ASP B 2 65  ? -6.394  -14.310 22.183  1.00 28.96  ? 64  ASP A CG    1 
ATOM   579  O OD1   . ASP B 2 65  ? -6.763  -13.171 22.557  1.00 22.91  ? 64  ASP A OD1   1 
ATOM   580  O OD2   . ASP B 2 65  ? -7.047  -15.349 22.424  1.00 28.14  ? 64  ASP A OD2   1 
ATOM   581  N N     . THR B 2 66  ? -6.995  -12.152 19.956  1.00 74.78  ? 65  THR A N     1 
ATOM   582  C CA    . THR B 2 66  ? -8.279  -11.797 19.366  1.00 72.46  ? 65  THR A CA    1 
ATOM   583  C C     . THR B 2 66  ? -8.090  -10.910 18.131  1.00 65.46  ? 65  THR A C     1 
ATOM   584  O O     . THR B 2 66  ? -8.866  -9.977  17.894  1.00 59.20  ? 65  THR A O     1 
ATOM   585  C CB    . THR B 2 66  ? -9.171  -11.069 20.407  1.00 77.68  ? 65  THR A CB    1 
ATOM   586  O OG1   . THR B 2 66  ? -8.458  -9.952  20.958  1.00 73.49  ? 65  THR A OG1   1 
ATOM   587  C CG2   . THR B 2 66  ? -9.564  -12.021 21.536  1.00 75.98  ? 65  THR A CG2   1 
ATOM   588  N N     . GLY B 2 67  ? -7.059  -11.215 17.344  1.00 69.73  ? 66  GLY A N     1 
ATOM   589  C CA    . GLY B 2 67  ? -6.781  -10.444 16.146  1.00 69.32  ? 66  GLY A CA    1 
ATOM   590  C C     . GLY B 2 67  ? -5.663  -10.963 15.251  1.00 62.56  ? 66  GLY A C     1 
ATOM   591  O O     . GLY B 2 67  ? -4.760  -11.687 15.694  1.00 42.08  ? 66  GLY A O     1 
ATOM   592  N N     . PHE B 2 68  ? -5.754  -10.586 13.975  1.00 67.13  ? 67  PHE A N     1 
ATOM   593  C CA    . PHE B 2 68  ? -4.791  -10.942 12.928  1.00 70.74  ? 67  PHE A CA    1 
ATOM   594  C C     . PHE B 2 68  ? -4.743  -9.809  11.893  1.00 60.65  ? 67  PHE A C     1 
ATOM   595  O O     . PHE B 2 68  ? -5.645  -9.650  11.063  1.00 57.16  ? 67  PHE A O     1 
ATOM   596  C CB    . PHE B 2 68  ? -5.145  -12.291 12.271  1.00 71.42  ? 67  PHE A CB    1 
ATOM   597  C CG    . PHE B 2 68  ? -6.624  -12.582 12.217  1.00 69.66  ? 67  PHE A CG    1 
ATOM   598  C CD1   . PHE B 2 68  ? -7.457  -11.896 11.333  1.00 68.42  ? 67  PHE A CD1   1 
ATOM   599  C CD2   . PHE B 2 68  ? -7.187  -13.530 13.065  1.00 67.31  ? 67  PHE A CD2   1 
ATOM   600  C CE1   . PHE B 2 68  ? -8.830  -12.148 11.299  1.00 66.63  ? 67  PHE A CE1   1 
ATOM   601  C CE2   . PHE B 2 68  ? -8.560  -13.790 13.038  1.00 64.22  ? 67  PHE A CE2   1 
ATOM   602  C CZ    . PHE B 2 68  ? -9.381  -13.097 12.157  1.00 63.24  ? 67  PHE A CZ    1 
ATOM   603  N N     . ARG B 2 69  ? -3.692  -9.002  11.986  1.00 38.31  ? 68  ARG A N     1 
ATOM   604  C CA    . ARG B 2 69  ? -3.516  -7.846  11.116  1.00 29.75  ? 68  ARG A CA    1 
ATOM   605  C C     . ARG B 2 69  ? -2.602  -8.130  9.930   1.00 25.20  ? 68  ARG A C     1 
ATOM   606  O O     . ARG B 2 69  ? -2.045  -9.219  9.816   1.00 20.68  ? 68  ARG A O     1 
ATOM   607  C CB    . ARG B 2 69  ? -2.993  -6.664  11.946  1.00 44.62  ? 68  ARG A CB    1 
ATOM   608  C CG    . ARG B 2 69  ? -4.020  -6.069  12.940  1.00 46.87  ? 68  ARG A CG    1 
ATOM   609  C CD    . ARG B 2 69  ? -4.422  -7.051  14.043  1.00 54.19  ? 68  ARG A CD    1 
ATOM   610  N NE    . ARG B 2 69  ? -5.416  -6.514  14.977  1.00 55.03  ? 68  ARG A NE    1 
ATOM   611  C CZ    . ARG B 2 69  ? -5.186  -6.281  16.269  1.00 56.77  ? 68  ARG A CZ    1 
ATOM   612  N NH1   . ARG B 2 69  ? -3.993  -6.531  16.795  1.00 60.65  ? 68  ARG A NH1   1 
ATOM   613  N NH2   . ARG B 2 69  ? -6.159  -5.824  17.048  1.00 42.54  ? 68  ARG A NH2   1 
ATOM   614  N N     . VAL B 2 70  ? -2.475  -7.163  9.025   1.00 27.73  ? 69  VAL A N     1 
ATOM   615  C CA    . VAL B 2 70  ? -1.617  -7.348  7.860   1.00 42.47  ? 69  VAL A CA    1 
ATOM   616  C C     . VAL B 2 70  ? -0.436  -6.377  7.813   1.00 28.29  ? 69  VAL A C     1 
ATOM   617  O O     . VAL B 2 70  ? -0.601  -5.162  7.673   1.00 22.35  ? 69  VAL A O     1 
ATOM   618  C CB    . VAL B 2 70  ? -2.420  -7.338  6.511   1.00 49.45  ? 69  VAL A CB    1 
ATOM   619  C CG1   . VAL B 2 70  ? -3.218  -6.085  6.366   1.00 61.88  ? 69  VAL A CG1   1 
ATOM   620  C CG2   . VAL B 2 70  ? -1.485  -7.491  5.313   1.00 57.94  ? 69  VAL A CG2   1 
ATOM   621  N N     . TYR B 2 71  ? 0.753   -6.951  7.981   1.00 7.61   ? 70  TYR A N     1 
ATOM   622  C CA    . TYR B 2 71  ? 2.027   -6.244  7.946   1.00 7.63   ? 70  TYR A CA    1 
ATOM   623  C C     . TYR B 2 71  ? 2.235   -5.731  6.518   1.00 7.62   ? 70  TYR A C     1 
ATOM   624  O O     . TYR B 2 71  ? 2.746   -6.457  5.669   1.00 17.66  ? 70  TYR A O     1 
ATOM   625  C CB    . TYR B 2 71  ? 3.113   -7.254  8.307   1.00 22.31  ? 70  TYR A CB    1 
ATOM   626  C CG    . TYR B 2 71  ? 4.478   -6.703  8.623   1.00 33.55  ? 70  TYR A CG    1 
ATOM   627  C CD1   . TYR B 2 71  ? 4.735   -6.070  9.838   1.00 36.94  ? 70  TYR A CD1   1 
ATOM   628  C CD2   . TYR B 2 71  ? 5.541   -6.902  7.748   1.00 19.65  ? 70  TYR A CD2   1 
ATOM   629  C CE1   . TYR B 2 71  ? 6.021   -5.656  10.176  1.00 36.58  ? 70  TYR A CE1   1 
ATOM   630  C CE2   . TYR B 2 71  ? 6.833   -6.493  8.075   1.00 37.94  ? 70  TYR A CE2   1 
ATOM   631  C CZ    . TYR B 2 71  ? 7.069   -5.872  9.290   1.00 42.57  ? 70  TYR A CZ    1 
ATOM   632  O OH    . TYR B 2 71  ? 8.351   -5.470  9.609   1.00 25.62  ? 70  TYR A OH    1 
ATOM   633  N N     . VAL B 2 72  ? 1.847   -4.482  6.264   1.00 7.66   ? 71  VAL A N     1 
ATOM   634  C CA    . VAL B 2 72  ? 1.934   -3.879  4.929   1.00 19.71  ? 71  VAL A CA    1 
ATOM   635  C C     . VAL B 2 72  ? 3.351   -3.571  4.421   1.00 20.17  ? 71  VAL A C     1 
ATOM   636  O O     . VAL B 2 72  ? 3.511   -2.898  3.399   1.00 7.67   ? 71  VAL A O     1 
ATOM   637  C CB    . VAL B 2 72  ? 1.093   -2.581  4.837   1.00 29.80  ? 71  VAL A CB    1 
ATOM   638  C CG1   . VAL B 2 72  ? 0.694   -2.311  3.391   1.00 31.86  ? 71  VAL A CG1   1 
ATOM   639  C CG2   . VAL B 2 72  ? -0.131  -2.670  5.728   1.00 12.36  ? 71  VAL A CG2   1 
ATOM   640  N N     . ASN B 2 73  ? 4.372   -4.060  5.116   1.00 19.79  ? 72  ASN A N     1 
ATOM   641  C CA    . ASN B 2 73  ? 5.748   -3.823  4.689   1.00 15.71  ? 72  ASN A CA    1 
ATOM   642  C C     . ASN B 2 73  ? 6.543   -5.119  4.703   1.00 19.27  ? 72  ASN A C     1 
ATOM   643  O O     . ASN B 2 73  ? 7.690   -5.152  5.154   1.00 32.44  ? 72  ASN A O     1 
ATOM   644  C CB    . ASN B 2 73  ? 6.428   -2.783  5.587   1.00 29.27  ? 72  ASN A CB    1 
ATOM   645  C CG    . ASN B 2 73  ? 6.646   -3.288  6.999   1.00 25.30  ? 72  ASN A CG    1 
ATOM   646  O OD1   . ASN B 2 73  ? 5.718   -3.772  7.640   1.00 21.03  ? 72  ASN A OD1   1 
ATOM   647  N ND2   . ASN B 2 73  ? 7.880   -3.192  7.484   1.00 16.91  ? 72  ASN A ND2   1 
ATOM   648  N N     . SER B 2 74  ? 5.954   -6.175  4.146   1.00 24.69  ? 73  SER A N     1 
ATOM   649  C CA    . SER B 2 74  ? 6.593   -7.487  4.128   1.00 23.98  ? 73  SER A CA    1 
ATOM   650  C C     . SER B 2 74  ? 6.873   -8.054  2.740   1.00 28.36  ? 73  SER A C     1 
ATOM   651  O O     . SER B 2 74  ? 6.707   -7.383  1.726   1.00 20.70  ? 73  SER A O     1 
ATOM   652  C CB    . SER B 2 74  ? 5.746   -8.479  4.927   1.00 42.99  ? 73  SER A CB    1 
ATOM   653  O OG    . SER B 2 74  ? 4.367   -8.303  4.651   1.00 40.78  ? 73  SER A OG    1 
ATOM   654  N N     . ALA B 2 75  ? 7.307   -9.312  2.748   1.00 32.12  ? 74  ALA A N     1 
ATOM   655  C CA    . ALA B 2 75  ? 7.662   -10.118 1.582   1.00 29.30  ? 74  ALA A CA    1 
ATOM   656  C C     . ALA B 2 75  ? 7.354   -9.544  0.201   1.00 32.26  ? 74  ALA A C     1 
ATOM   657  O O     . ALA B 2 75  ? 8.245   -9.028  -0.478  1.00 35.86  ? 74  ALA A O     1 
ATOM   658  C CB    . ALA B 2 75  ? 7.039   -11.500 1.713   1.00 13.78  ? 74  ALA A CB    1 
ATOM   659  N N     . VAL B 2 76  ? 6.094   -9.647  -0.210  1.00 30.73  ? 75  VAL A N     1 
ATOM   660  C CA    . VAL B 2 76  ? 5.669   -9.195  -1.531  1.00 26.75  ? 75  VAL A CA    1 
ATOM   661  C C     . VAL B 2 76  ? 4.905   -7.892  -1.515  1.00 20.02  ? 75  VAL A C     1 
ATOM   662  O O     . VAL B 2 76  ? 4.974   -7.110  -2.472  1.00 10.62  ? 75  VAL A O     1 
ATOM   663  C CB    . VAL B 2 76  ? 4.784   -10.258 -2.191  1.00 24.35  ? 75  VAL A CB    1 
ATOM   664  C CG1   . VAL B 2 76  ? 5.522   -11.594 -2.219  1.00 27.69  ? 75  VAL A CG1   1 
ATOM   665  C CG2   . VAL B 2 76  ? 3.456   -10.387 -1.441  1.00 17.70  ? 75  VAL A CG2   1 
ATOM   666  N N     . ILE B 2 77  ? 4.148   -7.680  -0.446  1.00 31.74  ? 76  ILE A N     1 
ATOM   667  C CA    . ILE B 2 77  ? 3.352   -6.474  -0.313  1.00 37.23  ? 76  ILE A CA    1 
ATOM   668  C C     . ILE B 2 77  ? 4.204   -5.214  -0.454  1.00 36.86  ? 76  ILE A C     1 
ATOM   669  O O     . ILE B 2 77  ? 4.158   -4.587  -1.495  1.00 19.87  ? 76  ILE A O     1 
ATOM   670  C CB    . ILE B 2 77  ? 2.503   -6.471  0.998   1.00 31.10  ? 76  ILE A CB    1 
ATOM   671  C CG1   . ILE B 2 77  ? 1.717   -5.161  1.120   1.00 31.38  ? 76  ILE A CG1   1 
ATOM   672  C CG2   . ILE B 2 77  ? 3.368   -6.740  2.207   1.00 7.59   ? 76  ILE A CG2   1 
ATOM   673  C CD1   . ILE B 2 77  ? 0.600   -5.008  0.103   1.00 27.48  ? 76  ILE A CD1   1 
ATOM   674  N N     . LYS B 2 78  ? 5.075   -4.943  0.514   1.00 37.43  ? 77  LYS A N     1 
ATOM   675  C CA    . LYS B 2 78  ? 5.936   -3.753  0.525   1.00 38.66  ? 77  LYS A CA    1 
ATOM   676  C C     . LYS B 2 78  ? 6.611   -3.383  -0.818  1.00 44.32  ? 77  LYS A C     1 
ATOM   677  O O     . LYS B 2 78  ? 6.417   -2.263  -1.312  1.00 39.04  ? 77  LYS A O     1 
ATOM   678  C CB    . LYS B 2 78  ? 6.975   -3.858  1.654   1.00 31.63  ? 77  LYS A CB    1 
ATOM   679  C CG    . LYS B 2 78  ? 7.640   -2.554  2.102   1.00 14.39  ? 77  LYS A CG    1 
ATOM   680  C CD    . LYS B 2 78  ? 8.690   -2.076  1.111   1.00 31.21  ? 77  LYS A CD    1 
ATOM   681  C CE    . LYS B 2 78  ? 9.777   -3.124  0.891   1.00 24.04  ? 77  LYS A CE    1 
ATOM   682  N NZ    . LYS B 2 78  ? 10.624  -2.827  -0.301  1.00 19.40  ? 77  LYS A NZ    1 
ATOM   683  N N     . PRO B 2 79  ? 7.423   -4.292  -1.411  1.00 31.67  ? 78  PRO A N     1 
ATOM   684  C CA    . PRO B 2 79  ? 8.110   -4.020  -2.687  1.00 17.02  ? 78  PRO A CA    1 
ATOM   685  C C     . PRO B 2 79  ? 7.173   -3.810  -3.883  1.00 15.68  ? 78  PRO A C     1 
ATOM   686  O O     . PRO B 2 79  ? 7.358   -2.887  -4.682  1.00 7.64   ? 78  PRO A O     1 
ATOM   687  C CB    . PRO B 2 79  ? 8.983   -5.265  -2.880  1.00 10.84  ? 78  PRO A CB    1 
ATOM   688  C CG    . PRO B 2 79  ? 9.175   -5.784  -1.483  1.00 21.17  ? 78  PRO A CG    1 
ATOM   689  C CD    . PRO B 2 79  ? 7.801   -5.624  -0.910  1.00 9.91   ? 78  PRO A CD    1 
ATOM   690  N N     . LEU B 2 80  ? 6.154   -4.657  -3.987  1.00 34.72  ? 79  LEU A N     1 
ATOM   691  C CA    . LEU B 2 80  ? 5.203   -4.563  -5.087  1.00 24.17  ? 79  LEU A CA    1 
ATOM   692  C C     . LEU B 2 80  ? 4.021   -3.647  -4.798  1.00 21.87  ? 79  LEU A C     1 
ATOM   693  O O     . LEU B 2 80  ? 3.258   -3.333  -5.709  1.00 26.53  ? 79  LEU A O     1 
ATOM   694  C CB    . LEU B 2 80  ? 4.696   -5.950  -5.472  1.00 36.50  ? 79  LEU A CB    1 
ATOM   695  C CG    . LEU B 2 80  ? 5.690   -6.857  -6.201  1.00 42.50  ? 79  LEU A CG    1 
ATOM   696  C CD1   . LEU B 2 80  ? 5.090   -8.242  -6.357  1.00 47.85  ? 79  LEU A CD1   1 
ATOM   697  C CD2   . LEU B 2 80  ? 6.050   -6.274  -7.562  1.00 35.27  ? 79  LEU A CD2   1 
ATOM   698  N N     . TYR B 2 81  ? 3.881   -3.199  -3.549  1.00 15.52  ? 80  TYR A N     1 
ATOM   699  C CA    . TYR B 2 81  ? 2.783   -2.309  -3.162  1.00 16.52  ? 80  TYR A CA    1 
ATOM   700  C C     . TYR B 2 81  ? 3.245   -0.868  -3.311  1.00 13.00  ? 80  TYR A C     1 
ATOM   701  O O     . TYR B 2 81  ? 2.439   0.029   -3.521  1.00 43.39  ? 80  TYR A O     1 
ATOM   702  C CB    . TYR B 2 81  ? 2.264   -2.614  -1.741  1.00 16.40  ? 80  TYR A CB    1 
ATOM   703  C CG    . TYR B 2 81  ? 2.445   -1.503  -0.718  1.00 25.10  ? 80  TYR A CG    1 
ATOM   704  C CD1   . TYR B 2 81  ? 1.601   -0.390  -0.708  1.00 23.25  ? 80  TYR A CD1   1 
ATOM   705  C CD2   . TYR B 2 81  ? 3.449   -1.573  0.245   1.00 14.65  ? 80  TYR A CD2   1 
ATOM   706  C CE1   . TYR B 2 81  ? 1.755   0.619   0.227   1.00 23.21  ? 80  TYR A CE1   1 
ATOM   707  C CE2   . TYR B 2 81  ? 3.610   -0.569  1.187   1.00 8.62   ? 80  TYR A CE2   1 
ATOM   708  C CZ    . TYR B 2 81  ? 2.761   0.524   1.172   1.00 14.67  ? 80  TYR A CZ    1 
ATOM   709  O OH    . TYR B 2 81  ? 2.922   1.529   2.093   1.00 19.79  ? 80  TYR A OH    1 
ATOM   710  N N     . GLU B 2 82  ? 4.536   -0.637  -3.106  1.00 17.85  ? 81  GLU A N     1 
ATOM   711  C CA    . GLU B 2 82  ? 5.071   0.695   -3.311  1.00 24.71  ? 81  GLU A CA    1 
ATOM   712  C C     . GLU B 2 82  ? 5.263   0.798   -4.818  1.00 40.70  ? 81  GLU A C     1 
ATOM   713  O O     . GLU B 2 82  ? 4.989   1.831   -5.410  1.00 45.43  ? 81  GLU A O     1 
ATOM   714  C CB    . GLU B 2 82  ? 6.402   0.899   -2.578  1.00 35.48  ? 81  GLU A CB    1 
ATOM   715  C CG    . GLU B 2 82  ? 7.022   2.292   -2.758  1.00 32.78  ? 81  GLU A CG    1 
ATOM   716  C CD    . GLU B 2 82  ? 7.620   2.505   -4.139  1.00 34.99  ? 81  GLU A CD    1 
ATOM   717  O OE1   . GLU B 2 82  ? 8.441   1.673   -4.574  1.00 20.82  ? 81  GLU A OE1   1 
ATOM   718  O OE2   . GLU B 2 82  ? 7.251   3.488   -4.806  1.00 20.17  ? 81  GLU A OE2   1 
ATOM   719  N N     . ALA B 2 83  ? 5.728   -0.298  -5.423  1.00 40.01  ? 82  ALA A N     1 
ATOM   720  C CA    . ALA B 2 83  ? 5.924   -0.351  -6.870  1.00 30.60  ? 82  ALA A CA    1 
ATOM   721  C C     . ALA B 2 83  ? 4.571   -0.204  -7.561  1.00 21.81  ? 82  ALA A C     1 
ATOM   722  O O     . ALA B 2 83  ? 4.453   0.496   -8.572  1.00 34.70  ? 82  ALA A O     1 
ATOM   723  C CB    . ALA B 2 83  ? 6.586   -1.661  -7.271  1.00 25.83  ? 82  ALA A CB    1 
ATOM   724  N N     . LEU B 2 84  ? 3.547   -0.831  -6.982  1.00 14.61  ? 83  LEU A N     1 
ATOM   725  C CA    . LEU B 2 84  ? 2.187   -0.762  -7.511  1.00 38.02  ? 83  LEU A CA    1 
ATOM   726  C C     . LEU B 2 84  ? 1.639   0.649   -7.361  1.00 43.61  ? 83  LEU A C     1 
ATOM   727  O O     . LEU B 2 84  ? 1.377   1.319   -8.354  1.00 50.58  ? 83  LEU A O     1 
ATOM   728  C CB    . LEU B 2 84  ? 1.265   -1.746  -6.778  1.00 35.28  ? 83  LEU A CB    1 
ATOM   729  C CG    . LEU B 2 84  ? -0.226  -1.808  -7.139  1.00 28.42  ? 83  LEU A CG    1 
ATOM   730  C CD1   . LEU B 2 84  ? -1.037  -0.665  -6.526  1.00 28.65  ? 83  LEU A CD1   1 
ATOM   731  C CD2   . LEU B 2 84  ? -0.371  -1.849  -8.647  1.00 39.46  ? 83  LEU A CD2   1 
ATOM   732  N N     . MET B 2 85  ? 1.421   1.072   -6.114  1.00 38.30  ? 84  MET A N     1 
ATOM   733  C CA    . MET B 2 85  ? 0.905   2.405   -5.806  1.00 35.16  ? 84  MET A CA    1 
ATOM   734  C C     . MET B 2 85  ? 1.678   3.469   -6.567  1.00 18.70  ? 84  MET A C     1 
ATOM   735  O O     . MET B 2 85  ? 1.134   4.519   -6.909  1.00 7.59   ? 84  MET A O     1 
ATOM   736  C CB    . MET B 2 85  ? 0.994   2.684   -4.301  1.00 51.98  ? 84  MET A CB    1 
ATOM   737  C CG    . MET B 2 85  ? -0.088  2.015   -3.446  1.00 61.13  ? 84  MET A CG    1 
ATOM   738  S SD    . MET B 2 85  ? -1.413  3.145   -2.898  1.00 59.45  ? 84  MET A SD    1 
ATOM   739  C CE    . MET B 2 85  ? -2.869  2.328   -3.568  1.00 60.72  ? 84  MET A CE    1 
ATOM   740  N N     . LYS B 2 86  ? 2.938   3.165   -6.870  1.00 25.74  ? 85  LYS A N     1 
ATOM   741  C CA    . LYS B 2 86  ? 3.788   4.079   -7.606  1.00 45.89  ? 85  LYS A CA    1 
ATOM   742  C C     . LYS B 2 86  ? 3.474   4.084   -9.098  1.00 51.61  ? 85  LYS A C     1 
ATOM   743  O O     . LYS B 2 86  ? 3.603   5.121   -9.735  1.00 68.76  ? 85  LYS A O     1 
ATOM   744  C CB    . LYS B 2 86  ? 5.265   3.754   -7.383  1.00 48.43  ? 85  LYS A CB    1 
ATOM   745  C CG    . LYS B 2 86  ? 6.222   4.738   -8.030  1.00 46.47  ? 85  LYS A CG    1 
ATOM   746  C CD    . LYS B 2 86  ? 5.964   6.176   -7.584  1.00 33.42  ? 85  LYS A CD    1 
ATOM   747  C CE    . LYS B 2 86  ? 6.220   6.368   -6.106  1.00 29.93  ? 85  LYS A CE    1 
ATOM   748  N NZ    . LYS B 2 86  ? 5.981   7.770   -5.698  1.00 35.65  ? 85  LYS A NZ    1 
ATOM   749  N N     . SER B 2 87  ? 3.093   2.934   -9.661  1.00 30.60  ? 86  SER A N     1 
ATOM   750  C CA    . SER B 2 87  ? 2.759   2.845   -11.092 1.00 25.26  ? 86  SER A CA    1 
ATOM   751  C C     . SER B 2 87  ? 1.937   4.046   -11.560 1.00 36.77  ? 86  SER A C     1 
ATOM   752  O O     . SER B 2 87  ? 2.127   4.556   -12.676 1.00 29.21  ? 86  SER A O     1 
ATOM   753  C CB    . SER B 2 87  ? 1.979   1.568   -11.388 1.00 14.93  ? 86  SER A CB    1 
ATOM   754  O OG    . SER B 2 87  ? 2.779   0.429   -11.169 1.00 16.74  ? 86  SER A OG    1 
ATOM   755  N N     . PHE B 2 88  ? 1.011   4.487   -10.710 1.00 40.26  ? 87  PHE A N     1 
ATOM   756  C CA    . PHE B 2 88  ? 0.195   5.645   -11.034 1.00 37.95  ? 87  PHE A CA    1 
ATOM   757  C C     . PHE B 2 88  ? 0.774   6.917   -10.421 1.00 36.92  ? 87  PHE A C     1 
ATOM   758  O O     . PHE B 2 88  ? 0.061   7.771   -9.883  1.00 29.46  ? 87  PHE A O     1 
ATOM   759  C CB    . PHE B 2 88  ? -1.286  5.423   -10.689 1.00 35.94  ? 87  PHE A CB    1 
ATOM   760  C CG    . PHE B 2 88  ? -1.544  4.843   -9.319  1.00 28.79  ? 87  PHE A CG    1 
ATOM   761  C CD1   . PHE B 2 88  ? -1.589  5.663   -8.194  1.00 33.11  ? 87  PHE A CD1   1 
ATOM   762  C CD2   . PHE B 2 88  ? -1.843  3.493   -9.171  1.00 10.38  ? 87  PHE A CD2   1 
ATOM   763  C CE1   . PHE B 2 88  ? -1.943  5.145   -6.949  1.00 33.84  ? 87  PHE A CE1   1 
ATOM   764  C CE2   . PHE B 2 88  ? -2.198  2.968   -7.930  1.00 12.20  ? 87  PHE A CE2   1 
ATOM   765  C CZ    . PHE B 2 88  ? -2.249  3.796   -6.818  1.00 28.50  ? 87  PHE A CZ    1 
ATOM   766  N N     . ASP B 2 89  ? 2.095   7.019   -10.538 1.00 33.84  ? 88  ASP A N     1 
ATOM   767  C CA    . ASP B 2 89  ? 2.872   8.146   -10.052 1.00 14.47  ? 88  ASP A CA    1 
ATOM   768  C C     . ASP B 2 89  ? 2.293   9.382   -10.695 1.00 9.82   ? 88  ASP A C     1 
ATOM   769  O O     . ASP B 2 89  ? 1.751   10.258  -10.021 1.00 7.63   ? 88  ASP A O     1 
ATOM   770  C CB    . ASP B 2 89  ? 4.329   7.975   -10.514 1.00 10.30  ? 88  ASP A CB    1 
ATOM   771  C CG    . ASP B 2 89  ? 5.263   9.067   -9.998  1.00 25.46  ? 88  ASP A CG    1 
ATOM   772  O OD1   . ASP B 2 89  ? 4.897   10.262  -10.026 1.00 15.04  ? 88  ASP A OD1   1 
ATOM   773  O OD2   . ASP B 2 89  ? 6.396   8.722   -9.597  1.00 11.36  ? 88  ASP A OD2   1 
ATOM   774  N N     . THR B 2 90  ? 2.341   9.370   -12.022 1.00 20.27  ? 89  THR A N     1 
ATOM   775  C CA    . THR B 2 90  ? 1.877   10.469  -12.842 1.00 30.23  ? 89  THR A CA    1 
ATOM   776  C C     . THR B 2 90  ? 1.899   10.047  -14.323 1.00 24.43  ? 89  THR A C     1 
ATOM   777  O O     . THR B 2 90  ? 1.422   8.956   -14.676 1.00 12.23  ? 89  THR A O     1 
ATOM   778  C CB    . THR B 2 90  ? 2.783   11.731  -12.562 1.00 27.06  ? 89  THR A CB    1 
ATOM   779  O OG1   . THR B 2 90  ? 2.328   12.859  -13.319 1.00 43.29  ? 89  THR A OG1   1 
ATOM   780  C CG2   . THR B 2 90  ? 4.258   11.449  -12.882 1.00 32.94  ? 89  THR A CG2   1 
ATOM   781  N N     . ARG B 2 91  ? 2.442   10.931  -15.158 1.00 38.65  ? 90  ARG A N     1 
ATOM   782  C CA    . ARG B 2 91  ? 2.620   10.783  -16.602 1.00 32.35  ? 90  ARG A CA    1 
ATOM   783  C C     . ARG B 2 91  ? 2.961   12.175  -17.164 1.00 32.58  ? 90  ARG A C     1 
ATOM   784  O O     . ARG B 2 91  ? 2.924   13.170  -16.426 1.00 13.10  ? 90  ARG A O     1 
ATOM   785  C CB    . ARG B 2 91  ? 1.388   10.159  -17.291 1.00 9.59   ? 90  ARG A CB    1 
ATOM   786  C CG    . ARG B 2 91  ? 0.026   10.709  -16.898 1.00 17.41  ? 90  ARG A CG    1 
ATOM   787  C CD    . ARG B 2 91  ? -1.054  9.981   -17.688 1.00 19.44  ? 90  ARG A CD    1 
ATOM   788  N NE    . ARG B 2 91  ? -2.406  10.231  -17.193 1.00 22.83  ? 90  ARG A NE    1 
ATOM   789  C CZ    . ARG B 2 91  ? -2.997  9.511   -16.244 1.00 21.83  ? 90  ARG A CZ    1 
ATOM   790  N NH1   . ARG B 2 91  ? -2.356  8.492   -15.685 1.00 18.92  ? 90  ARG A NH1   1 
ATOM   791  N NH2   . ARG B 2 91  ? -4.231  9.804   -15.860 1.00 10.37  ? 90  ARG A NH2   1 
ATOM   792  N N     . ASN B 2 92  ? 3.373   12.247  -18.429 1.00 39.98  ? 91  ASN A N     1 
ATOM   793  C CA    . ASN B 2 92  ? 3.712   13.537  -19.033 1.00 47.60  ? 91  ASN A CA    1 
ATOM   794  C C     . ASN B 2 92  ? 2.439   14.279  -19.450 1.00 44.13  ? 91  ASN A C     1 
ATOM   795  O O     . ASN B 2 92  ? 2.209   14.537  -20.636 1.00 38.55  ? 91  ASN A O     1 
ATOM   796  C CB    . ASN B 2 92  ? 4.651   13.335  -20.231 1.00 35.11  ? 91  ASN A CB    1 
ATOM   797  C CG    . ASN B 2 92  ? 5.479   14.573  -20.544 1.00 21.32  ? 91  ASN A CG    1 
ATOM   798  O OD1   . ASN B 2 92  ? 6.676   14.622  -20.252 1.00 18.96  ? 91  ASN A OD1   1 
ATOM   799  N ND2   . ASN B 2 92  ? 4.846   15.578  -21.142 1.00 10.55  ? 91  ASN A ND2   1 
ATOM   800  N N     . ARG B 2 93  ? 1.612   14.606  -18.459 1.00 31.68  ? 92  ARG A N     1 
ATOM   801  C CA    . ARG B 2 93  ? 0.354   15.308  -18.682 1.00 46.21  ? 92  ARG A CA    1 
ATOM   802  C C     . ARG B 2 93  ? 0.558   16.763  -19.031 1.00 46.85  ? 92  ARG A C     1 
ATOM   803  O O     . ARG B 2 93  ? 1.053   17.556  -18.229 1.00 60.79  ? 92  ARG A O     1 
ATOM   804  C CB    . ARG B 2 93  ? -0.549  15.203  -17.464 1.00 37.93  ? 92  ARG A CB    1 
ATOM   805  C CG    . ARG B 2 93  ? -1.322  13.920  -17.407 1.00 33.20  ? 92  ARG A CG    1 
ATOM   806  C CD    . ARG B 2 93  ? -1.993  13.781  -16.072 1.00 41.92  ? 92  ARG A CD    1 
ATOM   807  N NE    . ARG B 2 93  ? -1.017  13.607  -15.001 1.00 37.12  ? 92  ARG A NE    1 
ATOM   808  C CZ    . ARG B 2 93  ? -1.191  14.038  -13.757 1.00 46.64  ? 92  ARG A CZ    1 
ATOM   809  N NH1   . ARG B 2 93  ? -2.306  14.681  -13.422 1.00 48.34  ? 92  ARG A NH1   1 
ATOM   810  N NH2   . ARG B 2 93  ? -0.267  13.803  -12.840 1.00 39.42  ? 92  ARG A NH2   1 
ATOM   811  N N     . ILE B 2 94  ? 0.136   17.102  -20.237 1.00 24.76  ? 93  ILE A N     1 
ATOM   812  C CA    . ILE B 2 94  ? 0.253   18.453  -20.746 1.00 25.24  ? 93  ILE A CA    1 
ATOM   813  C C     . ILE B 2 94  ? -0.852  18.649  -21.784 1.00 36.35  ? 93  ILE A C     1 
ATOM   814  O O     . ILE B 2 94  ? -0.793  18.115  -22.896 1.00 54.51  ? 93  ILE A O     1 
ATOM   815  C CB    . ILE B 2 94  ? 1.680   18.706  -21.335 1.00 21.39  ? 93  ILE A CB    1 
ATOM   816  C CG1   . ILE B 2 94  ? 1.834   20.158  -21.781 1.00 22.25  ? 93  ILE A CG1   1 
ATOM   817  C CG2   . ILE B 2 94  ? 1.986   17.722  -22.468 1.00 8.62   ? 93  ILE A CG2   1 
ATOM   818  C CD1   . ILE B 2 94  ? 3.212   20.486  -22.313 1.00 35.26  ? 93  ILE A CD1   1 
ATOM   819  N N     . ILE B 2 95  ? -1.908  19.345  -21.366 1.00 18.77  ? 94  ILE A N     1 
ATOM   820  C CA    . ILE B 2 95  ? -3.058  19.605  -22.222 1.00 10.41  ? 94  ILE A CA    1 
ATOM   821  C C     . ILE B 2 95  ? -2.891  20.966  -22.882 1.00 7.56   ? 94  ILE A C     1 
ATOM   822  O O     . ILE B 2 95  ? -3.647  21.893  -22.598 1.00 40.12  ? 94  ILE A O     1 
ATOM   823  C CB    . ILE B 2 95  ? -4.367  19.601  -21.388 1.00 23.17  ? 94  ILE A CB    1 
ATOM   824  C CG1   . ILE B 2 95  ? -4.320  18.493  -20.328 1.00 18.00  ? 94  ILE A CG1   1 
ATOM   825  C CG2   . ILE B 2 95  ? -5.571  19.409  -22.303 1.00 33.56  ? 94  ILE A CG2   1 
ATOM   826  C CD1   . ILE B 2 95  ? -5.480  18.488  -19.375 1.00 7.61   ? 94  ILE A CD1   1 
ATOM   827  N N     . GLU B 2 96  ? -1.889  21.094  -23.748 1.00 11.29  ? 95  GLU A N     1 
ATOM   828  C CA    . GLU B 2 96  ? -1.615  22.364  -24.420 1.00 7.56   ? 95  GLU A CA    1 
ATOM   829  C C     . GLU B 2 96  ? -2.818  22.864  -25.199 1.00 17.46  ? 95  GLU A C     1 
ATOM   830  O O     . GLU B 2 96  ? -3.071  22.421  -26.316 1.00 8.63   ? 95  GLU A O     1 
ATOM   831  C CB    . GLU B 2 96  ? -0.391  22.251  -25.331 1.00 18.17  ? 95  GLU A CB    1 
ATOM   832  C CG    . GLU B 2 96  ? 0.910   21.985  -24.573 1.00 22.23  ? 95  GLU A CG    1 
ATOM   833  C CD    . GLU B 2 96  ? 2.148   22.158  -25.430 1.00 29.42  ? 95  GLU A CD    1 
ATOM   834  O OE1   . GLU B 2 96  ? 2.551   23.318  -25.651 1.00 32.60  ? 95  GLU A OE1   1 
ATOM   835  O OE2   . GLU B 2 96  ? 2.721   21.141  -25.871 1.00 12.98  ? 95  GLU A OE2   1 
ATOM   836  N N     . THR B 2 97  ? -3.549  23.797  -24.593 1.00 18.73  ? 96  THR A N     1 
ATOM   837  C CA    . THR B 2 97  ? -4.751  24.360  -25.193 1.00 21.30  ? 96  THR A CA    1 
ATOM   838  C C     . THR B 2 97  ? -5.049  25.753  -24.651 1.00 22.00  ? 96  THR A C     1 
ATOM   839  O O     . THR B 2 97  ? -4.354  26.266  -23.768 1.00 10.97  ? 96  THR A O     1 
ATOM   840  C CB    . THR B 2 97  ? -5.992  23.445  -24.924 1.00 21.49  ? 96  THR A CB    1 
ATOM   841  O OG1   . THR B 2 97  ? -7.181  24.050  -25.450 1.00 7.56   ? 96  THR A OG1   1 
ATOM   842  C CG2   . THR B 2 97  ? -6.187  23.222  -23.434 1.00 27.59  ? 96  THR A CG2   1 
ATOM   843  N N     . GLU B 2 98  ? -6.075  26.363  -25.234 1.00 23.81  ? 97  GLU A N     1 
ATOM   844  C CA    . GLU B 2 98  ? -6.565  27.679  -24.850 1.00 36.28  ? 97  GLU A CA    1 
ATOM   845  C C     . GLU B 2 98  ? -8.068  27.535  -24.607 1.00 38.51  ? 97  GLU A C     1 
ATOM   846  O O     . GLU B 2 98  ? -8.672  28.255  -23.812 1.00 31.40  ? 97  GLU A O     1 
ATOM   847  C CB    . GLU B 2 98  ? -6.309  28.693  -25.976 1.00 39.96  ? 97  GLU A CB    1 
ATOM   848  C CG    . GLU B 2 98  ? -6.733  28.225  -27.372 1.00 30.66  ? 97  GLU A CG    1 
ATOM   849  C CD    . GLU B 2 98  ? -7.112  29.379  -28.283 1.00 28.48  ? 97  GLU A CD    1 
ATOM   850  O OE1   . GLU B 2 98  ? -8.124  30.046  -27.988 1.00 17.32  ? 97  GLU A OE1   1 
ATOM   851  O OE2   . GLU B 2 98  ? -6.412  29.614  -29.293 1.00 30.85  ? 97  GLU A OE2   1 
ATOM   852  N N     . GLU B 2 99  ? -8.641  26.592  -25.343 1.00 37.11  ? 98  GLU A N     1 
ATOM   853  C CA    . GLU B 2 99  ? -10.049 26.206  -25.316 1.00 35.95  ? 98  GLU A CA    1 
ATOM   854  C C     . GLU B 2 99  ? -10.091 24.999  -26.239 1.00 46.93  ? 98  GLU A C     1 
ATOM   855  O O     . GLU B 2 99  ? -10.747 23.989  -25.976 1.00 51.36  ? 98  GLU A O     1 
ATOM   856  C CB    . GLU B 2 99  ? -10.955 27.321  -25.869 1.00 30.47  ? 98  GLU A CB    1 
ATOM   857  C CG    . GLU B 2 99  ? -10.616 27.788  -27.291 1.00 20.15  ? 98  GLU A CG    1 
ATOM   858  C CD    . GLU B 2 99  ? -11.833 28.242  -28.087 1.00 14.13  ? 98  GLU A CD    1 
ATOM   859  O OE1   . GLU B 2 99  ? -12.864 28.595  -27.474 1.00 11.08  ? 98  GLU A OE1   1 
ATOM   860  O OE2   . GLU B 2 99  ? -11.758 28.238  -29.334 1.00 12.40  ? 98  GLU A OE2   1 
ATOM   861  N N     . GLU B 2 100 ? -9.293  25.121  -27.294 1.00 57.21  ? 99  GLU A N     1 
ATOM   862  C CA    . GLU B 2 100 ? -9.121  24.115  -28.321 1.00 42.49  ? 99  GLU A CA    1 
ATOM   863  C C     . GLU B 2 100 ? -7.741  23.501  -28.121 1.00 45.76  ? 99  GLU A C     1 
ATOM   864  O O     . GLU B 2 100 ? -6.741  24.224  -28.082 1.00 30.19  ? 99  GLU A O     1 
ATOM   865  C CB    . GLU B 2 100 ? -9.207  24.783  -29.707 1.00 36.22  ? 99  GLU A CB    1 
ATOM   866  C CG    . GLU B 2 100 ? -8.203  25.935  -29.923 1.00 30.35  ? 99  GLU A CG    1 
ATOM   867  C CD    . GLU B 2 100 ? -8.671  27.002  -30.916 1.00 35.53  ? 99  GLU A CD    1 
ATOM   868  O OE1   . GLU B 2 100 ? -9.869  27.040  -31.274 1.00 34.61  ? 99  GLU A OE1   1 
ATOM   869  O OE2   . GLU B 2 100 ? -7.828  27.828  -31.326 1.00 33.79  ? 99  GLU A OE2   1 
ATOM   870  N N     . SER B 2 101 ? -7.697  22.186  -27.896 1.00 61.29  ? 100 SER A N     1 
ATOM   871  C CA    . SER B 2 101 ? -6.427  21.482  -27.718 1.00 33.04  ? 100 SER A CA    1 
ATOM   872  C C     . SER B 2 101 ? -5.526  21.869  -28.876 1.00 36.00  ? 100 SER A C     1 
ATOM   873  O O     . SER B 2 101 ? -6.011  22.094  -29.986 1.00 34.54  ? 100 SER A O     1 
ATOM   874  C CB    . SER B 2 101 ? -6.645  19.965  -27.726 1.00 7.62   ? 100 SER A CB    1 
ATOM   875  O OG    . SER B 2 101 ? -7.434  19.546  -26.629 1.00 8.47   ? 100 SER A OG    1 
ATOM   876  N N     . ARG B 2 102 ? -4.228  21.981  -28.619 1.00 47.49  ? 101 ARG A N     1 
ATOM   877  C CA    . ARG B 2 102 ? -3.272  22.355  -29.653 1.00 63.09  ? 101 ARG A CA    1 
ATOM   878  C C     . ARG B 2 102 ? -3.542  21.614  -30.959 1.00 69.00  ? 101 ARG A C     1 
ATOM   879  O O     . ARG B 2 102 ? -3.354  20.398  -31.047 1.00 66.88  ? 101 ARG A O     1 
ATOM   880  C CB    . ARG B 2 102 ? -1.841  22.105  -29.175 1.00 64.38  ? 101 ARG A CB    1 
ATOM   881  C CG    . ARG B 2 102 ? -0.963  23.342  -29.190 1.00 60.80  ? 101 ARG A CG    1 
ATOM   882  C CD    . ARG B 2 102 ? -1.624  24.521  -28.475 1.00 53.76  ? 101 ARG A CD    1 
ATOM   883  N NE    . ARG B 2 102 ? -2.658  25.159  -29.291 1.00 38.45  ? 101 ARG A NE    1 
ATOM   884  C CZ    . ARG B 2 102 ? -3.523  26.065  -28.844 1.00 35.42  ? 101 ARG A CZ    1 
ATOM   885  N NH1   . ARG B 2 102 ? -3.490  26.457  -27.575 1.00 23.41  ? 101 ARG A NH1   1 
ATOM   886  N NH2   . ARG B 2 102 ? -4.418  26.585  -29.670 1.00 37.03  ? 101 ARG A NH2   1 
ATOM   887  N N     . PRO B 2 103 ? -4.000  22.353  -31.988 1.00 64.02  ? 102 PRO A N     1 
ATOM   888  C CA    . PRO B 2 103 ? -4.326  21.826  -33.318 1.00 65.55  ? 102 PRO A CA    1 
ATOM   889  C C     . PRO B 2 103 ? -3.419  20.678  -33.724 1.00 58.95  ? 102 PRO A C     1 
ATOM   890  O O     . PRO B 2 103 ? -3.776  19.510  -33.586 1.00 46.25  ? 102 PRO A O     1 
ATOM   891  C CB    . PRO B 2 103 ? -4.164  23.056  -34.226 1.00 64.51  ? 102 PRO A CB    1 
ATOM   892  C CG    . PRO B 2 103 ? -3.347  24.043  -33.385 1.00 55.97  ? 102 PRO A CG    1 
ATOM   893  C CD    . PRO B 2 103 ? -3.931  23.823  -32.029 1.00 56.30  ? 102 PRO A CD    1 
ATOM   894  N N     . SER B 2 104 ? -2.216  21.013  -34.162 1.00 64.28  ? 103 SER A N     1 
ATOM   895  C CA    . SER B 2 104 ? -1.261  19.999  -34.557 1.00 70.25  ? 103 SER A CA    1 
ATOM   896  C C     . SER B 2 104 ? -0.463  19.560  -33.330 1.00 71.83  ? 103 SER A C     1 
ATOM   897  O O     . SER B 2 104 ? 0.769   19.633  -33.319 1.00 89.28  ? 103 SER A O     1 
ATOM   898  C CB    . SER B 2 104 ? -0.338  20.563  -35.642 1.00 68.46  ? 103 SER A CB    1 
ATOM   899  O OG    . SER B 2 104 ? -1.080  20.982  -36.776 1.00 33.57  ? 103 SER A OG    1 
ATOM   900  N N     . ALA B 2 105 ? -1.170  19.103  -32.295 1.00 51.24  ? 104 ALA A N     1 
ATOM   901  C CA    . ALA B 2 105 ? -0.508  18.679  -31.064 1.00 55.59  ? 104 ALA A CA    1 
ATOM   902  C C     . ALA B 2 105 ? 0.213   17.338  -31.154 1.00 60.09  ? 104 ALA A C     1 
ATOM   903  O O     . ALA B 2 105 ? 1.336   17.212  -30.663 1.00 73.20  ? 104 ALA A O     1 
ATOM   904  C CB    . ALA B 2 105 ? -1.482  18.661  -29.906 1.00 54.50  ? 104 ALA A CB    1 
ATOM   905  N N     . SER B 2 106 ? -0.409  16.341  -31.777 1.00 47.43  ? 105 SER A N     1 
ATOM   906  C CA    . SER B 2 106 ? 0.216   15.018  -31.867 1.00 39.40  ? 105 SER A CA    1 
ATOM   907  C C     . SER B 2 106 ? 1.016   14.752  -33.153 1.00 45.80  ? 105 SER A C     1 
ATOM   908  O O     . SER B 2 106 ? 1.262   13.595  -33.499 1.00 60.96  ? 105 SER A O     1 
ATOM   909  C CB    . SER B 2 106 ? -0.827  13.920  -31.640 1.00 40.88  ? 105 SER A CB    1 
ATOM   910  O OG    . SER B 2 106 ? -0.217  12.721  -31.197 1.00 7.69   ? 105 SER A OG    1 
ATOM   911  N N     . GLU B 2 107 ? 1.415   15.807  -33.863 1.00 44.35  ? 106 GLU A N     1 
ATOM   912  C CA    . GLU B 2 107 ? 2.215   15.638  -35.074 1.00 26.03  ? 106 GLU A CA    1 
ATOM   913  C C     . GLU B 2 107 ? 3.603   15.184  -34.648 1.00 34.08  ? 106 GLU A C     1 
ATOM   914  O O     . GLU B 2 107 ? 4.010   14.053  -34.913 1.00 67.85  ? 106 GLU A O     1 
ATOM   915  C CB    . GLU B 2 107 ? 2.315   16.955  -35.851 1.00 25.01  ? 106 GLU A CB    1 
ATOM   916  C CG    . GLU B 2 107 ? 0.986   17.534  -36.318 1.00 7.59   ? 106 GLU A CG    1 
ATOM   917  C CD    . GLU B 2 107 ? 0.266   16.654  -37.327 1.00 7.56   ? 106 GLU A CD    1 
ATOM   918  O OE1   . GLU B 2 107 ? 0.890   16.239  -38.328 1.00 12.93  ? 106 GLU A OE1   1 
ATOM   919  O OE2   . GLU B 2 107 ? -0.935  16.390  -37.127 1.00 7.68   ? 106 GLU A OE2   1 
ATOM   920  N N     . VAL B 2 108 ? 4.316   16.077  -33.967 1.00 30.61  ? 107 VAL A N     1 
ATOM   921  C CA    . VAL B 2 108 ? 5.661   15.812  -33.447 1.00 38.60  ? 107 VAL A CA    1 
ATOM   922  C C     . VAL B 2 108 ? 5.622   16.141  -31.951 1.00 31.78  ? 107 VAL A C     1 
ATOM   923  O O     . VAL B 2 108 ? 6.262   17.089  -31.485 1.00 16.39  ? 107 VAL A O     1 
ATOM   924  C CB    . VAL B 2 108 ? 6.721   16.683  -34.183 1.00 39.92  ? 107 VAL A CB    1 
ATOM   925  C CG1   . VAL B 2 108 ? 8.138   16.368  -33.703 1.00 29.26  ? 107 VAL A CG1   1 
ATOM   926  C CG2   . VAL B 2 108 ? 6.629   16.450  -35.679 1.00 50.77  ? 107 VAL A CG2   1 
ATOM   927  N N     . ALA B 2 109 ? 4.862   15.333  -31.210 1.00 25.29  ? 108 ALA A N     1 
ATOM   928  C CA    . ALA B 2 109 ? 4.649   15.539  -29.776 1.00 18.22  ? 108 ALA A CA    1 
ATOM   929  C C     . ALA B 2 109 ? 5.639   14.880  -28.818 1.00 18.12  ? 108 ALA A C     1 
ATOM   930  O O     . ALA B 2 109 ? 6.613   14.242  -29.226 1.00 7.60   ? 108 ALA A O     1 
ATOM   931  C CB    . ALA B 2 109 ? 3.211   15.160  -29.397 1.00 10.13  ? 108 ALA A CB    1 
ATOM   932  N N     . ASN B 2 110 ? 5.315   15.017  -27.531 1.00 30.17  ? 109 ASN A N     1 
ATOM   933  C CA    . ASN B 2 110 ? 6.126   14.524  -26.430 1.00 32.51  ? 109 ASN A CA    1 
ATOM   934  C C     . ASN B 2 110 ? 5.545   13.364  -25.608 1.00 32.71  ? 109 ASN A C     1 
ATOM   935  O O     . ASN B 2 110 ? 6.105   13.042  -24.558 1.00 31.78  ? 109 ASN A O     1 
ATOM   936  C CB    . ASN B 2 110 ? 6.501   15.693  -25.500 1.00 25.94  ? 109 ASN A CB    1 
ATOM   937  C CG    . ASN B 2 110 ? 5.289   16.509  -25.042 1.00 7.60   ? 109 ASN A CG    1 
ATOM   938  O OD1   . ASN B 2 110 ? 5.017   16.619  -23.850 1.00 7.65   ? 109 ASN A OD1   1 
ATOM   939  N ND2   . ASN B 2 110 ? 4.584   17.106  -25.990 1.00 7.70   ? 109 ASN A ND2   1 
ATOM   940  N N     . ALA B 2 111 ? 4.458   12.733  -26.062 1.00 31.81  ? 110 ALA A N     1 
ATOM   941  C CA    . ALA B 2 111 ? 3.885   11.604  -25.309 1.00 24.75  ? 110 ALA A CA    1 
ATOM   942  C C     . ALA B 2 111 ? 2.664   10.913  -25.929 1.00 25.40  ? 110 ALA A C     1 
ATOM   943  O O     . ALA B 2 111 ? 1.862   11.524  -26.641 1.00 10.47  ? 110 ALA A O     1 
ATOM   944  C CB    . ALA B 2 111 ? 3.567   12.019  -23.878 1.00 16.44  ? 110 ALA A CB    1 
ATOM   945  N N     . THR B 2 112 ? 2.523   9.633   -25.580 1.00 16.89  ? 111 THR A N     1 
ATOM   946  C CA    . THR B 2 112 ? 1.438   8.760   -26.030 1.00 17.19  ? 111 THR A CA    1 
ATOM   947  C C     . THR B 2 112 ? 1.478   7.445   -25.224 1.00 29.89  ? 111 THR A C     1 
ATOM   948  O O     . THR B 2 112 ? 0.665   7.223   -24.304 1.00 9.13   ? 111 THR A O     1 
ATOM   949  C CB    . THR B 2 112 ? 1.567   8.426   -27.536 1.00 24.79  ? 111 THR A CB    1 
ATOM   950  O OG1   . THR B 2 112 ? 1.567   9.632   -28.308 1.00 20.00  ? 111 THR A OG1   1 
ATOM   951  C CG2   . THR B 2 112 ? 0.414   7.544   -27.988 1.00 35.81  ? 111 THR A CG2   1 
ATOM   952  N N     . GLN B 2 113 ? 2.452   6.594   -25.557 1.00 42.14  ? 112 GLN A N     1 
ATOM   953  C CA    . GLN B 2 113 ? 2.637   5.307   -24.879 1.00 32.25  ? 112 GLN A CA    1 
ATOM   954  C C     . GLN B 2 113 ? 3.086   5.514   -23.436 1.00 12.42  ? 112 GLN A C     1 
ATOM   955  O O     . GLN B 2 113 ? 3.344   4.566   -22.721 1.00 7.72   ? 112 GLN A O     1 
ATOM   956  C CB    . GLN B 2 113 ? 3.655   4.428   -25.625 1.00 32.73  ? 112 GLN A CB    1 
ATOM   957  C CG    . GLN B 2 113 ? 3.214   3.954   -27.011 1.00 33.50  ? 112 GLN A CG    1 
ATOM   958  C CD    . GLN B 2 113 ? 4.266   3.107   -27.721 1.00 21.05  ? 112 GLN A CD    1 
ATOM   959  O OE1   . GLN B 2 113 ? 4.087   1.900   -27.912 1.00 7.56   ? 112 GLN A OE1   1 
ATOM   960  N NE2   . GLN B 2 113 ? 5.360   3.743   -28.137 1.00 7.93   ? 112 GLN A NE2   1 
ATOM   961  N N     . ARG B 2 114 ? 3.259   6.769   -23.043 1.00 12.94  ? 113 ARG A N     1 
ATOM   962  C CA    . ARG B 2 114 ? 3.633   7.083   -21.676 1.00 33.09  ? 113 ARG A CA    1 
ATOM   963  C C     . ARG B 2 114 ? 2.411   6.812   -20.811 1.00 28.26  ? 113 ARG A C     1 
ATOM   964  O O     . ARG B 2 114 ? 2.488   6.098   -19.811 1.00 22.26  ? 113 ARG A O     1 
ATOM   965  C CB    . ARG B 2 114 ? 4.044   8.554   -21.545 1.00 35.78  ? 113 ARG A CB    1 
ATOM   966  C CG    . ARG B 2 114 ? 5.464   8.885   -22.002 1.00 46.31  ? 113 ARG A CG    1 
ATOM   967  C CD    . ARG B 2 114 ? 5.727   8.532   -23.458 1.00 50.13  ? 113 ARG A CD    1 
ATOM   968  N NE    . ARG B 2 114 ? 6.016   7.113   -23.652 1.00 54.00  ? 113 ARG A NE    1 
ATOM   969  C CZ    . ARG B 2 114 ? 6.280   6.562   -24.834 1.00 56.95  ? 113 ARG A CZ    1 
ATOM   970  N NH1   . ARG B 2 114 ? 6.287   7.307   -25.933 1.00 62.41  ? 113 ARG A NH1   1 
ATOM   971  N NH2   . ARG B 2 114 ? 6.561   5.266   -24.920 1.00 60.78  ? 113 ARG A NH2   1 
ATOM   972  N N     . VAL B 2 115 ? 1.271   7.353   -21.248 1.00 32.45  ? 114 VAL A N     1 
ATOM   973  C CA    . VAL B 2 115 ? 0.000   7.189   -20.549 1.00 29.76  ? 114 VAL A CA    1 
ATOM   974  C C     . VAL B 2 115 ? -0.429  5.736   -20.644 1.00 34.89  ? 114 VAL A C     1 
ATOM   975  O O     . VAL B 2 115 ? -0.784  5.106   -19.641 1.00 35.14  ? 114 VAL A O     1 
ATOM   976  C CB    . VAL B 2 115 ? -1.107  8.054   -21.188 1.00 13.70  ? 114 VAL A CB    1 
ATOM   977  C CG1   . VAL B 2 115 ? -2.376  7.962   -20.368 1.00 7.58   ? 114 VAL A CG1   1 
ATOM   978  C CG2   . VAL B 2 115 ? -0.646  9.494   -21.318 1.00 7.62   ? 114 VAL A CG2   1 
ATOM   979  N N     . ASP B 2 116 ? -0.350  5.210   -21.862 1.00 46.22  ? 115 ASP A N     1 
ATOM   980  C CA    . ASP B 2 116 ? -0.721  3.825   -22.135 1.00 57.22  ? 115 ASP A CA    1 
ATOM   981  C C     . ASP B 2 116 ? 0.073   2.840   -21.254 1.00 64.99  ? 115 ASP A C     1 
ATOM   982  O O     . ASP B 2 116 ? -0.502  2.009   -20.528 1.00 71.35  ? 115 ASP A O     1 
ATOM   983  C CB    . ASP B 2 116 ? -0.482  3.512   -23.621 1.00 40.68  ? 115 ASP A CB    1 
ATOM   984  C CG    . ASP B 2 116 ? -1.201  4.483   -24.564 1.00 34.32  ? 115 ASP A CG    1 
ATOM   985  O OD1   . ASP B 2 116 ? -2.048  5.278   -24.097 1.00 35.26  ? 115 ASP A OD1   1 
ATOM   986  O OD2   . ASP B 2 116 ? -0.916  4.444   -25.784 1.00 12.66  ? 115 ASP A OD2   1 
ATOM   987  N N     . ASP B 2 117 ? 1.394   2.990   -21.265 1.00 53.43  ? 116 ASP A N     1 
ATOM   988  C CA    . ASP B 2 117 ? 2.268   2.115   -20.501 1.00 47.33  ? 116 ASP A CA    1 
ATOM   989  C C     . ASP B 2 117 ? 2.091   2.262   -18.982 1.00 49.26  ? 116 ASP A C     1 
ATOM   990  O O     . ASP B 2 117 ? 2.331   1.314   -18.228 1.00 63.24  ? 116 ASP A O     1 
ATOM   991  C CB    . ASP B 2 117 ? 3.721   2.309   -20.945 1.00 45.06  ? 116 ASP A CB    1 
ATOM   992  C CG    . ASP B 2 117 ? 3.993   1.756   -22.361 1.00 41.91  ? 116 ASP A CG    1 
ATOM   993  O OD1   . ASP B 2 117 ? 3.109   1.851   -23.242 1.00 24.37  ? 116 ASP A OD1   1 
ATOM   994  O OD2   . ASP B 2 117 ? 5.101   1.227   -22.595 1.00 32.30  ? 116 ASP A OD2   1 
ATOM   995  N N     . ALA B 2 118 ? 1.644   3.428   -18.525 1.00 44.52  ? 117 ALA A N     1 
ATOM   996  C CA    . ALA B 2 118 ? 1.419   3.595   -17.088 1.00 49.20  ? 117 ALA A CA    1 
ATOM   997  C C     . ALA B 2 118 ? 0.298   2.639   -16.663 1.00 44.46  ? 117 ALA A C     1 
ATOM   998  O O     . ALA B 2 118 ? 0.435   1.876   -15.679 1.00 11.50  ? 117 ALA A O     1 
ATOM   999  C CB    . ALA B 2 118 ? 1.033   5.039   -16.768 1.00 58.04  ? 117 ALA A CB    1 
ATOM   1000 N N     . THR B 2 119 ? -0.765  2.643   -17.474 1.00 54.76  ? 118 THR A N     1 
ATOM   1001 C CA    . THR B 2 119 ? -1.931  1.802   -17.215 1.00 57.32  ? 118 THR A CA    1 
ATOM   1002 C C     . THR B 2 119 ? -1.525  0.350   -17.043 1.00 37.72  ? 118 THR A C     1 
ATOM   1003 O O     . THR B 2 119 ? -1.959  -0.295  -16.094 1.00 22.32  ? 118 THR A O     1 
ATOM   1004 C CB    . THR B 2 119 ? -3.024  1.887   -18.323 1.00 61.41  ? 118 THR A CB    1 
ATOM   1005 O OG1   . THR B 2 119 ? -2.707  1.011   -19.413 1.00 61.01  ? 118 THR A OG1   1 
ATOM   1006 C CG2   . THR B 2 119 ? -3.172  3.314   -18.834 1.00 66.26  ? 118 THR A CG2   1 
ATOM   1007 N N     . VAL B 2 120 ? -0.684  -0.154  -17.949 1.00 26.66  ? 119 VAL A N     1 
ATOM   1008 C CA    . VAL B 2 120 ? -0.256  -1.556  -17.824 1.00 38.81  ? 119 VAL A CA    1 
ATOM   1009 C C     . VAL B 2 120 ? 0.365   -1.841  -16.461 1.00 47.14  ? 119 VAL A C     1 
ATOM   1010 O O     . VAL B 2 120 ? 0.108   -2.897  -15.851 1.00 45.16  ? 119 VAL A O     1 
ATOM   1011 C CB    . VAL B 2 120 ? 0.726   -2.029  -18.940 1.00 22.47  ? 119 VAL A CB    1 
ATOM   1012 C CG1   . VAL B 2 120 ? 0.066   -1.920  -20.285 1.00 16.56  ? 119 VAL A CG1   1 
ATOM   1013 C CG2   . VAL B 2 120 ? 2.027   -1.282  -18.894 1.00 7.60   ? 119 VAL A CG2   1 
ATOM   1014 N N     . ALA B 2 121 ? 1.159   -0.877  -15.993 1.00 46.68  ? 120 ALA A N     1 
ATOM   1015 C CA    . ALA B 2 121 ? 1.830   -0.981  -14.697 1.00 25.59  ? 120 ALA A CA    1 
ATOM   1016 C C     . ALA B 2 121 ? 0.839   -1.268  -13.560 1.00 17.96  ? 120 ALA A C     1 
ATOM   1017 O O     . ALA B 2 121 ? 0.777   -2.397  -13.039 1.00 7.61   ? 120 ALA A O     1 
ATOM   1018 C CB    . ALA B 2 121 ? 2.609   0.299   -14.412 1.00 20.28  ? 120 ALA A CB    1 
ATOM   1019 N N     . ILE B 2 122 ? 0.021   -0.268  -13.234 1.00 7.56   ? 121 ILE A N     1 
ATOM   1020 C CA    . ILE B 2 122 ? -0.951  -0.413  -12.149 1.00 14.42  ? 121 ILE A CA    1 
ATOM   1021 C C     . ILE B 2 122 ? -1.830  -1.658  -12.298 1.00 13.16  ? 121 ILE A C     1 
ATOM   1022 O O     . ILE B 2 122 ? -2.022  -2.433  -11.359 1.00 7.66   ? 121 ILE A O     1 
ATOM   1023 C CB    . ILE B 2 122 ? -1.851  0.834   -12.065 1.00 29.56  ? 121 ILE A CB    1 
ATOM   1024 C CG1   . ILE B 2 122 ? -3.079  0.549   -11.193 1.00 38.99  ? 121 ILE A CG1   1 
ATOM   1025 C CG2   . ILE B 2 122 ? -2.272  1.275   -13.454 1.00 30.55  ? 121 ILE A CG2   1 
ATOM   1026 C CD1   . ILE B 2 122 ? -2.762  0.231   -9.759  1.00 40.23  ? 121 ILE A CD1   1 
ATOM   1027 N N     . ARG B 2 123 ? -2.348  -1.826  -13.503 1.00 17.64  ? 122 ARG A N     1 
ATOM   1028 C CA    . ARG B 2 123 ? -3.228  -2.916  -13.897 1.00 30.40  ? 122 ARG A CA    1 
ATOM   1029 C C     . ARG B 2 123 ? -2.776  -4.322  -13.460 1.00 24.56  ? 122 ARG A C     1 
ATOM   1030 O O     . ARG B 2 123 ? -3.195  -4.858  -12.416 1.00 9.36   ? 122 ARG A O     1 
ATOM   1031 C CB    . ARG B 2 123 ? -3.364  -2.822  -15.423 1.00 35.52  ? 122 ARG A CB    1 
ATOM   1032 C CG    . ARG B 2 123 ? -3.860  -4.030  -16.190 1.00 18.05  ? 122 ARG A CG    1 
ATOM   1033 C CD    . ARG B 2 123 ? -3.242  -4.048  -17.596 1.00 7.56   ? 122 ARG A CD    1 
ATOM   1034 N NE    . ARG B 2 123 ? -1.805  -4.315  -17.528 1.00 15.84  ? 122 ARG A NE    1 
ATOM   1035 C CZ    . ARG B 2 123 ? -1.018  -4.566  -18.570 1.00 13.66  ? 122 ARG A CZ    1 
ATOM   1036 N NH1   . ARG B 2 123 ? -1.501  -4.587  -19.806 1.00 11.91  ? 122 ARG A NH1   1 
ATOM   1037 N NH2   . ARG B 2 123 ? 0.272   -4.788  -18.366 1.00 7.61   ? 122 ARG A NH2   1 
ATOM   1038 N N     . SER B 2 124 ? -1.862  -4.885  -14.232 1.00 22.68  ? 123 SER A N     1 
ATOM   1039 C CA    . SER B 2 124 ? -1.412  -6.232  -13.954 1.00 26.74  ? 123 SER A CA    1 
ATOM   1040 C C     . SER B 2 124 ? -0.770  -6.420  -12.579 1.00 41.13  ? 123 SER A C     1 
ATOM   1041 O O     . SER B 2 124 ? -0.878  -7.503  -11.992 1.00 46.75  ? 123 SER A O     1 
ATOM   1042 C CB    . SER B 2 124 ? -0.511  -6.701  -15.078 1.00 23.12  ? 123 SER A CB    1 
ATOM   1043 O OG    . SER B 2 124 ? -1.235  -6.798  -16.289 1.00 14.09  ? 123 SER A OG    1 
ATOM   1044 N N     . GLN B 2 125 ? -0.129  -5.374  -12.051 1.00 39.20  ? 124 GLN A N     1 
ATOM   1045 C CA    . GLN B 2 125 ? 0.479   -5.510  -10.727 1.00 27.49  ? 124 GLN A CA    1 
ATOM   1046 C C     . GLN B 2 125 ? -0.616  -5.550  -9.659  1.00 7.94   ? 124 GLN A C     1 
ATOM   1047 O O     . GLN B 2 125 ? -0.423  -6.120  -8.583  1.00 7.56   ? 124 GLN A O     1 
ATOM   1048 C CB    . GLN B 2 125 ? 1.501   -4.397  -10.447 1.00 15.92  ? 124 GLN A CB    1 
ATOM   1049 C CG    . GLN B 2 125 ? 2.528   -4.736  -9.353  1.00 9.69   ? 124 GLN A CG    1 
ATOM   1050 C CD    . GLN B 2 125 ? 3.315   -6.034  -9.617  1.00 7.63   ? 124 GLN A CD    1 
ATOM   1051 O OE1   . GLN B 2 125 ? 2.965   -7.101  -9.104  1.00 7.61   ? 124 GLN A OE1   1 
ATOM   1052 N NE2   . GLN B 2 125 ? 4.396   -5.935  -10.388 1.00 7.57   ? 124 GLN A NE2   1 
ATOM   1053 N N     . ILE B 2 126 ? -1.777  -4.978  -9.985  1.00 23.19  ? 125 ILE A N     1 
ATOM   1054 C CA    . ILE B 2 126 ? -2.916  -4.978  -9.070  1.00 28.84  ? 125 ILE A CA    1 
ATOM   1055 C C     . ILE B 2 126 ? -3.309  -6.445  -8.850  1.00 31.05  ? 125 ILE A C     1 
ATOM   1056 O O     . ILE B 2 126 ? -3.687  -6.840  -7.747  1.00 37.65  ? 125 ILE A O     1 
ATOM   1057 C CB    . ILE B 2 126 ? -4.121  -4.164  -9.649  1.00 13.67  ? 125 ILE A CB    1 
ATOM   1058 C CG1   . ILE B 2 126 ? -4.836  -3.397  -8.540  1.00 22.01  ? 125 ILE A CG1   1 
ATOM   1059 C CG2   . ILE B 2 126 ? -5.141  -5.071  -10.321 1.00 11.37  ? 125 ILE A CG2   1 
ATOM   1060 C CD1   . ILE B 2 126 ? -4.072  -2.213  -7.998  1.00 7.86   ? 125 ILE A CD1   1 
ATOM   1061 N N     . GLN B 2 127 ? -3.163  -7.244  -9.911  1.00 37.48  ? 126 GLN A N     1 
ATOM   1062 C CA    . GLN B 2 127 ? -3.500  -8.677  -9.812  1.00 40.59  ? 126 GLN A CA    1 
ATOM   1063 C C     . GLN B 2 127 ? -2.489  -9.581  -9.081  1.00 43.17  ? 126 GLN A C     1 
ATOM   1064 O O     . GLN B 2 127 ? -2.861  -10.322 -8.139  1.00 46.88  ? 126 GLN A O     1 
ATOM   1065 C CB    . GLN B 2 127 ? -3.788  -9.278  -11.183 1.00 32.41  ? 126 GLN A CB    1 
ATOM   1066 C CG    . GLN B 2 127 ? -4.294  -10.701 -11.092 1.00 26.26  ? 126 GLN A CG    1 
ATOM   1067 C CD    . GLN B 2 127 ? -5.318  -10.862 -9.987  1.00 36.16  ? 126 GLN A CD    1 
ATOM   1068 O OE1   . GLN B 2 127 ? -5.107  -11.623 -9.045  1.00 37.70  ? 126 GLN A OE1   1 
ATOM   1069 N NE2   . GLN B 2 127 ? -6.401  -10.098 -10.063 1.00 38.08  ? 126 GLN A NE2   1 
ATOM   1070 N N     . LEU B 2 128 ? -1.248  -9.606  -9.570  1.00 41.57  ? 127 LEU A N     1 
ATOM   1071 C CA    . LEU B 2 128 ? -0.217  -10.422 -8.932  1.00 24.17  ? 127 LEU A CA    1 
ATOM   1072 C C     . LEU B 2 128 ? -0.237  -10.136 -7.440  1.00 25.07  ? 127 LEU A C     1 
ATOM   1073 O O     . LEU B 2 128 ? -0.039  -11.030 -6.611  1.00 13.82  ? 127 LEU A O     1 
ATOM   1074 C CB    . LEU B 2 128 ? 1.159   -10.116 -9.520  1.00 7.61   ? 127 LEU A CB    1 
ATOM   1075 C CG    . LEU B 2 128 ? 1.690   -11.159 -10.501 1.00 7.59   ? 127 LEU A CG    1 
ATOM   1076 C CD1   . LEU B 2 128 ? 1.736   -10.584 -11.906 1.00 7.56   ? 127 LEU A CD1   1 
ATOM   1077 C CD2   . LEU B 2 128 ? 3.073   -11.610 -10.057 1.00 7.61   ? 127 LEU A CD2   1 
ATOM   1078 N N     . LEU B 2 129 ? -0.528  -8.883  -7.108  1.00 31.16  ? 128 LEU A N     1 
ATOM   1079 C CA    . LEU B 2 129 ? -0.635  -8.483  -5.721  1.00 39.34  ? 128 LEU A CA    1 
ATOM   1080 C C     . LEU B 2 129 ? -1.749  -9.319  -5.100  1.00 38.33  ? 128 LEU A C     1 
ATOM   1081 O O     . LEU B 2 129 ? -1.493  -10.116 -4.217  1.00 33.43  ? 128 LEU A O     1 
ATOM   1082 C CB    . LEU B 2 129 ? -0.960  -6.989  -5.609  1.00 29.82  ? 128 LEU A CB    1 
ATOM   1083 C CG    . LEU B 2 129 ? -0.031  -6.172  -4.711  1.00 41.80  ? 128 LEU A CG    1 
ATOM   1084 C CD1   . LEU B 2 129 ? -0.310  -4.694  -4.894  1.00 52.93  ? 128 LEU A CD1   1 
ATOM   1085 C CD2   . LEU B 2 129 ? -0.208  -6.580  -3.260  1.00 22.91  ? 128 LEU A CD2   1 
ATOM   1086 N N     . LEU B 2 130 ? -2.954  -9.214  -5.659  1.00 37.17  ? 129 LEU A N     1 
ATOM   1087 C CA    . LEU B 2 130 ? -4.112  -9.957  -5.157  1.00 18.85  ? 129 LEU A CA    1 
ATOM   1088 C C     . LEU B 2 130 ? -3.741  -11.333 -4.595  1.00 7.59   ? 129 LEU A C     1 
ATOM   1089 O O     . LEU B 2 130 ? -3.824  -11.552 -3.378  1.00 7.72   ? 129 LEU A O     1 
ATOM   1090 C CB    . LEU B 2 130 ? -5.182  -10.094 -6.250  1.00 21.22  ? 129 LEU A CB    1 
ATOM   1091 C CG    . LEU B 2 130 ? -6.531  -10.783 -5.987  1.00 26.65  ? 129 LEU A CG    1 
ATOM   1092 C CD1   . LEU B 2 130 ? -6.413  -12.294 -6.083  1.00 31.03  ? 129 LEU A CD1   1 
ATOM   1093 C CD2   . LEU B 2 130 ? -7.101  -10.358 -4.645  1.00 13.69  ? 129 LEU A CD2   1 
ATOM   1094 N N     . ASN B 2 131 ? -3.248  -12.225 -5.454  1.00 10.32  ? 130 ASN A N     1 
ATOM   1095 C CA    . ASN B 2 131 ? -2.915  -13.556 -4.945  1.00 31.45  ? 130 ASN A CA    1 
ATOM   1096 C C     . ASN B 2 131 ? -1.842  -13.549 -3.850  1.00 40.67  ? 130 ASN A C     1 
ATOM   1097 O O     . ASN B 2 131 ? -2.096  -14.023 -2.736  1.00 39.80  ? 130 ASN A O     1 
ATOM   1098 C CB    . ASN B 2 131 ? -2.622  -14.578 -6.069  1.00 28.10  ? 130 ASN A CB    1 
ATOM   1099 C CG    . ASN B 2 131 ? -1.662  -14.065 -7.121  1.00 30.49  ? 130 ASN A CG    1 
ATOM   1100 O OD1   . ASN B 2 131 ? -0.797  -14.791 -7.598  1.00 28.67  ? 130 ASN A OD1   1 
ATOM   1101 N ND2   . ASN B 2 131 ? -1.788  -12.780 -7.462  1.00 37.80  ? 130 ASN A ND2   1 
ATOM   1102 N N     . GLU B 2 132 ? -0.700  -12.915 -4.108  1.00 37.79  ? 131 GLU A N     1 
ATOM   1103 C CA    . GLU B 2 132 ? 0.383   -12.857 -3.115  1.00 35.63  ? 131 GLU A CA    1 
ATOM   1104 C C     . GLU B 2 132 ? -0.058  -12.295 -1.764  1.00 29.12  ? 131 GLU A C     1 
ATOM   1105 O O     . GLU B 2 132 ? 0.121   -12.924 -0.719  1.00 30.49  ? 131 GLU A O     1 
ATOM   1106 C CB    . GLU B 2 132 ? 1.553   -12.044 -3.663  1.00 28.84  ? 131 GLU A CB    1 
ATOM   1107 C CG    . GLU B 2 132 ? 2.440   -12.832 -4.598  1.00 23.87  ? 131 GLU A CG    1 
ATOM   1108 C CD    . GLU B 2 132 ? 3.187   -13.942 -3.889  1.00 29.16  ? 131 GLU A CD    1 
ATOM   1109 O OE1   . GLU B 2 132 ? 2.541   -14.863 -3.344  1.00 31.36  ? 131 GLU A OE1   1 
ATOM   1110 O OE2   . GLU B 2 132 ? 4.428   -13.894 -3.877  1.00 27.80  ? 131 GLU A OE2   1 
ATOM   1111 N N     . LEU B 2 133 ? -0.544  -11.062 -1.800  1.00 16.45  ? 132 LEU A N     1 
ATOM   1112 C CA    . LEU B 2 133 ? -1.057  -10.334 -0.654  1.00 17.13  ? 132 LEU A CA    1 
ATOM   1113 C C     . LEU B 2 133 ? -1.888  -11.223 0.262   1.00 17.31  ? 132 LEU A C     1 
ATOM   1114 O O     . LEU B 2 133 ? -1.525  -11.429 1.415   1.00 26.64  ? 132 LEU A O     1 
ATOM   1115 C CB    . LEU B 2 133 ? -1.906  -9.159  -1.177  1.00 25.62  ? 132 LEU A CB    1 
ATOM   1116 C CG    . LEU B 2 133 ? -2.841  -8.232  -0.380  1.00 12.36  ? 132 LEU A CG    1 
ATOM   1117 C CD1   . LEU B 2 133 ? -3.197  -7.039  -1.250  1.00 7.61   ? 132 LEU A CD1   1 
ATOM   1118 C CD2   . LEU B 2 133 ? -4.115  -8.935  0.039   1.00 7.62   ? 132 LEU A CD2   1 
ATOM   1119 N N     . SER B 2 134 ? -2.946  -11.802 -0.294  1.00 21.05  ? 133 SER A N     1 
ATOM   1120 C CA    . SER B 2 134 ? -3.875  -12.634 0.461   1.00 13.34  ? 133 SER A CA    1 
ATOM   1121 C C     . SER B 2 134 ? -3.308  -13.875 1.140   1.00 36.21  ? 133 SER A C     1 
ATOM   1122 O O     . SER B 2 134 ? -3.442  -14.028 2.357   1.00 16.07  ? 133 SER A O     1 
ATOM   1123 C CB    . SER B 2 134 ? -5.047  -13.040 -0.424  1.00 7.56   ? 133 SER A CB    1 
ATOM   1124 O OG    . SER B 2 134 ? -4.601  -13.612 -1.636  1.00 24.54  ? 133 SER A OG    1 
ATOM   1125 N N     . ASN B 2 135 ? -2.715  -14.763 0.344   1.00 61.22  ? 134 ASN A N     1 
ATOM   1126 C CA    . ASN B 2 135 ? -2.166  -16.048 0.816   1.00 56.23  ? 134 ASN A CA    1 
ATOM   1127 C C     . ASN B 2 135 ? -1.520  -16.053 2.210   1.00 40.71  ? 134 ASN A C     1 
ATOM   1128 O O     . ASN B 2 135 ? -2.186  -16.320 3.213   1.00 44.01  ? 134 ASN A O     1 
ATOM   1129 C CB    . ASN B 2 135 ? -1.202  -16.641 -0.225  1.00 60.45  ? 134 ASN A CB    1 
ATOM   1130 C CG    . ASN B 2 135 ? -1.886  -16.950 -1.555  1.00 60.10  ? 134 ASN A CG    1 
ATOM   1131 O OD1   . ASN B 2 135 ? -1.465  -16.466 -2.608  1.00 57.35  ? 134 ASN A OD1   1 
ATOM   1132 N ND2   . ASN B 2 135 ? -2.944  -17.756 -1.511  1.00 56.86  ? 134 ASN A ND2   1 
ATOM   1133 N N     . GLY B 2 136 ? -0.221  -15.787 2.262   1.00 37.29  ? 135 GLY A N     1 
ATOM   1134 C CA    . GLY B 2 136 ? 0.494   -15.778 3.525   1.00 26.68  ? 135 GLY A CA    1 
ATOM   1135 C C     . GLY B 2 136 ? 1.669   -14.834 3.408   1.00 26.38  ? 135 GLY A C     1 
ATOM   1136 O O     . GLY B 2 136 ? 2.283   -14.458 4.406   1.00 30.70  ? 135 GLY A O     1 
ATOM   1137 N N     . HIS B 2 137 ? 1.999   -14.488 2.165   1.00 18.96  ? 136 HIS A N     1 
ATOM   1138 C CA    . HIS B 2 137 ? 3.085   -13.572 1.866   1.00 28.43  ? 136 HIS A CA    1 
ATOM   1139 C C     . HIS B 2 137 ? 2.677   -12.199 2.359   1.00 36.17  ? 136 HIS A C     1 
ATOM   1140 O O     . HIS B 2 137 ? 1.973   -11.469 1.657   1.00 40.99  ? 136 HIS A O     1 
ATOM   1141 C CB    . HIS B 2 137 ? 3.333   -13.506 0.349   1.00 39.31  ? 136 HIS A CB    1 
ATOM   1142 C CG    . HIS B 2 137 ? 4.482   -14.346 -0.135  1.00 36.37  ? 136 HIS A CG    1 
ATOM   1143 N ND1   . HIS B 2 137 ? 4.340   -15.318 -1.087  1.00 34.98  ? 136 HIS A ND1   1 
ATOM   1144 C CD2   . HIS B 2 137 ? 5.806   -14.314 0.181   1.00 38.50  ? 136 HIS A CD2   1 
ATOM   1145 C CE1   . HIS B 2 137 ? 5.524   -15.863 -1.354  1.00 23.69  ? 136 HIS A CE1   1 
ATOM   1146 N NE2   . HIS B 2 137 ? 6.423   -15.262 -0.590  1.00 32.50  ? 136 HIS A NE2   1 
ATOM   1147 N N     . GLY B 2 138 ? 3.054   -11.880 3.595   1.00 49.81  ? 137 GLY A N     1 
ATOM   1148 C CA    . GLY B 2 138 ? 2.722   -10.580 4.149   1.00 35.87  ? 137 GLY A CA    1 
ATOM   1149 C C     . GLY B 2 138 ? 1.999   -10.564 5.483   1.00 7.60   ? 137 GLY A C     1 
ATOM   1150 O O     . GLY B 2 138 ? 2.296   -9.725  6.333   1.00 7.72   ? 137 GLY A O     1 
ATOM   1151 N N     . TYR B 2 139 ? 1.073   -11.501 5.670   1.00 9.71   ? 138 TYR A N     1 
ATOM   1152 C CA    . TYR B 2 139 ? 0.276   -11.578 6.895   1.00 37.15  ? 138 TYR A CA    1 
ATOM   1153 C C     . TYR B 2 139 ? 1.048   -11.900 8.170   1.00 10.14  ? 138 TYR A C     1 
ATOM   1154 O O     . TYR B 2 139 ? 2.123   -12.496 8.123   1.00 7.65   ? 138 TYR A O     1 
ATOM   1155 C CB    . TYR B 2 139 ? -0.902  -12.537 6.698   1.00 45.22  ? 138 TYR A CB    1 
ATOM   1156 C CG    . TYR B 2 139 ? -2.034  -11.883 5.943   1.00 47.90  ? 138 TYR A CG    1 
ATOM   1157 C CD1   . TYR B 2 139 ? -2.846  -10.937 6.567   1.00 46.55  ? 138 TYR A CD1   1 
ATOM   1158 C CD2   . TYR B 2 139 ? -2.246  -12.142 4.591   1.00 47.32  ? 138 TYR A CD2   1 
ATOM   1159 C CE1   . TYR B 2 139 ? -3.828  -10.256 5.864   1.00 49.08  ? 138 TYR A CE1   1 
ATOM   1160 C CE2   . TYR B 2 139 ? -3.233  -11.462 3.878   1.00 49.22  ? 138 TYR A CE2   1 
ATOM   1161 C CZ    . TYR B 2 139 ? -4.017  -10.518 4.522   1.00 48.46  ? 138 TYR A CZ    1 
ATOM   1162 O OH    . TYR B 2 139 ? -4.964  -9.802  3.826   1.00 38.89  ? 138 TYR A OH    1 
ATOM   1163 N N     . MET B 2 140 ? 0.480   -11.477 9.306   1.00 7.57   ? 139 MET A N     1 
ATOM   1164 C CA    . MET B 2 140 ? 1.081   -11.681 10.627  1.00 25.85  ? 139 MET A CA    1 
ATOM   1165 C C     . MET B 2 140 ? 0.121   -11.380 11.791  1.00 26.90  ? 139 MET A C     1 
ATOM   1166 O O     . MET B 2 140 ? -0.885  -10.686 11.640  1.00 21.62  ? 139 MET A O     1 
ATOM   1167 C CB    . MET B 2 140 ? 2.335   -10.803 10.779  1.00 48.96  ? 139 MET A CB    1 
ATOM   1168 C CG    . MET B 2 140 ? 3.102   -11.002 12.093  1.00 64.84  ? 139 MET A CG    1 
ATOM   1169 S SD    . MET B 2 140 ? 4.462   -9.838  12.391  1.00 76.22  ? 139 MET A SD    1 
ATOM   1170 C CE    . MET B 2 140 ? 5.825   -10.673 11.546  1.00 64.76  ? 139 MET A CE    1 
ATOM   1171 N N     . ASN B 2 141 ? 0.449   -11.941 12.949  1.00 37.09  ? 140 ASN A N     1 
ATOM   1172 C CA    . ASN B 2 141 ? -0.293  -11.748 14.188  1.00 38.75  ? 140 ASN A CA    1 
ATOM   1173 C C     . ASN B 2 141 ? 0.618   -12.171 15.342  1.00 26.78  ? 140 ASN A C     1 
ATOM   1174 O O     . ASN B 2 141 ? 1.736   -12.615 15.091  1.00 7.63   ? 140 ASN A O     1 
ATOM   1175 C CB    . ASN B 2 141 ? -1.628  -12.516 14.183  1.00 41.82  ? 140 ASN A CB    1 
ATOM   1176 C CG    . ASN B 2 141 ? -1.455  -14.020 14.233  1.00 41.14  ? 140 ASN A CG    1 
ATOM   1177 O OD1   . ASN B 2 141 ? -0.387  -14.551 13.930  1.00 45.28  ? 140 ASN A OD1   1 
ATOM   1178 N ND2   . ASN B 2 141 ? -2.517  -14.719 14.615  1.00 33.76  ? 140 ASN A ND2   1 
ATOM   1179 N N     . ARG B 2 142 ? 0.158   -12.053 16.588  1.00 23.24  ? 141 ARG A N     1 
ATOM   1180 C CA    . ARG B 2 142 ? 0.981   -12.417 17.749  1.00 32.46  ? 141 ARG A CA    1 
ATOM   1181 C C     . ARG B 2 142 ? 1.730   -13.730 17.548  1.00 39.36  ? 141 ARG A C     1 
ATOM   1182 O O     . ARG B 2 142 ? 2.755   -13.973 18.185  1.00 48.18  ? 141 ARG A O     1 
ATOM   1183 C CB    . ARG B 2 142 ? 0.142   -12.491 19.030  1.00 33.14  ? 141 ARG A CB    1 
ATOM   1184 C CG    . ARG B 2 142 ? -0.996  -13.501 18.993  1.00 40.41  ? 141 ARG A CG    1 
ATOM   1185 C CD    . ARG B 2 142 ? -1.112  -14.255 20.313  1.00 23.06  ? 141 ARG A CD    1 
ATOM   1186 N NE    . ARG B 2 142 ? -1.222  -13.357 21.455  1.00 28.46  ? 141 ARG A NE    1 
ATOM   1187 C CZ    . ARG B 2 142 ? -1.525  -13.747 22.691  1.00 32.87  ? 141 ARG A CZ    1 
ATOM   1188 N NH1   . ARG B 2 142 ? -1.758  -15.028 22.955  1.00 28.50  ? 141 ARG A NH1   1 
ATOM   1189 N NH2   . ARG B 2 142 ? -1.587  -12.854 23.671  1.00 35.01  ? 141 ARG A NH2   1 
ATOM   1190 N N     . ALA B 2 143 ? 1.211   -14.567 16.654  1.00 31.88  ? 142 ALA A N     1 
ATOM   1191 C CA    . ALA B 2 143 ? 1.832   -15.842 16.346  1.00 32.65  ? 142 ALA A CA    1 
ATOM   1192 C C     . ALA B 2 143 ? 3.147   -15.645 15.595  1.00 38.18  ? 142 ALA A C     1 
ATOM   1193 O O     . ALA B 2 143 ? 4.161   -16.241 15.968  1.00 32.45  ? 142 ALA A O     1 
ATOM   1194 C CB    . ALA B 2 143 ? 0.883   -16.704 15.536  1.00 38.07  ? 142 ALA A CB    1 
ATOM   1195 N N     . GLU B 2 144 ? 3.127   -14.801 14.556  1.00 55.65  ? 143 GLU A N     1 
ATOM   1196 C CA    . GLU B 2 144 ? 4.319   -14.526 13.742  1.00 65.04  ? 143 GLU A CA    1 
ATOM   1197 C C     . GLU B 2 144 ? 5.053   -13.229 14.139  1.00 61.28  ? 143 GLU A C     1 
ATOM   1198 O O     . GLU B 2 144 ? 6.154   -12.958 13.650  1.00 67.96  ? 143 GLU A O     1 
ATOM   1199 C CB    . GLU B 2 144 ? 3.976   -14.507 12.236  1.00 56.93  ? 143 GLU A CB    1 
ATOM   1200 C CG    . GLU B 2 144 ? 5.213   -14.569 11.313  1.00 49.70  ? 143 GLU A CG    1 
ATOM   1201 C CD    . GLU B 2 144 ? 4.895   -14.467 9.821   1.00 47.53  ? 143 GLU A CD    1 
ATOM   1202 O OE1   . GLU B 2 144 ? 4.448   -13.395 9.367   1.00 38.72  ? 143 GLU A OE1   1 
ATOM   1203 O OE2   . GLU B 2 144 ? 5.132   -15.451 9.094   1.00 44.79  ? 143 GLU A OE2   1 
ATOM   1204 N N     . PHE B 2 145 ? 4.452   -12.429 15.019  1.00 43.54  ? 144 PHE A N     1 
ATOM   1205 C CA    . PHE B 2 145 ? 5.077   -11.187 15.480  1.00 42.95  ? 144 PHE A CA    1 
ATOM   1206 C C     . PHE B 2 145 ? 5.907   -11.508 16.713  1.00 49.84  ? 144 PHE A C     1 
ATOM   1207 O O     . PHE B 2 145 ? 5.385   -11.499 17.830  1.00 45.69  ? 144 PHE A O     1 
ATOM   1208 C CB    . PHE B 2 145 ? 4.005   -10.156 15.833  1.00 43.76  ? 144 PHE A CB    1 
ATOM   1209 C CG    . PHE B 2 145 ? 4.553   -8.800  16.174  1.00 45.56  ? 144 PHE A CG    1 
ATOM   1210 C CD1   . PHE B 2 145 ? 5.145   -8.559  17.414  1.00 44.28  ? 144 PHE A CD1   1 
ATOM   1211 C CD2   . PHE B 2 145 ? 4.460   -7.755  15.262  1.00 47.14  ? 144 PHE A CD2   1 
ATOM   1212 C CE1   . PHE B 2 145 ? 5.629   -7.297  17.738  1.00 51.09  ? 144 PHE A CE1   1 
ATOM   1213 C CE2   . PHE B 2 145 ? 4.942   -6.485  15.574  1.00 47.16  ? 144 PHE A CE2   1 
ATOM   1214 C CZ    . PHE B 2 145 ? 5.527   -6.255  16.815  1.00 50.24  ? 144 PHE A CZ    1 
ATOM   1215 N N     . GLU B 2 146 ? 7.195   -11.790 16.507  1.00 58.97  ? 145 GLU A N     1 
ATOM   1216 C CA    . GLU B 2 146 ? 8.084   -12.164 17.611  1.00 57.76  ? 145 GLU A CA    1 
ATOM   1217 C C     . GLU B 2 146 ? 9.569   -12.151 17.256  1.00 54.35  ? 145 GLU A C     1 
ATOM   1218 O O     . GLU B 2 146 ? 9.949   -12.153 16.086  1.00 61.64  ? 145 GLU A O     1 
ATOM   1219 C CB    . GLU B 2 146 ? 7.716   -13.564 18.134  1.00 64.40  ? 145 GLU A CB    1 
ATOM   1220 C CG    . GLU B 2 146 ? 6.923   -14.425 17.146  1.00 69.16  ? 145 GLU A CG    1 
ATOM   1221 C CD    . GLU B 2 146 ? 7.623   -15.702 16.748  1.00 59.93  ? 145 GLU A CD    1 
ATOM   1222 O OE1   . GLU B 2 146 ? 8.374   -15.681 15.749  1.00 59.33  ? 145 GLU A OE1   1 
ATOM   1223 O OE2   . GLU B 2 146 ? 7.398   -16.733 17.417  1.00 73.22  ? 145 GLU A OE2   1 
ATOM   1224 N N     . ALA B 2 147 ? 10.397  -12.168 18.299  1.00 47.21  ? 146 ALA A N     1 
ATOM   1225 C CA    . ALA B 2 147 ? 11.853  -12.176 18.186  1.00 53.44  ? 146 ALA A CA    1 
ATOM   1226 C C     . ALA B 2 147 ? 12.446  -12.448 19.568  1.00 52.88  ? 146 ALA A C     1 
ATOM   1227 O O     . ALA B 2 147 ? 12.813  -13.580 19.878  1.00 60.90  ? 146 ALA A O     1 
ATOM   1228 C CB    . ALA B 2 147 ? 12.354  -10.840 17.638  1.00 45.87  ? 146 ALA A CB    1 
ATOM   1229 N N     . ILE B 2 148 ? 12.521  -11.398 20.384  1.00 49.92  ? 147 ILE A N     1 
ATOM   1230 C CA    . ILE B 2 148 ? 13.025  -11.427 21.766  1.00 39.78  ? 147 ILE A CA    1 
ATOM   1231 C C     . ILE B 2 148 ? 12.470  -10.146 22.388  1.00 22.68  ? 147 ILE A C     1 
ATOM   1232 O O     . ILE B 2 148 ? 13.202  -9.182  22.578  1.00 24.72  ? 147 ILE A O     1 
ATOM   1233 C CB    . ILE B 2 148 ? 14.587  -11.336 21.849  1.00 37.24  ? 147 ILE A CB    1 
ATOM   1234 C CG1   . ILE B 2 148 ? 15.275  -12.457 21.053  1.00 36.58  ? 147 ILE A CG1   1 
ATOM   1235 C CG2   . ILE B 2 148 ? 15.034  -11.359 23.315  1.00 20.18  ? 147 ILE A CG2   1 
ATOM   1236 C CD1   . ILE B 2 148 ? 15.164  -13.851 21.662  1.00 25.62  ? 147 ILE A CD1   1 
ATOM   1237 N N     . LEU B 2 149 ? 11.174  -10.127 22.684  1.00 12.33  ? 148 LEU A N     1 
ATOM   1238 C CA    . LEU B 2 149 ? 10.545  -8.912  23.203  1.00 28.37  ? 148 LEU A CA    1 
ATOM   1239 C C     . LEU B 2 149 ? 10.233  -8.866  24.702  1.00 32.95  ? 148 LEU A C     1 
ATOM   1240 O O     . LEU B 2 149 ? 9.647   -9.790  25.265  1.00 24.29  ? 148 LEU A O     1 
ATOM   1241 C CB    . LEU B 2 149 ? 9.287   -8.583  22.388  1.00 29.69  ? 148 LEU A CB    1 
ATOM   1242 C CG    . LEU B 2 149 ? 9.403   -8.515  20.858  1.00 23.16  ? 148 LEU A CG    1 
ATOM   1243 C CD1   . LEU B 2 149 ? 10.670  -7.790  20.451  1.00 15.74  ? 148 LEU A CD1   1 
ATOM   1244 C CD2   . LEU B 2 149 ? 9.395   -9.907  20.261  1.00 14.73  ? 148 LEU A CD2   1 
ATOM   1245 N N     . PRO B 2 150 ? 10.596  -7.746  25.351  1.00 48.08  ? 149 PRO A N     1 
ATOM   1246 C CA    . PRO B 2 150 ? 10.414  -7.451  26.775  1.00 53.61  ? 149 PRO A CA    1 
ATOM   1247 C C     . PRO B 2 150 ? 8.986   -7.085  27.165  1.00 60.67  ? 149 PRO A C     1 
ATOM   1248 O O     . PRO B 2 150 ? 8.245   -6.471  26.390  1.00 31.26  ? 149 PRO A O     1 
ATOM   1249 C CB    . PRO B 2 150 ? 11.363  -6.276  26.999  1.00 74.67  ? 149 PRO A CB    1 
ATOM   1250 C CG    . PRO B 2 150 ? 11.320  -5.566  25.689  1.00 69.64  ? 149 PRO A CG    1 
ATOM   1251 C CD    . PRO B 2 150 ? 11.424  -6.703  24.714  1.00 56.25  ? 149 PRO A CD    1 
ATOM   1252 N N     . TRP B 2 151 ? 8.652   -7.409  28.412  1.00 74.21  ? 150 TRP A N     1 
ATOM   1253 C CA    . TRP B 2 151 ? 7.334   -7.173  28.986  1.00 66.31  ? 150 TRP A CA    1 
ATOM   1254 C C     . TRP B 2 151 ? 7.470   -6.855  30.487  1.00 45.82  ? 150 TRP A C     1 
ATOM   1255 O O     . TRP B 2 151 ? 7.419   -7.770  31.308  1.00 49.36  ? 150 TRP A O     1 
ATOM   1256 C CB    . TRP B 2 151 ? 6.483   -8.445  28.776  1.00 68.06  ? 150 TRP A CB    1 
ATOM   1257 C CG    . TRP B 2 151 ? 5.067   -8.411  29.288  1.00 74.91  ? 150 TRP A CG    1 
ATOM   1258 C CD1   . TRP B 2 151 ? 4.641   -8.703  30.556  1.00 74.69  ? 150 TRP A CD1   1 
ATOM   1259 C CD2   . TRP B 2 151 ? 3.892   -8.068  28.543  1.00 74.74  ? 150 TRP A CD2   1 
ATOM   1260 N NE1   . TRP B 2 151 ? 3.279   -8.557  30.645  1.00 75.38  ? 150 TRP A NE1   1 
ATOM   1261 C CE2   . TRP B 2 151 ? 2.791   -8.160  29.417  1.00 75.26  ? 150 TRP A CE2   1 
ATOM   1262 C CE3   . TRP B 2 151 ? 3.664   -7.669  27.217  1.00 74.71  ? 150 TRP A CE3   1 
ATOM   1263 C CZ2   . TRP B 2 151 ? 1.480   -7.882  29.019  1.00 77.67  ? 150 TRP A CZ2   1 
ATOM   1264 C CZ3   . TRP B 2 151 ? 2.367   -7.387  26.818  1.00 73.01  ? 150 TRP A CZ3   1 
ATOM   1265 C CH2   . TRP B 2 151 ? 1.292   -7.490  27.715  1.00 77.69  ? 150 TRP A CH2   1 
ATOM   1266 N N     . THR B 2 152 ? 7.553   -5.570  30.851  1.00 42.91  ? 151 THR A N     1 
ATOM   1267 C CA    . THR B 2 152 ? 7.720   -5.212  32.263  1.00 49.80  ? 151 THR A CA    1 
ATOM   1268 C C     . THR B 2 152 ? 7.296   -3.803  32.683  1.00 50.62  ? 151 THR A C     1 
ATOM   1269 O O     . THR B 2 152 ? 8.144   -2.952  32.950  1.00 57.64  ? 151 THR A O     1 
ATOM   1270 C CB    . THR B 2 152 ? 9.189   -5.400  32.711  1.00 62.24  ? 151 THR A CB    1 
ATOM   1271 O OG1   . THR B 2 152 ? 10.062  -5.155  31.601  1.00 79.76  ? 151 THR A OG1   1 
ATOM   1272 C CG2   . THR B 2 152 ? 9.432   -6.807  33.260  1.00 76.07  ? 151 THR A CG2   1 
ATOM   1273 N N     . THR B 2 153 ? 5.991   -3.568  32.786  1.00 55.17  ? 152 THR A N     1 
ATOM   1274 C CA    . THR B 2 153 ? 5.474   -2.274  33.241  1.00 50.51  ? 152 THR A CA    1 
ATOM   1275 C C     . THR B 2 153 ? 4.460   -2.522  34.365  1.00 41.49  ? 152 THR A C     1 
ATOM   1276 O O     . THR B 2 153 ? 4.858   -2.819  35.492  1.00 26.75  ? 152 THR A O     1 
ATOM   1277 C CB    . THR B 2 153 ? 4.835   -1.461  32.096  1.00 51.21  ? 152 THR A CB    1 
ATOM   1278 O OG1   . THR B 2 153 ? 5.779   -1.301  31.036  1.00 93.91  ? 152 THR A OG1   1 
ATOM   1279 C CG2   . THR B 2 153 ? 4.396   -0.085  32.600  1.00 54.75  ? 152 THR A CG2   1 
ATOM   1280 N N     . ALA B 2 154 ? 3.166   -2.386  34.069  1.00 49.64  ? 153 ALA A N     1 
ATOM   1281 C CA    . ALA B 2 154 ? 2.112   -2.648  35.056  1.00 67.72  ? 153 ALA A CA    1 
ATOM   1282 C C     . ALA B 2 154 ? 1.636   -4.093  34.850  1.00 87.72  ? 153 ALA A C     1 
ATOM   1283 O O     . ALA B 2 154 ? 1.071   -4.421  33.805  1.00 96.50  ? 153 ALA A O     1 
ATOM   1284 C CB    . ALA B 2 154 ? 0.955   -1.670  34.881  1.00 54.16  ? 153 ALA A CB    1 
ATOM   1285 N N     . PRO B 2 155 ? 1.833   -4.965  35.856  1.00 96.26  ? 154 PRO A N     1 
ATOM   1286 C CA    . PRO B 2 155 ? 1.468   -6.390  35.855  1.00 88.00  ? 154 PRO A CA    1 
ATOM   1287 C C     . PRO B 2 155 ? 0.054   -6.819  35.450  1.00 73.84  ? 154 PRO A C     1 
ATOM   1288 O O     . PRO B 2 155 ? -0.948  -6.252  35.903  1.00 56.93  ? 154 PRO A O     1 
ATOM   1289 C CB    . PRO B 2 155 ? 1.822   -6.838  37.273  1.00 92.88  ? 154 PRO A CB    1 
ATOM   1290 C CG    . PRO B 2 155 ? 1.600   -5.589  38.078  1.00 104.11 ? 154 PRO A CG    1 
ATOM   1291 C CD    . PRO B 2 155 ? 2.260   -4.551  37.206  1.00 101.42 ? 154 PRO A CD    1 
ATOM   1292 N N     . ALA B 2 156 ? 0.012   -7.856  34.610  1.00 64.33  ? 155 ALA A N     1 
ATOM   1293 C CA    . ALA B 2 156 ? -1.223  -8.447  34.088  1.00 53.01  ? 155 ALA A CA    1 
ATOM   1294 C C     . ALA B 2 156 ? -0.917  -9.719  33.281  1.00 44.80  ? 155 ALA A C     1 
ATOM   1295 O O     . ALA B 2 156 ? -0.879  -9.684  32.049  1.00 38.69  ? 155 ALA A O     1 
ATOM   1296 C CB    . ALA B 2 156 ? -1.969  -7.430  33.212  1.00 49.76  ? 155 ALA A CB    1 
ATOM   1297 N N     . THR B 2 157 ? -0.690  -10.834 33.974  1.00 42.45  ? 156 THR A N     1 
ATOM   1298 C CA    . THR B 2 157 ? -0.384  -12.110 33.311  1.00 50.03  ? 156 THR A CA    1 
ATOM   1299 C C     . THR B 2 157 ? -1.042  -13.285 34.050  1.00 59.44  ? 156 THR A C     1 
ATOM   1300 O O     . THR B 2 157 ? -1.122  -14.389 33.465  1.00 66.16  ? 156 THR A O     1 
ATOM   1301 C CB    . THR B 2 157 ? 1.159   -12.368 33.228  1.00 39.25  ? 156 THR A CB    1 
ATOM   1302 O OG1   . THR B 2 157 ? 1.855   -11.116 33.150  1.00 25.52  ? 156 THR A OG1   1 
ATOM   1303 C CG2   . THR B 2 157 ? 1.513   -13.211 31.981  1.00 7.57   ? 156 THR A CG2   1 
ATOM   1304 O OXT   . THR B 2 157 ? -1.474  -13.090 35.209  1.00 64.83  ? 156 THR A OXT   1 
# 
